data_7RWM
#
_entry.id   7RWM
#
_cell.length_a   180.772
_cell.length_b   180.772
_cell.length_c   93.457
_cell.angle_alpha   90.000
_cell.angle_beta   90.000
_cell.angle_gamma   90.000
#
_symmetry.space_group_name_H-M   'P 43'
#
loop_
_entity.id
_entity.type
_entity.pdbx_description
1 polymer 'SAVED domain-containing protein'
2 non-polymer 'ZINC ION'
#
_entity_poly.entity_id   1
_entity_poly.type   'polypeptide(L)'
_entity_poly.pdbx_seq_one_letter_code
;MEMENKRSTQKVSRSIPERVKSALWSITAGRCEICCKKLYISDVTGSLVNISQMAHIKAFSPKGPRYSDEENNPHQLDNL
LLLCAEHHKMIDTDPDDFPVDWLIKQKKEFEEKVDAVIDTQRIKSSILSFNSIITKNDEIKNEEAEFPKVLLFNDNYFDG
NIYRINNALSGIEHDPMYYDLMCQSMKQQIEKIKIPLNSSETISVFAIAPQPLLLYLGYLLNDETNIKIYQRFRTGNLKW
NWESSEITNNFYVEQLYTDGNEIDTEVNLILSLSAEISLDRIPTFSNQEYKVPTLILRSDRQGFDAIKSNEDVNEYISVF
RNLVVEKIRNDFPNLKCINIFPATPVSVPVRMGMNYQKNIDVEWKIFNQQTNVGFIYSLSLKGEV
;
_entity_poly.pdbx_strand_id   A,B,C,D
#
# COMPACT_ATOMS: atom_id res chain seq x y z
N ILE A 16 41.35 -20.04 4.83
CA ILE A 16 41.78 -21.33 4.28
C ILE A 16 40.73 -22.44 4.53
N PRO A 17 40.49 -22.84 5.78
CA PRO A 17 39.50 -23.90 6.04
C PRO A 17 38.06 -23.41 6.03
N GLU A 18 37.20 -24.11 5.29
CA GLU A 18 35.75 -23.82 5.35
C GLU A 18 35.22 -23.94 6.78
N ARG A 19 36.06 -24.39 7.72
CA ARG A 19 35.66 -24.43 9.12
C ARG A 19 35.41 -23.01 9.63
N VAL A 20 36.39 -22.12 9.44
CA VAL A 20 36.27 -20.72 9.84
C VAL A 20 35.49 -19.90 8.81
N LYS A 21 35.55 -20.30 7.52
CA LYS A 21 34.83 -19.59 6.48
C LYS A 21 33.35 -19.45 6.80
N SER A 22 32.70 -20.52 7.26
CA SER A 22 31.28 -20.44 7.55
C SER A 22 30.99 -19.37 8.61
N ALA A 23 31.79 -19.37 9.69
CA ALA A 23 31.62 -18.35 10.72
C ALA A 23 31.80 -16.94 10.15
N LEU A 24 32.81 -16.75 9.29
CA LEU A 24 33.04 -15.42 8.73
C LEU A 24 31.90 -15.01 7.80
N TRP A 25 31.40 -15.94 6.98
CA TRP A 25 30.21 -15.65 6.17
C TRP A 25 29.03 -15.26 7.04
N SER A 26 28.98 -15.78 8.27
CA SER A 26 27.87 -15.45 9.16
C SER A 26 28.03 -14.06 9.77
N ILE A 27 29.21 -13.73 10.28
CA ILE A 27 29.42 -12.41 10.91
C ILE A 27 29.16 -11.27 9.93
N THR A 28 29.29 -11.50 8.64
CA THR A 28 29.22 -10.44 7.65
C THR A 28 27.89 -10.36 6.92
N ALA A 29 26.96 -11.28 7.20
CA ALA A 29 25.68 -11.36 6.52
C ALA A 29 25.87 -11.62 5.02
N GLY A 30 26.98 -12.25 4.66
CA GLY A 30 27.24 -12.66 3.29
C GLY A 30 27.59 -11.53 2.34
N ARG A 31 28.35 -10.55 2.80
CA ARG A 31 28.51 -9.31 2.05
C ARG A 31 29.95 -8.83 2.08
N CYS A 32 30.35 -8.15 1.00
CA CYS A 32 31.63 -7.44 0.98
C CYS A 32 31.62 -6.37 2.06
N GLU A 33 32.62 -6.42 2.93
CA GLU A 33 32.63 -5.54 4.10
C GLU A 33 32.92 -4.09 3.77
N ILE A 34 33.07 -3.74 2.49
CA ILE A 34 33.14 -2.35 2.04
C ILE A 34 31.87 -1.92 1.32
N CYS A 35 31.53 -2.57 0.20
CA CYS A 35 30.41 -2.15 -0.61
C CYS A 35 29.11 -2.88 -0.30
N CYS A 36 29.14 -3.89 0.57
CA CYS A 36 27.94 -4.61 1.01
C CYS A 36 27.21 -5.28 -0.15
N LYS A 37 27.95 -5.72 -1.17
CA LYS A 37 27.36 -6.57 -2.20
C LYS A 37 27.05 -7.94 -1.62
N LYS A 38 25.85 -8.46 -1.88
CA LYS A 38 25.50 -9.80 -1.43
C LYS A 38 26.28 -10.81 -2.26
N LEU A 39 27.23 -11.50 -1.61
CA LEU A 39 28.10 -12.45 -2.29
C LEU A 39 27.49 -13.83 -2.42
N TYR A 40 26.22 -14.01 -2.01
CA TYR A 40 25.49 -15.25 -2.27
C TYR A 40 24.51 -15.10 -3.42
N ILE A 41 24.67 -14.06 -4.23
CA ILE A 41 23.79 -13.75 -5.36
C ILE A 41 24.64 -13.29 -6.53
N SER A 42 24.32 -13.80 -7.72
CA SER A 42 25.05 -13.41 -8.92
C SER A 42 24.70 -11.99 -9.32
N ASP A 43 25.66 -11.32 -9.97
CA ASP A 43 25.48 -9.93 -10.34
C ASP A 43 24.41 -9.72 -11.41
N VAL A 44 23.88 -10.80 -12.00
CA VAL A 44 22.91 -10.67 -13.09
C VAL A 44 21.72 -11.60 -12.91
N THR A 45 21.82 -12.59 -12.03
CA THR A 45 20.77 -13.61 -11.93
C THR A 45 20.48 -14.05 -10.50
N GLY A 46 20.21 -15.33 -10.30
CA GLY A 46 19.80 -15.85 -9.01
C GLY A 46 20.89 -16.11 -7.98
N SER A 47 21.09 -17.39 -7.65
CA SER A 47 22.00 -17.80 -6.58
C SER A 47 23.29 -18.36 -7.17
N LEU A 48 24.11 -18.99 -6.32
CA LEU A 48 25.40 -19.55 -6.72
C LEU A 48 25.67 -20.81 -5.92
N VAL A 49 26.90 -21.31 -6.04
CA VAL A 49 27.55 -22.06 -4.97
C VAL A 49 28.07 -21.08 -3.90
N ASN A 50 27.83 -19.80 -4.10
CA ASN A 50 27.83 -18.69 -3.13
C ASN A 50 29.25 -18.43 -2.64
N ILE A 51 29.40 -18.10 -1.36
CA ILE A 51 30.58 -17.42 -0.83
C ILE A 51 31.83 -18.29 -0.97
N SER A 52 31.65 -19.61 -1.15
CA SER A 52 32.79 -20.47 -1.42
C SER A 52 33.46 -20.11 -2.75
N GLN A 53 32.70 -19.57 -3.70
CA GLN A 53 33.22 -19.23 -5.02
C GLN A 53 33.26 -17.74 -5.29
N MET A 54 32.11 -17.05 -5.17
CA MET A 54 32.05 -15.65 -5.56
C MET A 54 32.89 -14.76 -4.66
N ALA A 55 32.97 -15.07 -3.38
CA ALA A 55 33.64 -14.22 -2.42
C ALA A 55 35.15 -14.42 -2.45
N HIS A 56 35.87 -13.37 -2.05
CA HIS A 56 37.31 -13.42 -1.87
C HIS A 56 37.63 -12.95 -0.47
N ILE A 57 38.16 -13.84 0.36
CA ILE A 57 38.64 -13.45 1.68
C ILE A 57 40.06 -12.92 1.52
N LYS A 58 40.31 -11.75 2.11
CA LYS A 58 41.66 -11.23 2.21
C LYS A 58 42.20 -11.57 3.59
N ALA A 59 43.32 -12.28 3.62
CA ALA A 59 44.09 -12.57 4.81
C ALA A 59 45.24 -11.56 4.89
N PHE A 60 45.49 -11.07 6.10
CA PHE A 60 46.55 -10.06 6.27
C PHE A 60 47.93 -10.69 6.10
N SER A 61 48.23 -11.72 6.90
CA SER A 61 49.45 -12.49 6.74
C SER A 61 49.34 -13.78 7.56
N PRO A 62 49.97 -14.88 7.10
CA PRO A 62 49.96 -16.14 7.86
C PRO A 62 51.01 -16.17 8.96
N GLU A 71 39.75 -24.39 14.65
CA GLU A 71 38.43 -23.98 15.13
C GLU A 71 38.55 -23.25 16.46
N ASN A 72 39.54 -22.37 16.54
CA ASN A 72 39.85 -21.59 17.74
C ASN A 72 39.80 -20.15 17.27
N ASN A 73 38.65 -19.50 17.47
CA ASN A 73 38.34 -18.20 16.86
C ASN A 73 38.71 -16.89 17.55
N PRO A 74 39.45 -16.84 18.68
CA PRO A 74 39.69 -15.53 19.30
C PRO A 74 40.48 -14.62 18.39
N HIS A 75 39.75 -13.82 17.60
CA HIS A 75 40.27 -12.91 16.59
C HIS A 75 40.85 -13.61 15.38
N GLN A 76 40.71 -14.94 15.27
CA GLN A 76 40.88 -15.56 13.96
C GLN A 76 39.84 -15.01 12.99
N LEU A 77 38.65 -14.72 13.52
CA LEU A 77 37.61 -14.01 12.76
C LEU A 77 38.00 -12.56 12.51
N ASP A 78 38.86 -12.01 13.38
CA ASP A 78 39.29 -10.61 13.32
C ASP A 78 40.68 -10.49 12.72
N ASN A 79 40.80 -11.07 11.53
CA ASN A 79 42.04 -11.13 10.75
C ASN A 79 41.62 -11.02 9.28
N LEU A 80 40.79 -11.94 8.82
CA LEU A 80 40.36 -12.03 7.44
C LEU A 80 39.25 -11.00 7.18
N LEU A 81 38.91 -10.80 5.91
CA LEU A 81 37.67 -10.07 5.61
C LEU A 81 37.15 -10.43 4.22
N LEU A 82 35.82 -10.54 4.12
CA LEU A 82 35.16 -10.79 2.84
C LEU A 82 35.31 -9.61 1.89
N LEU A 83 35.30 -9.94 0.59
CA LEU A 83 35.42 -8.97 -0.48
C LEU A 83 34.70 -9.51 -1.71
N CYS A 84 34.18 -8.61 -2.53
CA CYS A 84 33.75 -8.96 -3.87
C CYS A 84 34.97 -9.04 -4.78
N ALA A 85 34.73 -9.27 -6.07
CA ALA A 85 35.84 -9.32 -7.02
C ALA A 85 36.51 -7.96 -7.17
N GLU A 86 35.71 -6.94 -7.49
CA GLU A 86 36.23 -5.60 -7.75
C GLU A 86 37.11 -5.11 -6.62
N HIS A 87 36.57 -5.07 -5.39
CA HIS A 87 37.32 -4.52 -4.27
C HIS A 87 38.42 -5.44 -3.77
N HIS A 88 38.34 -6.75 -4.00
CA HIS A 88 39.50 -7.59 -3.70
C HIS A 88 40.67 -7.24 -4.59
N LYS A 89 40.44 -7.21 -5.91
CA LYS A 89 41.49 -6.78 -6.83
C LYS A 89 41.95 -5.36 -6.53
N MET A 90 41.04 -4.49 -6.09
CA MET A 90 41.36 -3.09 -5.83
C MET A 90 42.21 -2.87 -4.59
N ILE A 91 41.87 -3.52 -3.46
CA ILE A 91 42.47 -3.12 -2.18
C ILE A 91 43.82 -3.72 -1.87
N ASP A 92 44.25 -4.77 -2.59
CA ASP A 92 45.61 -5.25 -2.40
C ASP A 92 46.57 -4.74 -3.46
N THR A 93 46.07 -4.32 -4.63
CA THR A 93 46.91 -3.66 -5.62
C THR A 93 46.99 -2.17 -5.37
N ASP A 94 46.69 -1.73 -4.15
CA ASP A 94 46.81 -0.36 -3.70
C ASP A 94 47.02 -0.28 -2.18
N PRO A 95 48.08 -0.92 -1.63
CA PRO A 95 48.31 -0.81 -0.18
C PRO A 95 48.60 0.61 0.26
N ASP A 96 48.71 1.54 -0.69
CA ASP A 96 48.99 2.94 -0.36
C ASP A 96 47.78 3.58 0.31
N ASP A 97 46.65 3.65 -0.41
CA ASP A 97 45.43 4.24 0.13
C ASP A 97 44.71 3.30 1.08
N PHE A 98 44.94 2.00 0.96
CA PHE A 98 44.21 1.01 1.75
C PHE A 98 45.14 0.25 2.70
N PRO A 99 45.63 0.87 3.77
CA PRO A 99 46.43 0.12 4.74
C PRO A 99 45.52 -0.78 5.57
N VAL A 100 46.15 -1.73 6.26
CA VAL A 100 45.38 -2.64 7.10
C VAL A 100 44.68 -1.91 8.24
N ASP A 101 45.18 -0.73 8.60
CA ASP A 101 44.54 0.07 9.65
C ASP A 101 43.15 0.51 9.22
N TRP A 102 43.05 1.11 8.04
CA TRP A 102 41.76 1.52 7.50
C TRP A 102 40.85 0.33 7.27
N LEU A 103 41.43 -0.80 6.84
CA LEU A 103 40.62 -2.00 6.60
C LEU A 103 40.02 -2.53 7.89
N ILE A 104 40.82 -2.60 8.96
CA ILE A 104 40.29 -2.98 10.28
C ILE A 104 39.21 -2.01 10.73
N LYS A 105 39.40 -0.71 10.48
CA LYS A 105 38.37 0.24 10.86
C LYS A 105 37.05 -0.09 10.16
N GLN A 106 37.11 -0.33 8.86
CA GLN A 106 35.89 -0.65 8.10
C GLN A 106 35.29 -1.97 8.58
N LYS A 107 36.14 -2.97 8.79
CA LYS A 107 35.68 -4.28 9.25
C LYS A 107 34.93 -4.17 10.57
N LYS A 108 35.56 -3.58 11.59
CA LYS A 108 34.91 -3.46 12.88
C LYS A 108 33.63 -2.65 12.77
N GLU A 109 33.67 -1.53 12.06
CA GLU A 109 32.45 -0.72 11.92
C GLU A 109 31.30 -1.55 11.35
N PHE A 110 31.55 -2.27 10.24
CA PHE A 110 30.46 -2.99 9.60
C PHE A 110 30.01 -4.18 10.44
N GLU A 111 30.95 -4.96 10.98
CA GLU A 111 30.57 -6.15 11.75
C GLU A 111 29.79 -5.76 13.00
N GLU A 112 30.26 -4.75 13.72
CA GLU A 112 29.56 -4.32 14.92
C GLU A 112 28.23 -3.66 14.57
N LYS A 113 28.14 -3.03 13.41
CA LYS A 113 26.87 -2.51 12.91
C LYS A 113 25.91 -3.64 12.57
N VAL A 114 26.42 -4.83 12.25
CA VAL A 114 25.56 -5.97 11.95
C VAL A 114 24.99 -6.59 13.22
N ASP A 115 25.85 -7.02 14.13
CA ASP A 115 25.36 -7.71 15.33
C ASP A 115 24.71 -6.79 16.34
N ALA A 116 24.64 -5.49 16.07
CA ALA A 116 23.85 -4.59 16.90
C ALA A 116 22.34 -4.75 16.69
N VAL A 117 21.87 -5.81 16.02
CA VAL A 117 20.44 -5.99 15.83
C VAL A 117 19.77 -6.70 17.01
N ILE A 118 20.53 -7.48 17.80
CA ILE A 118 19.98 -7.95 19.08
C ILE A 118 19.50 -6.77 19.91
N ASP A 119 20.25 -5.67 19.89
CA ASP A 119 19.89 -4.49 20.66
C ASP A 119 18.47 -4.02 20.35
N THR A 120 17.89 -4.48 19.23
CA THR A 120 16.50 -4.23 18.88
C THR A 120 15.71 -5.53 18.73
N GLN A 121 16.32 -6.68 19.07
CA GLN A 121 15.65 -7.98 19.07
C GLN A 121 14.99 -8.30 20.39
N ARG A 122 15.03 -9.58 20.72
CA ARG A 122 14.57 -10.09 22.00
C ARG A 122 15.56 -9.65 23.07
N ILE A 123 15.12 -9.69 24.32
CA ILE A 123 15.96 -9.32 25.44
C ILE A 123 16.00 -10.51 26.39
N LYS A 124 17.18 -10.75 26.97
CA LYS A 124 17.31 -11.81 27.95
C LYS A 124 16.37 -11.57 29.13
N SER A 125 15.85 -12.65 29.69
CA SER A 125 14.99 -12.52 30.86
C SER A 125 15.08 -13.78 31.72
N SER A 126 15.34 -13.59 33.00
CA SER A 126 15.25 -14.67 33.97
C SER A 126 13.80 -14.86 34.40
N ILE A 127 13.57 -15.95 35.14
CA ILE A 127 12.23 -16.38 35.49
C ILE A 127 12.16 -16.60 36.99
N LEU A 128 11.18 -15.98 37.64
CA LEU A 128 10.91 -16.22 39.05
C LEU A 128 9.50 -16.80 39.16
N SER A 129 9.40 -18.00 39.72
CA SER A 129 8.15 -18.73 39.83
C SER A 129 7.77 -18.90 41.30
N PHE A 130 6.47 -18.74 41.59
CA PHE A 130 5.99 -18.88 42.96
C PHE A 130 4.56 -19.39 42.88
N ASN A 131 4.33 -20.62 43.33
CA ASN A 131 3.00 -21.25 43.21
C ASN A 131 2.68 -21.98 44.51
N SER A 132 1.92 -21.32 45.37
CA SER A 132 1.46 -21.91 46.63
C SER A 132 0.08 -22.54 46.50
N ILE A 133 -0.56 -22.46 45.33
CA ILE A 133 -1.92 -22.95 45.16
C ILE A 133 -1.92 -24.32 44.49
N ILE A 134 -1.17 -24.48 43.41
CA ILE A 134 -1.05 -25.78 42.76
C ILE A 134 -0.08 -26.62 43.59
N THR A 135 -0.53 -27.81 43.99
CA THR A 135 0.22 -28.64 44.93
C THR A 135 0.88 -29.85 44.29
N LYS A 136 0.25 -30.49 43.31
CA LYS A 136 0.87 -31.64 42.65
C LYS A 136 2.18 -31.21 41.99
N ASN A 137 3.24 -31.98 42.24
CA ASN A 137 4.55 -31.58 41.75
C ASN A 137 4.68 -31.77 40.24
N ASP A 138 4.12 -32.85 39.70
CA ASP A 138 4.18 -33.06 38.26
C ASP A 138 3.25 -32.12 37.50
N GLU A 139 2.42 -31.34 38.20
CA GLU A 139 1.63 -30.31 37.56
C GLU A 139 2.32 -28.95 37.63
N ILE A 140 3.02 -28.66 38.73
CA ILE A 140 3.80 -27.43 38.81
C ILE A 140 4.83 -27.39 37.68
N LYS A 141 5.56 -28.48 37.49
CA LYS A 141 6.53 -28.56 36.40
C LYS A 141 5.84 -28.52 35.04
N ASN A 142 4.74 -29.27 34.90
CA ASN A 142 3.95 -29.26 33.68
C ASN A 142 3.59 -27.84 33.27
N GLU A 143 3.27 -26.99 34.25
CA GLU A 143 2.86 -25.63 33.95
C GLU A 143 4.05 -24.69 33.77
N GLU A 144 5.13 -24.87 34.53
CA GLU A 144 6.28 -24.01 34.32
C GLU A 144 6.97 -24.30 33.00
N ALA A 145 6.64 -25.42 32.35
CA ALA A 145 7.12 -25.65 31.00
C ALA A 145 6.58 -24.65 29.98
N GLU A 146 5.62 -23.81 30.35
CA GLU A 146 5.02 -22.85 29.42
C GLU A 146 5.59 -21.44 29.57
N PHE A 147 6.48 -21.21 30.53
CA PHE A 147 6.97 -19.85 30.76
C PHE A 147 7.84 -19.33 29.62
N PRO A 148 8.86 -20.06 29.14
CA PRO A 148 9.69 -19.50 28.05
C PRO A 148 8.88 -19.13 26.81
N LYS A 149 7.77 -19.82 26.57
CA LYS A 149 6.90 -19.46 25.46
C LYS A 149 6.26 -18.09 25.68
N VAL A 150 5.80 -17.82 26.90
CA VAL A 150 5.28 -16.50 27.24
C VAL A 150 6.39 -15.45 27.07
N LEU A 151 7.61 -15.80 27.47
CA LEU A 151 8.74 -14.88 27.29
C LEU A 151 8.93 -14.54 25.82
N LEU A 152 8.86 -15.55 24.95
CA LEU A 152 8.94 -15.31 23.52
C LEU A 152 7.82 -14.40 23.04
N PHE A 153 6.60 -14.63 23.53
CA PHE A 153 5.47 -13.81 23.10
C PHE A 153 5.48 -12.41 23.71
N ASN A 154 6.36 -12.11 24.66
CA ASN A 154 6.42 -10.78 25.27
C ASN A 154 7.79 -10.13 25.13
N ASP A 155 8.47 -10.37 24.00
CA ASP A 155 9.74 -9.70 23.67
C ASP A 155 10.84 -10.03 24.68
N ASN A 156 10.96 -11.31 25.02
CA ASN A 156 12.05 -11.77 25.86
C ASN A 156 12.45 -13.17 25.43
N TYR A 157 13.55 -13.66 26.01
CA TYR A 157 13.87 -15.07 25.88
C TYR A 157 14.61 -15.53 27.14
N PHE A 158 14.32 -16.77 27.54
CA PHE A 158 14.80 -17.31 28.80
C PHE A 158 16.32 -17.47 28.78
N ASP A 159 16.98 -16.89 29.77
CA ASP A 159 18.44 -16.91 29.86
C ASP A 159 18.96 -18.09 30.68
N GLY A 160 18.14 -19.11 30.92
CA GLY A 160 18.55 -20.30 31.62
C GLY A 160 18.37 -20.28 33.12
N ASN A 161 18.25 -19.11 33.73
CA ASN A 161 18.12 -18.98 35.18
C ASN A 161 16.64 -18.96 35.55
N ILE A 162 16.18 -20.00 36.23
CA ILE A 162 14.83 -20.05 36.77
C ILE A 162 14.94 -20.09 38.28
N TYR A 163 14.22 -19.19 38.94
CA TYR A 163 14.22 -19.07 40.39
C TYR A 163 12.85 -19.45 40.91
N ARG A 164 12.82 -20.38 41.87
CA ARG A 164 11.57 -20.84 42.45
C ARG A 164 11.55 -20.49 43.92
N ILE A 165 10.47 -19.87 44.38
CA ILE A 165 10.28 -19.61 45.79
C ILE A 165 9.62 -20.85 46.37
N ASN A 166 10.23 -21.42 47.39
CA ASN A 166 9.81 -22.72 47.88
C ASN A 166 8.56 -22.59 48.75
N ASN A 167 7.54 -23.38 48.42
CA ASN A 167 6.39 -23.56 49.29
C ASN A 167 6.66 -24.68 50.31
N ALA A 168 7.75 -24.48 51.05
CA ALA A 168 8.24 -25.49 51.99
C ALA A 168 7.35 -25.64 53.22
N LEU A 169 6.33 -24.78 53.37
CA LEU A 169 5.51 -24.75 54.57
C LEU A 169 4.07 -25.19 54.31
N SER A 170 3.83 -25.84 53.18
CA SER A 170 2.52 -26.42 52.84
C SER A 170 1.85 -27.18 53.98
N GLY A 171 2.62 -27.57 55.00
CA GLY A 171 2.05 -28.31 56.12
C GLY A 171 1.46 -27.48 57.24
N ILE A 172 1.91 -26.25 57.43
CA ILE A 172 1.37 -25.35 58.44
C ILE A 172 0.42 -24.32 57.84
N GLU A 173 -0.16 -24.63 56.67
CA GLU A 173 -0.85 -23.64 55.85
C GLU A 173 -2.01 -22.95 56.58
N HIS A 174 -2.54 -23.54 57.65
CA HIS A 174 -3.65 -22.96 58.40
C HIS A 174 -3.29 -22.62 59.84
N ASP A 175 -2.00 -22.56 60.16
CA ASP A 175 -1.64 -22.20 61.51
C ASP A 175 -1.67 -20.67 61.66
N PRO A 176 -2.24 -20.14 62.75
CA PRO A 176 -2.39 -18.69 62.90
C PRO A 176 -1.16 -17.87 62.56
N MET A 177 0.02 -18.47 62.70
CA MET A 177 1.29 -17.80 62.46
C MET A 177 1.85 -18.02 61.06
N TYR A 178 1.13 -18.77 60.21
CA TYR A 178 1.64 -19.15 58.89
C TYR A 178 2.27 -17.96 58.17
N TYR A 179 1.51 -16.87 58.02
CA TYR A 179 2.00 -15.72 57.29
C TYR A 179 3.35 -15.26 57.85
N ASP A 180 3.42 -15.07 59.17
CA ASP A 180 4.65 -14.63 59.81
C ASP A 180 5.84 -15.46 59.35
N LEU A 181 5.67 -16.78 59.26
CA LEU A 181 6.79 -17.61 58.85
C LEU A 181 7.01 -17.52 57.35
N MET A 182 5.94 -17.61 56.56
CA MET A 182 6.09 -17.70 55.12
C MET A 182 6.81 -16.48 54.55
N CYS A 183 6.36 -15.29 54.96
CA CYS A 183 7.05 -14.06 54.59
C CYS A 183 8.55 -14.18 54.81
N GLN A 184 8.95 -14.56 56.04
CA GLN A 184 10.37 -14.61 56.35
C GLN A 184 11.07 -15.60 55.43
N SER A 185 10.48 -16.78 55.23
CA SER A 185 11.04 -17.73 54.27
C SER A 185 11.30 -17.04 52.94
N MET A 186 10.24 -16.44 52.39
CA MET A 186 10.37 -15.73 51.12
C MET A 186 11.51 -14.73 51.19
N LYS A 187 11.52 -13.90 52.22
CA LYS A 187 12.57 -12.90 52.36
C LYS A 187 13.94 -13.55 52.25
N GLN A 188 14.17 -14.59 53.04
CA GLN A 188 15.47 -15.26 53.02
C GLN A 188 15.81 -15.70 51.60
N GLN A 189 14.87 -16.37 50.94
CA GLN A 189 15.12 -16.84 49.58
C GLN A 189 15.48 -15.67 48.67
N ILE A 190 14.72 -14.56 48.78
CA ILE A 190 15.02 -13.39 47.97
C ILE A 190 16.46 -12.94 48.21
N GLU A 191 16.85 -12.83 49.48
CA GLU A 191 18.22 -12.42 49.76
C GLU A 191 19.20 -13.46 49.26
N LYS A 192 18.81 -14.74 49.32
CA LYS A 192 19.69 -15.80 48.85
C LYS A 192 19.90 -15.75 47.35
N ILE A 193 19.11 -14.95 46.63
CA ILE A 193 19.37 -14.72 45.22
C ILE A 193 19.33 -13.23 44.93
N LYS A 194 19.49 -12.41 45.96
CA LYS A 194 19.41 -10.96 45.76
C LYS A 194 20.47 -10.48 44.77
N ILE A 195 21.67 -11.03 44.85
CA ILE A 195 22.78 -10.59 44.00
C ILE A 195 22.49 -10.96 42.55
N PRO A 196 22.08 -12.20 42.22
CA PRO A 196 21.65 -12.47 40.84
C PRO A 196 20.36 -11.79 40.42
N LEU A 197 19.61 -11.20 41.36
CA LEU A 197 18.38 -10.52 40.99
C LEU A 197 18.66 -9.10 40.50
N ASN A 198 19.56 -8.39 41.16
CA ASN A 198 19.91 -7.04 40.74
C ASN A 198 20.64 -7.03 39.40
N SER A 199 21.32 -8.12 39.06
CA SER A 199 22.12 -8.22 37.84
C SER A 199 21.37 -8.81 36.66
N SER A 200 20.09 -9.15 36.79
CA SER A 200 19.35 -9.75 35.69
C SER A 200 18.99 -8.73 34.63
N GLU A 201 19.11 -9.14 33.36
CA GLU A 201 18.63 -8.33 32.25
C GLU A 201 17.17 -7.94 32.46
N THR A 202 16.31 -8.94 32.55
CA THR A 202 14.90 -8.77 32.84
C THR A 202 14.45 -9.93 33.71
N ILE A 203 13.49 -9.68 34.60
CA ILE A 203 12.93 -10.71 35.46
C ILE A 203 11.44 -10.80 35.18
N SER A 204 11.00 -11.94 34.68
CA SER A 204 9.59 -12.23 34.49
C SER A 204 9.08 -13.07 35.66
N VAL A 205 8.01 -12.60 36.29
CA VAL A 205 7.49 -13.21 37.51
C VAL A 205 6.17 -13.89 37.20
N PHE A 206 6.07 -15.16 37.59
CA PHE A 206 4.83 -15.93 37.51
C PHE A 206 4.51 -16.37 38.94
N ALA A 207 3.70 -15.55 39.61
CA ALA A 207 3.34 -15.76 41.01
C ALA A 207 1.85 -15.96 41.14
N ILE A 208 1.47 -16.87 42.03
CA ILE A 208 0.08 -17.19 42.33
C ILE A 208 0.01 -17.80 43.72
N ALA A 209 -0.72 -17.14 44.61
CA ALA A 209 -0.69 -17.39 46.04
C ALA A 209 -1.74 -16.50 46.68
N PRO A 210 -2.02 -16.61 47.98
CA PRO A 210 -2.92 -15.64 48.61
C PRO A 210 -2.41 -14.22 48.41
N GLN A 211 -3.35 -13.31 48.19
CA GLN A 211 -2.99 -11.92 47.89
C GLN A 211 -2.05 -11.28 48.90
N PRO A 212 -2.13 -11.54 50.21
CA PRO A 212 -1.10 -10.98 51.11
C PRO A 212 0.31 -11.43 50.77
N LEU A 213 0.48 -12.71 50.43
CA LEU A 213 1.80 -13.21 50.06
C LEU A 213 2.26 -12.63 48.73
N LEU A 214 1.32 -12.41 47.80
CA LEU A 214 1.68 -11.78 46.53
C LEU A 214 2.13 -10.33 46.76
N LEU A 215 1.41 -9.60 47.61
CA LEU A 215 1.82 -8.26 48.00
C LEU A 215 3.21 -8.27 48.60
N TYR A 216 3.47 -9.22 49.50
CA TYR A 216 4.79 -9.27 50.13
C TYR A 216 5.87 -9.63 49.12
N LEU A 217 5.56 -10.46 48.12
CA LEU A 217 6.52 -10.75 47.06
C LEU A 217 6.85 -9.49 46.28
N GLY A 218 5.83 -8.73 45.88
CA GLY A 218 6.07 -7.46 45.24
C GLY A 218 6.89 -6.52 46.09
N TYR A 219 6.70 -6.57 47.41
CA TYR A 219 7.50 -5.75 48.32
C TYR A 219 8.95 -6.21 48.32
N LEU A 220 9.17 -7.52 48.34
CA LEU A 220 10.52 -8.06 48.34
C LEU A 220 11.25 -7.70 47.06
N LEU A 221 10.53 -7.68 45.94
CA LEU A 221 11.14 -7.31 44.67
C LEU A 221 11.55 -5.84 44.68
N ASN A 222 10.57 -4.95 44.56
CA ASN A 222 10.80 -3.51 44.68
C ASN A 222 11.76 -3.05 43.60
N ASP A 223 11.25 -2.89 42.38
CA ASP A 223 12.04 -2.56 41.19
C ASP A 223 11.14 -2.75 39.96
N ASN A 226 14.06 -3.72 35.60
CA ASN A 226 13.19 -4.35 34.61
C ASN A 226 12.53 -5.60 35.18
N ILE A 227 11.27 -5.45 35.62
CA ILE A 227 10.50 -6.57 36.14
C ILE A 227 9.15 -6.58 35.45
N LYS A 228 8.78 -7.73 34.89
CA LYS A 228 7.48 -7.93 34.26
C LYS A 228 6.65 -8.90 35.10
N ILE A 229 5.52 -8.42 35.59
CA ILE A 229 4.62 -9.21 36.43
C ILE A 229 3.49 -9.73 35.55
N TYR A 230 3.33 -11.05 35.51
CA TYR A 230 2.39 -11.70 34.61
C TYR A 230 1.17 -12.20 35.36
N GLN A 231 0.06 -12.33 34.63
CA GLN A 231 -1.23 -12.73 35.18
C GLN A 231 -1.61 -14.09 34.65
N ARG A 232 -2.17 -14.93 35.52
CA ARG A 232 -2.65 -16.25 35.15
C ARG A 232 -4.15 -16.20 34.87
N PHE A 233 -4.55 -16.75 33.73
CA PHE A 233 -5.95 -16.90 33.38
C PHE A 233 -6.30 -18.38 33.34
N ARG A 234 -7.60 -18.68 33.36
CA ARG A 234 -8.05 -20.06 33.23
C ARG A 234 -7.98 -20.57 31.80
N THR A 235 -8.33 -19.74 30.83
CA THR A 235 -8.57 -20.22 29.48
C THR A 235 -7.39 -19.89 28.57
N GLY A 236 -7.23 -20.71 27.54
CA GLY A 236 -6.21 -20.52 26.52
C GLY A 236 -5.13 -21.58 26.63
N ASN A 237 -4.33 -21.65 25.56
CA ASN A 237 -3.18 -22.55 25.56
C ASN A 237 -2.14 -22.11 26.58
N LEU A 238 -1.93 -20.81 26.71
CA LEU A 238 -0.96 -20.24 27.65
C LEU A 238 -1.75 -19.53 28.75
N LYS A 239 -1.89 -20.19 29.90
CA LYS A 239 -2.61 -19.60 31.02
C LYS A 239 -2.00 -18.28 31.46
N TRP A 240 -0.67 -18.16 31.34
CA TRP A 240 0.06 -17.02 31.89
C TRP A 240 0.29 -15.90 30.91
N ASN A 241 -0.04 -16.08 29.63
CA ASN A 241 0.16 -15.02 28.65
C ASN A 241 -0.98 -14.00 28.73
N TRP A 242 -0.66 -12.75 28.41
CA TRP A 242 -1.67 -11.71 28.43
C TRP A 242 -2.76 -12.01 27.39
N GLU A 243 -3.94 -11.47 27.64
CA GLU A 243 -5.07 -11.63 26.74
C GLU A 243 -5.34 -10.37 25.93
N SER A 244 -4.70 -9.25 26.25
CA SER A 244 -4.79 -8.03 25.48
C SER A 244 -3.47 -7.30 25.57
N SER A 245 -3.22 -6.42 24.59
CA SER A 245 -2.05 -5.56 24.57
C SER A 245 -2.43 -4.09 24.73
N GLU A 246 -3.66 -3.82 25.18
CA GLU A 246 -4.18 -2.47 25.27
C GLU A 246 -5.20 -2.40 26.39
N ILE A 247 -5.49 -1.17 26.83
CA ILE A 247 -6.33 -0.94 28.01
C ILE A 247 -7.75 -1.42 27.74
N THR A 248 -8.31 -2.18 28.68
CA THR A 248 -9.65 -2.76 28.54
C THR A 248 -10.52 -2.53 29.77
N ASN A 249 -10.20 -1.55 30.62
CA ASN A 249 -11.02 -1.33 31.82
C ASN A 249 -10.77 0.06 32.36
N ASN A 250 -11.78 0.57 33.08
CA ASN A 250 -11.70 1.81 33.83
C ASN A 250 -11.72 1.53 35.32
N PHE A 251 -10.83 2.19 36.06
CA PHE A 251 -10.75 2.06 37.51
C PHE A 251 -11.12 3.38 38.15
N TYR A 252 -11.99 3.34 39.15
CA TYR A 252 -12.46 4.56 39.80
C TYR A 252 -12.56 4.35 41.31
N VAL A 253 -12.80 5.46 42.02
CA VAL A 253 -12.79 5.51 43.47
C VAL A 253 -14.10 6.10 43.96
N GLU A 254 -14.62 5.56 45.06
CA GLU A 254 -15.80 6.09 45.74
C GLU A 254 -15.51 6.20 47.22
N GLN A 255 -15.56 7.42 47.75
CA GLN A 255 -15.28 7.65 49.16
C GLN A 255 -16.58 7.64 49.95
N LEU A 256 -16.54 7.01 51.13
CA LEU A 256 -17.70 6.81 51.99
C LEU A 256 -17.58 7.64 53.26
N TYR A 257 -17.13 8.88 53.11
CA TYR A 257 -16.97 9.79 54.23
C TYR A 257 -17.00 11.21 53.67
N THR A 258 -17.62 12.13 54.42
CA THR A 258 -17.94 13.44 53.85
C THR A 258 -16.68 14.25 53.55
N ASP A 259 -15.78 14.36 54.51
CA ASP A 259 -14.48 14.97 54.27
C ASP A 259 -13.51 14.55 55.36
N GLY A 260 -12.22 14.84 55.13
CA GLY A 260 -11.17 14.35 56.00
C GLY A 260 -10.98 15.15 57.27
N ASN A 261 -10.23 14.57 58.19
CA ASN A 261 -9.93 15.20 59.47
C ASN A 261 -8.51 14.80 59.87
N GLU A 262 -8.16 15.09 61.13
CA GLU A 262 -6.83 14.82 61.68
C GLU A 262 -6.91 13.99 62.96
N ILE A 263 -8.07 13.43 63.27
CA ILE A 263 -8.24 12.62 64.47
C ILE A 263 -8.11 11.16 64.06
N ASP A 264 -8.50 10.85 62.83
CA ASP A 264 -8.46 9.48 62.34
C ASP A 264 -7.04 9.06 62.04
N THR A 265 -6.71 7.83 62.43
CA THR A 265 -5.39 7.26 62.19
C THR A 265 -5.41 6.06 61.26
N GLU A 266 -6.60 5.54 60.93
CA GLU A 266 -6.71 4.34 60.12
C GLU A 266 -7.81 4.54 59.09
N VAL A 267 -7.62 3.93 57.91
CA VAL A 267 -8.57 4.02 56.80
C VAL A 267 -8.72 2.63 56.18
N ASN A 268 -9.96 2.25 55.85
CA ASN A 268 -10.23 1.01 55.17
C ASN A 268 -10.21 1.24 53.66
N LEU A 269 -9.39 0.47 52.95
CA LEU A 269 -9.31 0.52 51.49
C LEU A 269 -9.78 -0.83 50.95
N ILE A 270 -10.79 -0.80 50.10
CA ILE A 270 -11.44 -2.02 49.60
C ILE A 270 -11.25 -2.09 48.10
N LEU A 271 -10.52 -3.10 47.64
CA LEU A 271 -10.24 -3.32 46.23
C LEU A 271 -11.21 -4.38 45.71
N SER A 272 -12.17 -3.96 44.90
CA SER A 272 -13.23 -4.83 44.39
C SER A 272 -13.06 -4.99 42.88
N LEU A 273 -12.09 -5.79 42.47
CA LEU A 273 -11.90 -6.13 41.06
C LEU A 273 -12.49 -7.49 40.71
N SER A 274 -12.08 -8.55 41.42
CA SER A 274 -12.58 -9.89 41.10
C SER A 274 -14.05 -10.02 41.47
N ALA A 275 -14.47 -9.46 42.59
CA ALA A 275 -15.87 -9.41 42.97
C ALA A 275 -16.10 -8.10 43.71
N GLU A 276 -17.37 -7.81 43.99
CA GLU A 276 -17.73 -6.62 44.76
C GLU A 276 -17.83 -7.00 46.23
N ILE A 277 -16.81 -6.63 47.00
CA ILE A 277 -16.79 -6.91 48.43
C ILE A 277 -17.90 -6.12 49.11
N SER A 278 -18.84 -6.83 49.73
CA SER A 278 -19.90 -6.17 50.48
C SER A 278 -19.38 -5.77 51.86
N LEU A 279 -19.78 -4.58 52.30
CA LEU A 279 -19.16 -3.95 53.47
C LEU A 279 -19.46 -4.66 54.79
N ASP A 280 -20.54 -5.45 54.86
CA ASP A 280 -20.81 -6.16 56.10
C ASP A 280 -19.77 -7.24 56.41
N ARG A 281 -18.77 -7.41 55.53
CA ARG A 281 -17.63 -8.28 55.80
C ARG A 281 -16.45 -7.54 56.42
N ILE A 282 -16.52 -6.22 56.53
CA ILE A 282 -15.40 -5.40 56.98
C ILE A 282 -15.54 -5.17 58.48
N PRO A 283 -14.53 -5.52 59.30
CA PRO A 283 -14.51 -5.38 60.75
C PRO A 283 -15.02 -4.03 61.25
N LYS A 291 -17.37 4.54 63.27
CA LYS A 291 -16.73 3.63 62.32
C LYS A 291 -15.79 4.36 61.35
N VAL A 292 -14.88 3.57 60.79
CA VAL A 292 -13.67 4.02 60.09
C VAL A 292 -14.00 4.55 58.70
N PRO A 293 -13.40 5.67 58.27
CA PRO A 293 -13.64 6.15 56.91
C PRO A 293 -13.09 5.18 55.89
N THR A 294 -13.81 5.04 54.79
CA THR A 294 -13.52 4.00 53.80
C THR A 294 -13.51 4.57 52.39
N LEU A 295 -12.60 4.08 51.57
CA LEU A 295 -12.63 4.29 50.13
C LEU A 295 -12.78 2.93 49.46
N ILE A 296 -13.45 2.93 48.31
CA ILE A 296 -13.60 1.72 47.50
C ILE A 296 -12.99 2.00 46.14
N LEU A 297 -12.11 1.11 45.70
CA LEU A 297 -11.48 1.18 44.39
C LEU A 297 -12.07 0.07 43.54
N ARG A 298 -12.86 0.44 42.53
CA ARG A 298 -13.55 -0.52 41.68
C ARG A 298 -13.01 -0.45 40.25
N SER A 299 -13.30 -1.50 39.50
CA SER A 299 -13.17 -1.53 38.05
C SER A 299 -14.56 -1.66 37.45
N ASP A 300 -14.77 -1.02 36.29
CA ASP A 300 -16.04 -1.14 35.59
C ASP A 300 -16.43 -2.60 35.38
N ARG A 301 -15.58 -3.35 34.67
CA ARG A 301 -15.79 -4.78 34.47
C ARG A 301 -15.16 -5.53 35.63
N GLN A 302 -16.00 -6.09 36.51
CA GLN A 302 -15.53 -6.94 37.59
C GLN A 302 -15.60 -8.41 37.16
N GLY A 303 -14.79 -9.23 37.81
CA GLY A 303 -14.82 -10.66 37.58
C GLY A 303 -13.43 -11.21 37.37
N PHE A 304 -13.36 -12.37 36.73
CA PHE A 304 -12.09 -13.06 36.56
C PHE A 304 -11.16 -12.36 35.57
N ASP A 305 -11.70 -11.48 34.72
CA ASP A 305 -10.92 -10.82 33.68
C ASP A 305 -10.94 -9.30 33.84
N ALA A 306 -10.99 -8.82 35.08
CA ALA A 306 -10.86 -7.38 35.30
C ALA A 306 -9.52 -6.88 34.80
N ILE A 307 -8.48 -7.71 34.90
CA ILE A 307 -7.16 -7.41 34.36
C ILE A 307 -6.93 -8.33 33.17
N LYS A 308 -6.67 -7.73 32.01
CA LYS A 308 -6.42 -8.48 30.78
C LYS A 308 -5.11 -8.12 30.10
N SER A 309 -4.49 -7.00 30.45
CA SER A 309 -3.27 -6.54 29.82
C SER A 309 -2.36 -5.90 30.85
N ASN A 310 -1.06 -5.87 30.55
CA ASN A 310 -0.12 -5.11 31.36
C ASN A 310 -0.54 -3.65 31.47
N GLU A 311 -1.20 -3.13 30.44
CA GLU A 311 -1.68 -1.75 30.47
C GLU A 311 -2.77 -1.57 31.52
N ASP A 312 -3.65 -2.58 31.68
CA ASP A 312 -4.62 -2.55 32.77
C ASP A 312 -3.93 -2.44 34.13
N VAL A 313 -2.84 -3.20 34.32
CA VAL A 313 -2.13 -3.16 35.59
C VAL A 313 -1.48 -1.80 35.80
N ASN A 314 -0.90 -1.23 34.74
CA ASN A 314 -0.31 0.10 34.82
C ASN A 314 -1.36 1.14 35.22
N GLU A 315 -2.53 1.08 34.58
CA GLU A 315 -3.59 2.03 34.89
C GLU A 315 -4.10 1.83 36.32
N TYR A 316 -4.22 0.58 36.75
CA TYR A 316 -4.60 0.32 38.13
C TYR A 316 -3.62 0.94 39.11
N ILE A 317 -2.31 0.73 38.88
CA ILE A 317 -1.31 1.26 39.80
C ILE A 317 -1.32 2.78 39.77
N SER A 318 -1.62 3.38 38.62
CA SER A 318 -1.73 4.83 38.55
C SER A 318 -2.89 5.33 39.40
N VAL A 319 -4.09 4.76 39.20
CA VAL A 319 -5.25 5.15 40.01
C VAL A 319 -5.01 4.86 41.48
N PHE A 320 -4.25 3.81 41.79
CA PHE A 320 -4.00 3.40 43.16
C PHE A 320 -3.07 4.37 43.87
N ARG A 321 -1.91 4.64 43.28
CA ARG A 321 -0.92 5.49 43.93
C ARG A 321 -1.41 6.94 43.98
N ASN A 322 -1.91 7.45 42.86
CA ASN A 322 -2.32 8.85 42.80
C ASN A 322 -3.70 9.06 43.40
N LEU A 323 -4.73 8.48 42.79
CA LEU A 323 -6.12 8.77 43.17
C LEU A 323 -6.54 8.14 44.48
N VAL A 324 -5.70 7.35 45.15
CA VAL A 324 -6.10 6.72 46.40
C VAL A 324 -5.13 7.05 47.53
N VAL A 325 -3.91 6.53 47.44
CA VAL A 325 -2.98 6.61 48.57
C VAL A 325 -2.64 8.07 48.87
N GLU A 326 -2.30 8.84 47.83
CA GLU A 326 -2.00 10.25 48.03
C GLU A 326 -3.23 11.02 48.49
N LYS A 327 -4.40 10.65 47.97
CA LYS A 327 -5.64 11.25 48.45
C LYS A 327 -5.82 11.04 49.95
N ILE A 328 -5.54 9.82 50.43
CA ILE A 328 -5.63 9.55 51.86
C ILE A 328 -4.59 10.34 52.64
N ARG A 329 -3.36 10.40 52.12
CA ARG A 329 -2.30 11.13 52.80
C ARG A 329 -2.64 12.61 52.92
N ASN A 330 -3.37 13.16 51.94
CA ASN A 330 -3.84 14.53 52.04
C ASN A 330 -4.98 14.66 53.04
N ASP A 331 -6.04 13.87 52.85
CA ASP A 331 -7.22 13.96 53.71
C ASP A 331 -6.93 13.63 55.16
N PHE A 332 -5.82 12.94 55.45
CA PHE A 332 -5.50 12.50 56.80
C PHE A 332 -4.02 12.72 57.07
N PRO A 333 -3.65 13.95 57.47
CA PRO A 333 -2.23 14.19 57.80
C PRO A 333 -1.77 13.44 59.04
N ASN A 334 -2.68 13.03 59.92
CA ASN A 334 -2.36 12.15 61.04
C ASN A 334 -2.68 10.68 60.71
N LEU A 335 -2.53 10.30 59.45
CA LEU A 335 -2.73 8.91 59.06
C LEU A 335 -1.62 8.03 59.62
N LYS A 336 -2.00 6.85 60.10
CA LYS A 336 -1.05 5.90 60.66
C LYS A 336 -1.19 4.48 60.13
N CYS A 337 -2.19 4.20 59.28
CA CYS A 337 -2.45 2.82 58.89
C CYS A 337 -3.49 2.78 57.79
N ILE A 338 -3.27 1.91 56.80
CA ILE A 338 -4.23 1.61 55.76
C ILE A 338 -4.63 0.15 55.90
N ASN A 339 -5.94 -0.11 55.93
CA ASN A 339 -6.48 -1.46 56.04
C ASN A 339 -6.96 -1.90 54.66
N ILE A 340 -6.25 -2.86 54.06
CA ILE A 340 -6.49 -3.28 52.69
C ILE A 340 -7.33 -4.56 52.70
N PHE A 341 -8.45 -4.53 52.00
CA PHE A 341 -9.34 -5.69 51.86
C PHE A 341 -9.45 -6.02 50.37
N PRO A 342 -8.71 -7.02 49.87
CA PRO A 342 -8.58 -7.18 48.42
C PRO A 342 -9.45 -8.26 47.80
N ALA A 343 -9.86 -8.03 46.54
CA ALA A 343 -10.46 -9.05 45.69
C ALA A 343 -9.91 -8.80 44.27
N THR A 344 -8.65 -9.18 44.07
CA THR A 344 -7.91 -8.79 42.87
C THR A 344 -7.21 -10.01 42.26
N PRO A 345 -7.02 -10.00 40.94
CA PRO A 345 -6.23 -11.06 40.31
C PRO A 345 -4.79 -11.02 40.76
N VAL A 346 -4.03 -12.06 40.37
CA VAL A 346 -2.76 -12.34 41.03
C VAL A 346 -1.73 -11.23 40.78
N SER A 347 -1.76 -10.62 39.59
CA SER A 347 -0.72 -9.64 39.25
C SER A 347 -0.84 -8.37 40.10
N VAL A 348 -2.04 -8.04 40.56
CA VAL A 348 -2.34 -6.76 41.18
C VAL A 348 -1.68 -6.64 42.57
N PRO A 349 -1.78 -7.63 43.47
CA PRO A 349 -1.06 -7.48 44.75
C PRO A 349 0.45 -7.43 44.59
N VAL A 350 1.00 -8.23 43.67
CA VAL A 350 2.44 -8.18 43.43
C VAL A 350 2.85 -6.79 42.96
N ARG A 351 2.08 -6.20 42.05
CA ARG A 351 2.45 -4.87 41.55
C ARG A 351 2.23 -3.79 42.61
N MET A 352 1.24 -3.97 43.49
CA MET A 352 1.05 -3.02 44.58
C MET A 352 2.22 -3.10 45.56
N GLY A 353 2.72 -4.30 45.83
CA GLY A 353 3.88 -4.43 46.70
C GLY A 353 5.13 -3.89 46.04
N MET A 354 5.20 -3.97 44.71
CA MET A 354 6.30 -3.34 43.99
C MET A 354 6.22 -1.82 44.09
N ASN A 355 5.01 -1.26 44.13
CA ASN A 355 4.84 0.19 44.14
C ASN A 355 5.04 0.81 45.51
N TYR A 356 5.13 0.00 46.57
CA TYR A 356 5.34 0.52 47.92
C TYR A 356 6.62 1.33 48.01
N GLN A 357 6.52 2.49 48.65
CA GLN A 357 7.64 3.42 48.83
C GLN A 357 8.02 3.42 50.30
N LYS A 358 9.10 2.71 50.63
CA LYS A 358 9.47 2.45 52.01
C LYS A 358 9.84 3.74 52.76
N ASN A 359 9.31 3.88 53.97
CA ASN A 359 9.54 5.02 54.86
C ASN A 359 9.01 6.33 54.31
N ILE A 360 8.27 6.29 53.20
CA ILE A 360 7.43 7.41 52.77
C ILE A 360 5.96 7.09 52.94
N ASP A 361 5.55 5.87 52.61
CA ASP A 361 4.20 5.41 52.88
C ASP A 361 4.07 5.00 54.35
N VAL A 362 2.82 4.79 54.78
CA VAL A 362 2.55 4.35 56.14
C VAL A 362 2.61 2.83 56.18
N GLU A 363 2.13 2.25 57.28
CA GLU A 363 2.01 0.80 57.37
C GLU A 363 0.81 0.38 56.53
N TRP A 364 1.01 -0.66 55.72
CA TRP A 364 -0.08 -1.24 54.92
C TRP A 364 -0.43 -2.60 55.51
N LYS A 365 -1.56 -2.69 56.19
CA LYS A 365 -2.05 -3.96 56.70
C LYS A 365 -2.91 -4.62 55.64
N ILE A 366 -2.48 -5.80 55.19
CA ILE A 366 -3.21 -6.58 54.20
C ILE A 366 -3.93 -7.72 54.91
N PHE A 367 -5.23 -7.85 54.61
CA PHE A 367 -6.15 -8.84 55.15
C PHE A 367 -6.44 -9.89 54.08
N ASN A 368 -6.89 -11.07 54.54
CA ASN A 368 -7.30 -12.13 53.64
C ASN A 368 -8.57 -12.78 54.16
N GLN A 369 -9.57 -12.90 53.28
CA GLN A 369 -10.81 -13.60 53.61
C GLN A 369 -10.52 -15.07 53.93
N GLN A 370 -10.58 -15.42 55.21
CA GLN A 370 -10.54 -16.80 55.67
C GLN A 370 -11.96 -17.33 55.82
N THR A 371 -12.07 -18.66 55.93
CA THR A 371 -13.35 -19.31 55.79
C THR A 371 -14.33 -18.86 56.88
N ASN A 372 -15.48 -18.34 56.44
CA ASN A 372 -16.62 -17.92 57.26
C ASN A 372 -16.41 -16.64 58.04
N VAL A 373 -15.18 -16.44 58.55
CA VAL A 373 -14.99 -15.44 59.60
C VAL A 373 -14.94 -14.03 59.06
N GLY A 374 -14.88 -13.87 57.75
CA GLY A 374 -14.69 -12.57 57.16
C GLY A 374 -13.21 -12.26 56.98
N PHE A 375 -12.93 -10.99 56.76
CA PHE A 375 -11.57 -10.56 56.51
C PHE A 375 -10.75 -10.59 57.81
N ILE A 376 -9.72 -11.42 57.82
CA ILE A 376 -8.83 -11.59 58.96
C ILE A 376 -7.47 -11.04 58.60
N TYR A 377 -6.85 -10.33 59.54
CA TYR A 377 -5.53 -9.76 59.33
C TYR A 377 -4.56 -10.82 58.83
N SER A 378 -3.67 -10.43 57.92
CA SER A 378 -2.68 -11.33 57.36
C SER A 378 -1.27 -10.81 57.61
N LEU A 379 -0.88 -9.68 57.01
CA LEU A 379 0.49 -9.21 57.22
C LEU A 379 0.54 -7.70 57.02
N SER A 380 1.75 -7.15 57.03
CA SER A 380 1.92 -5.70 57.01
C SER A 380 3.17 -5.31 56.25
N LEU A 381 3.14 -4.12 55.66
CA LEU A 381 4.26 -3.50 54.99
C LEU A 381 4.66 -2.27 55.79
N LYS A 382 5.94 -2.20 56.17
CA LYS A 382 6.44 -1.10 56.99
C LYS A 382 7.73 -0.48 56.46
N GLY A 383 8.57 -0.02 57.36
CA GLY A 383 9.85 0.59 57.02
C GLY A 383 11.03 -0.25 57.44
N ILE B 16 17.98 -30.09 1.91
CA ILE B 16 19.38 -30.24 2.29
C ILE B 16 20.40 -29.99 1.17
N PRO B 17 20.37 -28.80 0.54
CA PRO B 17 21.40 -28.48 -0.47
C PRO B 17 22.37 -27.42 0.05
N GLU B 18 23.65 -27.78 0.13
CA GLU B 18 24.66 -26.99 0.84
C GLU B 18 24.77 -25.54 0.36
N ARG B 19 24.35 -25.27 -0.88
CA ARG B 19 24.36 -23.89 -1.39
C ARG B 19 23.29 -23.04 -0.71
N VAL B 20 22.06 -23.56 -0.62
CA VAL B 20 20.99 -22.79 -0.01
C VAL B 20 21.22 -22.69 1.49
N LYS B 21 21.84 -23.71 2.08
CA LYS B 21 22.24 -23.59 3.48
C LYS B 21 23.18 -22.40 3.65
N SER B 22 24.21 -22.28 2.81
CA SER B 22 25.13 -21.16 2.96
C SER B 22 24.40 -19.83 2.83
N ALA B 23 23.52 -19.71 1.82
CA ALA B 23 22.77 -18.47 1.64
C ALA B 23 21.92 -18.14 2.87
N LEU B 24 21.23 -19.14 3.43
CA LEU B 24 20.38 -18.90 4.59
C LEU B 24 21.19 -18.53 5.82
N TRP B 25 22.33 -19.21 6.04
CA TRP B 25 23.23 -18.80 7.12
C TRP B 25 23.65 -17.35 6.96
N SER B 26 23.74 -16.87 5.72
CA SER B 26 24.14 -15.49 5.51
C SER B 26 23.02 -14.51 5.82
N ILE B 27 21.80 -14.78 5.33
CA ILE B 27 20.70 -13.84 5.57
C ILE B 27 20.40 -13.65 7.06
N THR B 28 20.75 -14.63 7.89
CA THR B 28 20.37 -14.62 9.30
C THR B 28 21.49 -14.18 10.23
N ALA B 29 22.69 -13.92 9.69
CA ALA B 29 23.87 -13.59 10.51
C ALA B 29 24.25 -14.72 11.45
N GLY B 30 23.87 -15.95 11.08
CA GLY B 30 24.25 -17.13 11.84
C GLY B 30 23.52 -17.32 13.15
N ARG B 31 22.23 -17.00 13.20
CA ARG B 31 21.52 -16.91 14.47
C ARG B 31 20.14 -17.54 14.37
N CYS B 32 19.67 -18.07 15.50
CA CYS B 32 18.29 -18.51 15.62
C CYS B 32 17.36 -17.32 15.41
N GLU B 33 16.44 -17.46 14.47
CA GLU B 33 15.63 -16.31 14.08
C GLU B 33 14.58 -15.94 15.13
N ILE B 34 14.56 -16.62 16.28
CA ILE B 34 13.74 -16.23 17.43
C ILE B 34 14.61 -15.64 18.56
N CYS B 35 15.52 -16.45 19.12
CA CYS B 35 16.30 -16.01 20.28
C CYS B 35 17.65 -15.41 19.91
N CYS B 36 18.05 -15.46 18.64
CA CYS B 36 19.28 -14.84 18.16
C CYS B 36 20.52 -15.39 18.85
N LYS B 37 20.50 -16.67 19.21
CA LYS B 37 21.71 -17.34 19.64
C LYS B 37 22.65 -17.51 18.45
N LYS B 38 23.93 -17.20 18.66
CA LYS B 38 24.91 -17.40 17.60
C LYS B 38 25.15 -18.89 17.42
N LEU B 39 24.71 -19.44 16.29
CA LEU B 39 24.80 -20.87 16.04
C LEU B 39 26.15 -21.29 15.46
N TYR B 40 27.10 -20.36 15.36
CA TYR B 40 28.47 -20.70 15.01
C TYR B 40 29.38 -20.70 16.23
N ILE B 41 28.80 -20.76 17.43
CA ILE B 41 29.53 -20.71 18.70
C ILE B 41 28.89 -21.72 19.65
N SER B 42 29.73 -22.48 20.34
CA SER B 42 29.24 -23.45 21.31
C SER B 42 28.71 -22.75 22.55
N ASP B 43 27.74 -23.38 23.20
CA ASP B 43 27.09 -22.77 24.36
C ASP B 43 28.02 -22.65 25.57
N VAL B 44 29.22 -23.22 25.52
CA VAL B 44 30.12 -23.20 26.66
C VAL B 44 31.55 -22.84 26.28
N THR B 45 31.88 -22.89 24.99
CA THR B 45 33.27 -22.71 24.58
C THR B 45 33.42 -21.91 23.29
N GLY B 46 34.38 -22.29 22.45
CA GLY B 46 34.71 -21.52 21.25
C GLY B 46 33.82 -21.71 20.03
N SER B 47 34.37 -22.30 18.97
CA SER B 47 33.71 -22.43 17.69
C SER B 47 33.22 -23.87 17.48
N LEU B 48 32.80 -24.19 16.26
CA LEU B 48 32.28 -25.51 15.91
C LEU B 48 32.68 -25.84 14.49
N VAL B 49 32.10 -26.94 13.97
CA VAL B 49 31.83 -27.08 12.55
C VAL B 49 30.59 -26.26 12.17
N ASN B 50 30.00 -25.58 13.15
CA ASN B 50 29.09 -24.43 13.05
C ASN B 50 27.74 -24.88 12.48
N ILE B 51 27.12 -24.03 11.66
CA ILE B 51 25.70 -24.10 11.38
C ILE B 51 25.34 -25.40 10.65
N SER B 52 26.33 -26.08 10.06
CA SER B 52 26.08 -27.38 9.48
C SER B 52 25.67 -28.40 10.53
N GLN B 53 26.13 -28.22 11.78
CA GLN B 53 25.85 -29.16 12.86
C GLN B 53 24.94 -28.57 13.94
N MET B 54 25.34 -27.44 14.54
CA MET B 54 24.61 -26.91 15.68
C MET B 54 23.22 -26.44 15.31
N ALA B 55 23.06 -25.89 14.11
CA ALA B 55 21.80 -25.29 13.71
C ALA B 55 20.81 -26.33 13.25
N HIS B 56 19.52 -26.01 13.39
CA HIS B 56 18.43 -26.83 12.87
C HIS B 56 17.57 -25.93 12.00
N ILE B 57 17.56 -26.22 10.70
CA ILE B 57 16.64 -25.53 9.80
C ILE B 57 15.29 -26.22 9.89
N LYS B 58 14.23 -25.45 10.06
CA LYS B 58 12.88 -25.98 9.98
C LYS B 58 12.36 -25.70 8.58
N ALA B 59 11.95 -26.76 7.89
CA ALA B 59 11.28 -26.63 6.62
C ALA B 59 9.79 -26.62 6.93
N PHE B 60 9.07 -25.71 6.27
CA PHE B 60 7.65 -25.58 6.56
C PHE B 60 6.88 -26.78 6.05
N SER B 61 6.97 -27.05 4.76
CA SER B 61 6.23 -28.12 4.12
C SER B 61 6.72 -28.27 2.69
N PRO B 62 7.18 -29.46 2.29
CA PRO B 62 7.51 -29.68 0.88
C PRO B 62 6.27 -29.74 -0.01
N GLU B 71 18.80 -24.83 -7.71
CA GLU B 71 19.61 -23.69 -7.32
C GLU B 71 18.82 -22.39 -7.37
N ASN B 72 17.51 -22.50 -7.55
CA ASN B 72 16.73 -21.27 -7.56
C ASN B 72 16.64 -20.77 -6.12
N ASN B 73 16.20 -19.55 -5.97
CA ASN B 73 16.12 -18.96 -4.65
C ASN B 73 14.82 -18.18 -4.41
N PRO B 74 13.94 -17.91 -5.45
CA PRO B 74 12.82 -17.00 -5.17
C PRO B 74 11.93 -17.54 -4.08
N HIS B 75 12.15 -17.01 -2.87
CA HIS B 75 11.49 -17.44 -1.64
C HIS B 75 11.78 -18.89 -1.27
N GLN B 76 12.73 -19.56 -1.94
CA GLN B 76 13.30 -20.75 -1.31
C GLN B 76 14.01 -20.35 -0.03
N LEU B 77 14.60 -19.15 -0.01
CA LEU B 77 15.13 -18.57 1.22
C LEU B 77 14.00 -18.20 2.17
N ASP B 78 12.81 -17.94 1.62
CA ASP B 78 11.63 -17.53 2.38
C ASP B 78 10.66 -18.68 2.57
N ASN B 79 11.21 -19.76 3.11
CA ASN B 79 10.53 -21.02 3.34
C ASN B 79 11.11 -21.58 4.64
N LEU B 80 12.41 -21.80 4.66
CA LEU B 80 13.13 -22.38 5.78
C LEU B 80 13.37 -21.30 6.85
N LEU B 81 13.82 -21.72 8.03
CA LEU B 81 14.35 -20.76 9.00
C LEU B 81 15.28 -21.45 9.98
N LEU B 82 16.37 -20.77 10.33
CA LEU B 82 17.31 -21.28 11.33
C LEU B 82 16.69 -21.35 12.72
N LEU B 83 17.21 -22.28 13.52
CA LEU B 83 16.76 -22.50 14.89
C LEU B 83 17.92 -23.08 15.69
N CYS B 84 17.93 -22.76 16.99
CA CYS B 84 18.80 -23.48 17.91
C CYS B 84 18.14 -24.81 18.27
N ALA B 85 18.75 -25.57 19.18
CA ALA B 85 18.16 -26.85 19.59
C ALA B 85 16.86 -26.65 20.36
N GLU B 86 16.92 -25.87 21.45
CA GLU B 86 15.77 -25.65 22.32
C GLU B 86 14.55 -25.23 21.51
N HIS B 87 14.68 -24.12 20.79
CA HIS B 87 13.53 -23.62 20.06
C HIS B 87 13.22 -24.47 18.84
N HIS B 88 14.18 -25.23 18.31
CA HIS B 88 13.82 -26.12 17.21
C HIS B 88 12.79 -27.13 17.68
N LYS B 89 13.05 -27.80 18.80
CA LYS B 89 12.01 -28.67 19.34
C LYS B 89 10.76 -27.87 19.64
N MET B 90 10.88 -26.89 20.54
CA MET B 90 9.78 -26.08 21.03
C MET B 90 8.76 -25.72 19.96
N ILE B 91 9.25 -25.36 18.77
CA ILE B 91 8.37 -24.80 17.76
C ILE B 91 7.74 -25.83 16.81
N ASP B 92 8.27 -27.06 16.73
CA ASP B 92 7.57 -28.10 15.96
C ASP B 92 6.79 -29.08 16.81
N THR B 93 6.87 -28.98 18.14
CA THR B 93 6.11 -29.84 19.03
C THR B 93 4.98 -29.07 19.69
N ASP B 94 4.64 -27.91 19.14
CA ASP B 94 3.55 -27.07 19.58
C ASP B 94 3.06 -26.25 18.38
N PRO B 95 2.64 -26.90 17.26
CA PRO B 95 2.13 -26.12 16.11
C PRO B 95 0.87 -25.36 16.48
N ASP B 96 0.41 -25.57 17.70
CA ASP B 96 -0.76 -24.87 18.20
C ASP B 96 -0.43 -23.39 18.41
N ASP B 97 0.55 -23.13 19.28
CA ASP B 97 0.95 -21.77 19.64
C ASP B 97 1.82 -21.10 18.58
N PHE B 98 2.53 -21.88 17.79
CA PHE B 98 3.48 -21.37 16.80
C PHE B 98 3.00 -21.70 15.39
N PRO B 99 1.97 -21.03 14.88
CA PRO B 99 1.55 -21.31 13.51
C PRO B 99 2.57 -20.75 12.53
N VAL B 100 2.49 -21.23 11.29
CA VAL B 100 3.38 -20.70 10.26
C VAL B 100 3.09 -19.23 10.05
N ASP B 101 1.89 -18.78 10.43
CA ASP B 101 1.52 -17.38 10.29
C ASP B 101 2.39 -16.50 11.18
N TRP B 102 2.46 -16.85 12.46
CA TRP B 102 3.33 -16.14 13.39
C TRP B 102 4.81 -16.34 13.03
N LEU B 103 5.14 -17.52 12.51
CA LEU B 103 6.52 -17.87 12.20
C LEU B 103 7.10 -16.99 11.10
N ILE B 104 6.35 -16.83 10.00
CA ILE B 104 6.75 -15.92 8.93
C ILE B 104 6.90 -14.51 9.43
N LYS B 105 5.98 -14.08 10.30
CA LYS B 105 6.10 -12.73 10.85
C LYS B 105 7.44 -12.55 11.55
N GLN B 106 7.81 -13.54 12.38
CA GLN B 106 9.07 -13.44 13.11
C GLN B 106 10.26 -13.44 12.14
N LYS B 107 10.21 -14.31 11.14
CA LYS B 107 11.26 -14.39 10.13
C LYS B 107 11.49 -13.06 9.45
N LYS B 108 10.44 -12.49 8.86
CA LYS B 108 10.57 -11.22 8.15
C LYS B 108 11.02 -10.12 9.09
N GLU B 109 10.41 -10.03 10.27
CA GLU B 109 10.76 -8.95 11.20
C GLU B 109 12.20 -9.05 11.68
N PHE B 110 12.83 -10.22 11.62
CA PHE B 110 14.25 -10.27 11.98
C PHE B 110 15.17 -10.05 10.78
N GLU B 111 14.88 -10.70 9.65
CA GLU B 111 15.75 -10.54 8.48
C GLU B 111 15.77 -9.11 7.99
N GLU B 112 14.61 -8.45 7.97
CA GLU B 112 14.58 -7.05 7.54
C GLU B 112 15.27 -6.13 8.54
N LYS B 113 15.26 -6.45 9.84
CA LYS B 113 16.12 -5.70 10.74
C LYS B 113 17.60 -5.96 10.47
N VAL B 114 17.94 -7.10 9.90
CA VAL B 114 19.35 -7.38 9.61
C VAL B 114 19.82 -6.63 8.36
N ASP B 115 19.16 -6.87 7.21
CA ASP B 115 19.68 -6.23 6.00
C ASP B 115 19.37 -4.75 5.92
N ALA B 116 18.75 -4.18 6.96
CA ALA B 116 18.60 -2.73 7.09
C ALA B 116 19.92 -2.04 7.40
N VAL B 117 21.03 -2.75 7.24
CA VAL B 117 22.35 -2.16 7.45
C VAL B 117 22.83 -1.44 6.21
N ILE B 118 22.31 -1.78 5.01
CA ILE B 118 22.56 -0.96 3.83
C ILE B 118 22.16 0.47 4.12
N ASP B 119 20.98 0.64 4.73
CA ASP B 119 20.41 1.94 5.00
C ASP B 119 21.34 2.84 5.80
N THR B 120 22.33 2.26 6.47
CA THR B 120 23.33 3.02 7.19
C THR B 120 24.75 2.78 6.72
N GLN B 121 24.95 1.97 5.67
CA GLN B 121 26.28 1.78 5.10
C GLN B 121 26.53 2.73 3.94
N ARG B 122 27.32 2.28 2.96
CA ARG B 122 27.60 3.07 1.78
C ARG B 122 26.38 3.12 0.86
N ILE B 123 26.38 4.09 -0.05
CA ILE B 123 25.28 4.32 -0.96
C ILE B 123 25.80 4.21 -2.39
N LYS B 124 24.98 3.64 -3.27
CA LYS B 124 25.33 3.58 -4.68
C LYS B 124 25.54 4.99 -5.22
N SER B 125 26.48 5.14 -6.15
CA SER B 125 26.72 6.44 -6.75
C SER B 125 27.31 6.27 -8.14
N SER B 126 26.70 6.93 -9.13
CA SER B 126 27.28 7.00 -10.45
C SER B 126 28.32 8.11 -10.51
N ILE B 127 29.07 8.15 -11.61
CA ILE B 127 30.20 9.05 -11.77
C ILE B 127 30.06 9.80 -13.08
N LEU B 128 30.20 11.12 -13.03
CA LEU B 128 30.23 11.95 -14.22
C LEU B 128 31.61 12.60 -14.31
N SER B 129 32.30 12.33 -15.41
CA SER B 129 33.67 12.80 -15.62
C SER B 129 33.71 13.75 -16.81
N PHE B 130 34.48 14.83 -16.66
CA PHE B 130 34.60 15.82 -17.73
C PHE B 130 36.00 16.41 -17.62
N ASN B 131 36.84 16.16 -18.63
CA ASN B 131 38.25 16.57 -18.57
C ASN B 131 38.66 17.12 -19.94
N SER B 132 38.65 18.44 -20.06
CA SER B 132 39.11 19.12 -21.26
C SER B 132 40.57 19.53 -21.21
N ILE B 133 41.26 19.28 -20.11
CA ILE B 133 42.65 19.71 -19.94
C ILE B 133 43.62 18.56 -20.20
N ILE B 134 43.37 17.39 -19.62
CA ILE B 134 44.20 16.23 -19.91
C ILE B 134 43.78 15.68 -21.28
N THR B 135 44.75 15.56 -22.18
CA THR B 135 44.45 15.22 -23.57
C THR B 135 44.83 13.80 -23.95
N LYS B 136 45.95 13.27 -23.46
CA LYS B 136 46.32 11.90 -23.79
C LYS B 136 45.26 10.94 -23.30
N ASN B 137 44.81 10.04 -24.18
CA ASN B 137 43.70 9.17 -23.83
C ASN B 137 44.11 8.10 -22.82
N ASP B 138 45.31 7.54 -22.97
CA ASP B 138 45.76 6.55 -21.99
C ASP B 138 46.11 7.16 -20.64
N GLU B 139 46.09 8.49 -20.55
CA GLU B 139 46.25 9.17 -19.26
C GLU B 139 44.90 9.48 -18.62
N ILE B 140 43.91 9.82 -19.44
CA ILE B 140 42.55 9.99 -18.94
C ILE B 140 42.05 8.71 -18.26
N LYS B 141 42.29 7.56 -18.90
CA LYS B 141 41.91 6.29 -18.30
C LYS B 141 42.71 6.04 -17.02
N ASN B 142 44.02 6.29 -17.09
CA ASN B 142 44.91 6.15 -15.95
C ASN B 142 44.39 6.93 -14.75
N GLU B 143 43.84 8.12 -14.98
CA GLU B 143 43.37 8.97 -13.89
C GLU B 143 41.95 8.63 -13.46
N GLU B 144 41.07 8.26 -14.39
CA GLU B 144 39.72 7.87 -14.00
C GLU B 144 39.72 6.56 -13.24
N ALA B 145 40.85 5.85 -13.24
CA ALA B 145 40.97 4.67 -12.40
C ALA B 145 40.93 4.98 -10.89
N GLU B 146 40.98 6.25 -10.46
CA GLU B 146 40.97 6.54 -9.02
C GLU B 146 39.61 6.98 -8.51
N PHE B 147 38.60 7.12 -9.37
CA PHE B 147 37.33 7.67 -8.91
C PHE B 147 36.60 6.74 -7.94
N PRO B 148 36.45 5.44 -8.21
CA PRO B 148 35.77 4.58 -7.23
C PRO B 148 36.43 4.57 -5.87
N LYS B 149 37.75 4.76 -5.80
CA LYS B 149 38.42 4.81 -4.50
C LYS B 149 38.02 6.05 -3.72
N VAL B 150 37.97 7.21 -4.39
CA VAL B 150 37.46 8.42 -3.74
C VAL B 150 36.02 8.22 -3.30
N LEU B 151 35.23 7.55 -4.13
CA LEU B 151 33.84 7.26 -3.75
C LEU B 151 33.78 6.44 -2.47
N LEU B 152 34.64 5.43 -2.35
CA LEU B 152 34.72 4.68 -1.10
C LEU B 152 35.08 5.60 0.05
N PHE B 153 36.04 6.50 -0.15
CA PHE B 153 36.45 7.39 0.92
C PHE B 153 35.42 8.48 1.25
N ASN B 154 34.37 8.64 0.46
CA ASN B 154 33.35 9.63 0.75
C ASN B 154 31.95 9.02 0.91
N ASP B 155 31.88 7.81 1.45
CA ASP B 155 30.62 7.14 1.79
C ASP B 155 29.75 6.89 0.57
N ASN B 156 30.37 6.38 -0.49
CA ASN B 156 29.64 5.93 -1.67
C ASN B 156 30.34 4.70 -2.24
N TYR B 157 29.71 4.07 -3.22
CA TYR B 157 30.37 3.03 -3.99
C TYR B 157 29.85 3.02 -5.42
N PHE B 158 30.76 2.77 -6.36
CA PHE B 158 30.49 2.89 -7.77
C PHE B 158 29.50 1.82 -8.24
N ASP B 159 28.41 2.25 -8.86
CA ASP B 159 27.36 1.34 -9.32
C ASP B 159 27.54 0.91 -10.78
N GLY B 160 28.72 1.08 -11.35
CA GLY B 160 29.00 0.64 -12.69
C GLY B 160 28.74 1.67 -13.78
N ASN B 161 27.93 2.68 -13.51
CA ASN B 161 27.56 3.70 -14.50
C ASN B 161 28.51 4.88 -14.38
N ILE B 162 29.36 5.08 -15.39
CA ILE B 162 30.21 6.27 -15.50
C ILE B 162 29.82 7.03 -16.76
N TYR B 163 29.61 8.33 -16.62
CA TYR B 163 29.18 9.19 -17.73
C TYR B 163 30.31 10.16 -18.07
N ARG B 164 30.65 10.23 -19.36
CA ARG B 164 31.74 11.07 -19.84
C ARG B 164 31.20 12.12 -20.80
N ILE B 165 31.62 13.37 -20.59
CA ILE B 165 31.33 14.45 -21.52
C ILE B 165 32.43 14.47 -22.57
N ASN B 166 32.05 14.41 -23.84
CA ASN B 166 33.02 14.23 -24.91
C ASN B 166 33.78 15.53 -25.17
N ASN B 167 35.11 15.46 -25.15
CA ASN B 167 35.95 16.54 -25.62
C ASN B 167 36.21 16.39 -27.13
N ALA B 168 35.10 16.30 -27.87
CA ALA B 168 35.17 16.06 -29.30
C ALA B 168 35.59 17.30 -30.08
N LEU B 169 35.72 18.45 -29.43
CA LEU B 169 35.98 19.71 -30.12
C LEU B 169 37.34 20.30 -29.78
N SER B 170 38.24 19.51 -29.18
CA SER B 170 39.63 19.92 -28.95
C SER B 170 40.28 20.51 -30.20
N GLY B 171 39.64 20.37 -31.36
CA GLY B 171 40.15 20.89 -32.61
C GLY B 171 39.77 22.34 -32.86
N ILE B 172 38.70 22.80 -32.22
CA ILE B 172 38.25 24.19 -32.30
C ILE B 172 38.71 24.98 -31.07
N GLU B 173 39.75 24.49 -30.39
CA GLU B 173 40.04 24.95 -29.04
C GLU B 173 40.32 26.45 -28.95
N HIS B 174 40.71 27.11 -30.04
CA HIS B 174 40.99 28.55 -29.99
C HIS B 174 40.16 29.38 -30.94
N ASP B 175 39.10 28.83 -31.51
CA ASP B 175 38.25 29.62 -32.38
C ASP B 175 37.21 30.36 -31.53
N PRO B 176 36.99 31.66 -31.79
CA PRO B 176 36.04 32.45 -30.97
C PRO B 176 34.73 31.75 -30.65
N MET B 177 34.34 30.79 -31.47
CA MET B 177 33.07 30.10 -31.32
C MET B 177 33.16 28.86 -30.43
N TYR B 178 34.36 28.53 -29.93
CA TYR B 178 34.55 27.31 -29.15
C TYR B 178 33.51 27.18 -28.05
N TYR B 179 33.39 28.20 -27.20
CA TYR B 179 32.48 28.12 -26.06
C TYR B 179 31.05 27.80 -26.48
N ASP B 180 30.51 28.53 -27.47
CA ASP B 180 29.14 28.28 -27.92
C ASP B 180 28.93 26.81 -28.31
N LEU B 181 29.86 26.24 -29.08
CA LEU B 181 29.68 24.88 -29.56
C LEU B 181 29.91 23.87 -28.44
N MET B 182 30.92 24.09 -27.61
CA MET B 182 31.19 23.18 -26.51
C MET B 182 30.00 23.15 -25.55
N CYS B 183 29.47 24.33 -25.22
CA CYS B 183 28.22 24.45 -24.47
C CYS B 183 27.13 23.61 -25.10
N GLN B 184 26.88 23.78 -26.40
CA GLN B 184 25.79 23.04 -27.04
C GLN B 184 26.02 21.53 -26.94
N SER B 185 27.24 21.08 -27.24
CA SER B 185 27.61 19.68 -27.07
C SER B 185 27.31 19.19 -25.66
N MET B 186 27.82 19.90 -24.66
CA MET B 186 27.60 19.55 -23.26
C MET B 186 26.11 19.42 -22.95
N LYS B 187 25.33 20.43 -23.31
CA LYS B 187 23.88 20.40 -23.09
C LYS B 187 23.27 19.15 -23.71
N GLN B 188 23.58 18.91 -24.98
CA GLN B 188 23.03 17.76 -25.69
C GLN B 188 23.37 16.46 -24.97
N GLN B 189 24.64 16.25 -24.62
CA GLN B 189 25.04 15.03 -23.93
C GLN B 189 24.34 14.89 -22.58
N ILE B 190 24.29 15.97 -21.81
CA ILE B 190 23.63 15.96 -20.51
C ILE B 190 22.18 15.53 -20.66
N GLU B 191 21.48 16.12 -21.63
CA GLU B 191 20.09 15.71 -21.86
C GLU B 191 20.01 14.28 -22.38
N LYS B 192 21.00 13.84 -23.15
CA LYS B 192 21.03 12.47 -23.65
C LYS B 192 21.24 11.46 -22.53
N ILE B 193 21.62 11.91 -21.34
CA ILE B 193 21.70 11.01 -20.19
C ILE B 193 20.92 11.58 -19.00
N LYS B 194 20.00 12.51 -19.27
CA LYS B 194 19.26 13.17 -18.20
C LYS B 194 18.45 12.18 -17.37
N ILE B 195 17.82 11.20 -18.00
CA ILE B 195 16.98 10.25 -17.27
C ILE B 195 17.86 9.38 -16.37
N PRO B 196 18.97 8.82 -16.86
CA PRO B 196 19.89 8.12 -15.93
C PRO B 196 20.58 9.06 -14.95
N LEU B 197 20.48 10.39 -15.15
CA LEU B 197 21.10 11.33 -14.22
C LEU B 197 20.16 11.67 -13.06
N ASN B 198 18.89 11.97 -13.36
CA ASN B 198 17.94 12.27 -12.31
C ASN B 198 17.60 11.05 -11.48
N SER B 199 17.71 9.86 -12.06
CA SER B 199 17.37 8.61 -11.38
C SER B 199 18.56 8.00 -10.65
N SER B 200 19.70 8.67 -10.67
CA SER B 200 20.89 8.15 -10.00
C SER B 200 20.75 8.33 -8.49
N GLU B 201 21.19 7.31 -7.75
CA GLU B 201 21.25 7.40 -6.29
C GLU B 201 22.00 8.65 -5.86
N THR B 202 23.27 8.73 -6.25
CA THR B 202 24.13 9.88 -6.02
C THR B 202 25.01 10.04 -7.25
N ILE B 203 25.37 11.28 -7.57
CA ILE B 203 26.23 11.56 -8.70
C ILE B 203 27.49 12.22 -8.18
N SER B 204 28.63 11.56 -8.35
CA SER B 204 29.92 12.14 -8.03
C SER B 204 30.54 12.69 -9.30
N VAL B 205 30.90 13.97 -9.27
CA VAL B 205 31.36 14.67 -10.46
C VAL B 205 32.85 14.97 -10.32
N PHE B 206 33.61 14.61 -11.35
CA PHE B 206 35.02 14.94 -11.46
C PHE B 206 35.18 15.74 -12.75
N ALA B 207 35.11 17.06 -12.63
CA ALA B 207 35.16 17.96 -13.76
C ALA B 207 36.36 18.89 -13.63
N ILE B 208 37.01 19.13 -14.76
CA ILE B 208 38.17 20.00 -14.85
C ILE B 208 38.29 20.47 -16.29
N ALA B 209 38.23 21.79 -16.47
CA ALA B 209 38.04 22.42 -17.77
C ALA B 209 38.15 23.93 -17.55
N PRO B 210 38.14 24.76 -18.59
CA PRO B 210 38.09 26.20 -18.35
C PRO B 210 36.89 26.56 -17.47
N GLN B 211 37.10 27.53 -16.59
CA GLN B 211 36.08 27.89 -15.60
C GLN B 211 34.69 28.19 -16.21
N PRO B 212 34.57 28.84 -17.37
CA PRO B 212 33.22 29.01 -17.95
C PRO B 212 32.53 27.69 -18.24
N LEU B 213 33.24 26.70 -18.78
CA LEU B 213 32.63 25.41 -19.04
C LEU B 213 32.26 24.68 -17.76
N LEU B 214 33.05 24.85 -16.70
CA LEU B 214 32.71 24.26 -15.42
C LEU B 214 31.43 24.89 -14.86
N LEU B 215 31.32 26.21 -14.95
CA LEU B 215 30.09 26.89 -14.57
C LEU B 215 28.90 26.37 -15.36
N TYR B 216 29.08 26.22 -16.67
CA TYR B 216 27.97 25.74 -17.50
C TYR B 216 27.61 24.29 -17.17
N LEU B 217 28.59 23.46 -16.80
CA LEU B 217 28.30 22.10 -16.36
C LEU B 217 27.47 22.13 -15.09
N GLY B 218 27.87 22.94 -14.12
CA GLY B 218 27.05 23.12 -12.93
C GLY B 218 25.65 23.58 -13.26
N TYR B 219 25.51 24.41 -14.31
CA TYR B 219 24.20 24.87 -14.74
C TYR B 219 23.37 23.72 -15.30
N LEU B 220 23.98 22.87 -16.13
CA LEU B 220 23.26 21.76 -16.73
C LEU B 220 22.77 20.76 -15.69
N LEU B 221 23.59 20.51 -14.67
CA LEU B 221 23.22 19.60 -13.59
C LEU B 221 22.09 20.20 -12.77
N ASN B 222 22.42 21.19 -11.94
CA ASN B 222 21.47 21.99 -11.17
C ASN B 222 20.68 21.10 -10.20
N ASP B 223 21.39 20.72 -9.14
CA ASP B 223 20.89 19.89 -8.03
C ASP B 223 19.88 18.84 -8.49
N GLU B 224 20.35 17.95 -9.35
CA GLU B 224 19.63 16.71 -9.65
C GLU B 224 19.67 15.78 -8.45
N THR B 225 18.98 16.15 -7.36
CA THR B 225 18.90 15.39 -6.12
C THR B 225 20.23 15.37 -5.36
N ASN B 226 21.07 14.38 -5.61
CA ASN B 226 22.28 14.14 -4.82
C ASN B 226 23.50 14.24 -5.73
N ILE B 227 24.23 15.34 -5.62
CA ILE B 227 25.45 15.55 -6.40
C ILE B 227 26.58 15.97 -5.45
N LYS B 228 27.70 15.28 -5.55
CA LYS B 228 28.92 15.63 -4.83
C LYS B 228 29.94 16.10 -5.86
N ILE B 229 30.36 17.36 -5.73
CA ILE B 229 31.32 17.98 -6.64
C ILE B 229 32.69 17.88 -6.00
N TYR B 230 33.62 17.23 -6.69
CA TYR B 230 34.94 16.95 -6.15
C TYR B 230 35.97 17.88 -6.77
N GLN B 231 37.06 18.12 -6.02
CA GLN B 231 38.10 19.05 -6.41
C GLN B 231 39.39 18.29 -6.68
N ARG B 232 40.11 18.70 -7.72
CA ARG B 232 41.39 18.10 -8.07
C ARG B 232 42.54 18.90 -7.45
N PHE B 233 43.45 18.19 -6.79
CA PHE B 233 44.66 18.77 -6.25
C PHE B 233 45.87 18.20 -6.99
N ARG B 234 47.02 18.86 -6.82
CA ARG B 234 48.26 18.33 -7.36
C ARG B 234 48.81 17.19 -6.49
N THR B 235 48.70 17.31 -5.17
CA THR B 235 49.46 16.45 -4.27
C THR B 235 48.56 15.35 -3.71
N GLY B 236 49.19 14.24 -3.36
CA GLY B 236 48.53 13.11 -2.74
C GLY B 236 48.44 11.93 -3.69
N ASN B 237 48.12 10.77 -3.12
CA ASN B 237 47.90 9.59 -3.95
C ASN B 237 46.65 9.77 -4.81
N LEU B 238 45.61 10.35 -4.24
CA LEU B 238 44.35 10.60 -4.93
C LEU B 238 44.21 12.11 -5.12
N LYS B 239 44.51 12.56 -6.33
CA LYS B 239 44.43 13.99 -6.64
C LYS B 239 43.04 14.55 -6.44
N TRP B 240 42.01 13.73 -6.64
CA TRP B 240 40.63 14.19 -6.62
C TRP B 240 39.96 14.04 -5.26
N ASN B 241 40.63 13.42 -4.30
CA ASN B 241 40.09 13.27 -2.96
C ASN B 241 40.32 14.53 -2.15
N TRP B 242 39.40 14.82 -1.22
CA TRP B 242 39.55 15.98 -0.37
C TRP B 242 40.80 15.85 0.49
N GLU B 243 41.33 17.00 0.90
CA GLU B 243 42.49 17.06 1.78
C GLU B 243 42.13 17.42 3.20
N SER B 244 40.89 17.85 3.44
CA SER B 244 40.38 18.11 4.78
C SER B 244 38.90 17.76 4.81
N SER B 245 38.37 17.51 6.00
CA SER B 245 36.96 17.25 6.19
C SER B 245 36.26 18.35 6.98
N GLU B 246 36.87 19.52 7.08
CA GLU B 246 36.35 20.60 7.91
C GLU B 246 36.79 21.94 7.32
N ILE B 247 36.10 23.00 7.74
CA ILE B 247 36.28 24.32 7.16
C ILE B 247 37.68 24.84 7.44
N THR B 248 38.36 25.35 6.40
CA THR B 248 39.74 25.81 6.53
C THR B 248 39.96 27.20 5.93
N ASN B 249 38.90 27.99 5.73
CA ASN B 249 39.11 29.32 5.15
C ASN B 249 37.90 30.19 5.43
N ASN B 250 38.14 31.50 5.44
CA ASN B 250 37.10 32.51 5.50
C ASN B 250 37.02 33.23 4.17
N PHE B 251 35.80 33.44 3.69
CA PHE B 251 35.55 34.15 2.44
C PHE B 251 34.81 35.44 2.76
N TYR B 252 35.28 36.54 2.19
CA TYR B 252 34.69 37.84 2.49
C TYR B 252 34.54 38.66 1.22
N VAL B 253 33.85 39.79 1.38
CA VAL B 253 33.46 40.65 0.26
C VAL B 253 33.96 42.07 0.54
N GLU B 254 34.43 42.74 -0.51
CA GLU B 254 34.83 44.13 -0.44
C GLU B 254 34.19 44.85 -1.62
N GLN B 255 33.34 45.83 -1.32
CA GLN B 255 32.63 46.57 -2.35
C GLN B 255 33.43 47.79 -2.78
N LEU B 256 33.42 48.08 -4.07
CA LEU B 256 34.27 49.09 -4.65
C LEU B 256 33.42 50.27 -5.14
N TYR B 257 32.40 50.61 -4.36
CA TYR B 257 31.48 51.68 -4.74
C TYR B 257 30.79 52.18 -3.47
N THR B 258 30.56 53.49 -3.42
CA THR B 258 30.20 54.13 -2.15
C THR B 258 28.84 53.65 -1.65
N ASP B 259 27.82 53.69 -2.51
CA ASP B 259 26.53 53.10 -2.21
C ASP B 259 25.77 52.89 -3.51
N GLY B 260 24.66 52.16 -3.42
CA GLY B 260 23.97 51.74 -4.63
C GLY B 260 23.10 52.83 -5.23
N ASN B 261 22.68 52.58 -6.47
CA ASN B 261 21.81 53.49 -7.21
C ASN B 261 20.85 52.65 -8.05
N GLU B 262 20.14 53.30 -8.96
CA GLU B 262 19.12 52.66 -9.77
C GLU B 262 19.28 52.88 -11.27
N ILE B 263 20.42 53.42 -11.71
CA ILE B 263 20.64 53.67 -13.13
C ILE B 263 21.49 52.55 -13.70
N ASP B 264 22.38 52.01 -12.87
CA ASP B 264 23.32 50.99 -13.33
C ASP B 264 22.63 49.66 -13.57
N THR B 265 23.02 49.00 -14.67
CA THR B 265 22.46 47.71 -15.04
C THR B 265 23.48 46.57 -14.97
N GLU B 266 24.76 46.88 -14.77
CA GLU B 266 25.81 45.87 -14.80
C GLU B 266 26.75 46.09 -13.62
N VAL B 267 27.25 44.98 -13.07
CA VAL B 267 28.18 45.00 -11.94
C VAL B 267 29.28 43.99 -12.19
N ASN B 268 30.52 44.37 -11.90
CA ASN B 268 31.67 43.47 -12.02
C ASN B 268 31.87 42.75 -10.69
N LEU B 269 31.88 41.41 -10.75
CA LEU B 269 32.13 40.55 -9.60
C LEU B 269 33.43 39.79 -9.85
N ILE B 270 34.39 39.95 -8.95
CA ILE B 270 35.73 39.40 -9.15
C ILE B 270 36.01 38.38 -8.06
N LEU B 271 36.18 37.12 -8.46
CA LEU B 271 36.43 36.02 -7.53
C LEU B 271 37.95 35.77 -7.48
N SER B 272 38.57 36.12 -6.35
CA SER B 272 40.02 36.02 -6.21
C SER B 272 40.35 34.96 -5.16
N LEU B 273 40.23 33.69 -5.55
CA LEU B 273 40.61 32.57 -4.69
C LEU B 273 41.98 32.01 -5.05
N SER B 274 42.17 31.59 -6.31
CA SER B 274 43.45 31.00 -6.70
C SER B 274 44.55 32.05 -6.74
N ALA B 275 44.22 33.25 -7.22
CA ALA B 275 45.14 34.38 -7.16
C ALA B 275 44.32 35.64 -6.93
N GLU B 276 45.01 36.75 -6.68
CA GLU B 276 44.34 38.04 -6.52
C GLU B 276 44.32 38.73 -7.87
N ILE B 277 43.15 38.73 -8.51
CA ILE B 277 42.99 39.37 -9.81
C ILE B 277 43.13 40.88 -9.65
N SER B 278 44.12 41.45 -10.33
CA SER B 278 44.32 42.90 -10.32
C SER B 278 43.36 43.57 -11.28
N LEU B 279 42.83 44.73 -10.87
CA LEU B 279 41.72 45.36 -11.57
C LEU B 279 42.08 45.89 -12.95
N ASP B 280 43.36 46.18 -13.23
CA ASP B 280 43.72 46.64 -14.56
C ASP B 280 43.57 45.56 -15.63
N ARG B 281 43.15 44.36 -15.27
CA ARG B 281 42.82 43.31 -16.23
C ARG B 281 41.34 43.31 -16.60
N ILE B 282 40.53 44.14 -15.96
CA ILE B 282 39.08 44.13 -16.15
C ILE B 282 38.75 45.21 -17.23
N PRO B 283 38.11 44.82 -18.33
CA PRO B 283 37.74 45.70 -19.45
C PRO B 283 37.13 47.03 -19.01
N LYS B 291 33.08 54.46 -14.55
CA LYS B 291 33.30 53.02 -14.57
C LYS B 291 32.35 52.25 -13.66
N VAL B 292 32.21 50.97 -13.97
CA VAL B 292 31.15 50.08 -13.49
C VAL B 292 31.43 49.67 -12.04
N PRO B 293 30.42 49.63 -11.17
CA PRO B 293 30.65 49.21 -9.78
C PRO B 293 31.08 47.76 -9.71
N THR B 294 32.00 47.49 -8.78
CA THR B 294 32.66 46.20 -8.68
C THR B 294 32.66 45.73 -7.22
N LEU B 295 32.48 44.43 -7.03
CA LEU B 295 32.74 43.80 -5.75
C LEU B 295 33.81 42.72 -5.95
N ILE B 296 34.60 42.49 -4.90
CA ILE B 296 35.63 41.47 -4.89
C ILE B 296 35.32 40.47 -3.79
N LEU B 297 35.29 39.19 -4.15
CA LEU B 297 35.09 38.10 -3.22
C LEU B 297 36.42 37.38 -3.05
N ARG B 298 36.99 37.47 -1.86
CA ARG B 298 38.29 36.90 -1.56
C ARG B 298 38.17 35.75 -0.57
N SER B 299 39.23 34.95 -0.53
CA SER B 299 39.49 34.00 0.55
C SER B 299 40.71 34.48 1.32
N ASP B 300 40.70 34.26 2.64
CA ASP B 300 41.85 34.63 3.46
C ASP B 300 43.15 34.04 2.92
N ARG B 301 43.22 32.72 2.85
CA ARG B 301 44.37 32.03 2.25
C ARG B 301 44.11 31.87 0.76
N GLN B 302 44.86 32.62 -0.04
CA GLN B 302 44.78 32.48 -1.49
C GLN B 302 45.84 31.50 -2.00
N GLY B 303 45.58 30.95 -3.18
CA GLY B 303 46.53 30.08 -3.84
C GLY B 303 45.85 28.81 -4.33
N PHE B 304 46.66 27.78 -4.54
CA PHE B 304 46.18 26.53 -5.10
C PHE B 304 45.29 25.76 -4.14
N ASP B 305 45.34 26.07 -2.84
CA ASP B 305 44.62 25.34 -1.81
C ASP B 305 43.61 26.22 -1.09
N ALA B 306 43.03 27.19 -1.80
CA ALA B 306 41.95 27.97 -1.20
C ALA B 306 40.77 27.10 -0.83
N ILE B 307 40.52 26.06 -1.62
CA ILE B 307 39.47 25.07 -1.35
C ILE B 307 40.14 23.76 -0.99
N LYS B 308 39.82 23.23 0.20
CA LYS B 308 40.36 21.96 0.65
C LYS B 308 39.31 20.95 1.07
N SER B 309 38.06 21.37 1.29
CA SER B 309 37.00 20.48 1.73
C SER B 309 35.68 20.90 1.09
N ASN B 310 34.75 19.93 1.00
CA ASN B 310 33.39 20.26 0.58
C ASN B 310 32.77 21.33 1.45
N GLU B 311 33.15 21.38 2.73
CA GLU B 311 32.65 22.41 3.63
C GLU B 311 33.15 23.79 3.24
N ASP B 312 34.40 23.88 2.78
CA ASP B 312 34.91 25.13 2.24
C ASP B 312 34.05 25.62 1.08
N VAL B 313 33.67 24.71 0.18
CA VAL B 313 32.86 25.08 -0.97
C VAL B 313 31.47 25.54 -0.51
N ASN B 314 30.91 24.82 0.46
CA ASN B 314 29.60 25.23 0.99
C ASN B 314 29.66 26.64 1.59
N GLU B 315 30.70 26.92 2.36
CA GLU B 315 30.84 28.25 2.96
C GLU B 315 31.05 29.31 1.88
N TYR B 316 31.85 29.00 0.86
CA TYR B 316 32.03 29.93 -0.25
C TYR B 316 30.69 30.24 -0.92
N ILE B 317 29.91 29.20 -1.22
CA ILE B 317 28.64 29.38 -1.91
C ILE B 317 27.66 30.16 -1.03
N SER B 318 27.75 29.98 0.29
CA SER B 318 26.91 30.75 1.20
C SER B 318 27.26 32.24 1.13
N VAL B 319 28.55 32.57 1.25
CA VAL B 319 28.96 33.96 1.13
C VAL B 319 28.62 34.51 -0.26
N PHE B 320 28.66 33.66 -1.28
CA PHE B 320 28.44 34.09 -2.65
C PHE B 320 26.97 34.45 -2.87
N ARG B 321 26.06 33.54 -2.54
CA ARG B 321 24.65 33.81 -2.79
C ARG B 321 24.12 34.91 -1.87
N ASN B 322 24.43 34.82 -0.58
CA ASN B 322 23.88 35.78 0.38
C ASN B 322 24.66 37.09 0.38
N LEU B 323 25.93 37.05 0.80
CA LEU B 323 26.70 38.27 1.02
C LEU B 323 27.19 38.93 -0.27
N VAL B 324 26.92 38.35 -1.45
CA VAL B 324 27.38 38.96 -2.69
C VAL B 324 26.21 39.19 -3.64
N VAL B 325 25.63 38.09 -4.16
CA VAL B 325 24.66 38.20 -5.24
C VAL B 325 23.40 38.92 -4.77
N GLU B 326 22.87 38.52 -3.61
CA GLU B 326 21.67 39.18 -3.08
C GLU B 326 21.97 40.62 -2.71
N LYS B 327 23.17 40.89 -2.18
CA LYS B 327 23.59 42.26 -1.93
C LYS B 327 23.56 43.07 -3.22
N ILE B 328 24.01 42.47 -4.33
CA ILE B 328 24.00 43.16 -5.61
C ILE B 328 22.57 43.44 -6.07
N ARG B 329 21.69 42.45 -5.95
CA ARG B 329 20.30 42.64 -6.35
C ARG B 329 19.61 43.71 -5.52
N ASN B 330 19.98 43.83 -4.24
CA ASN B 330 19.42 44.88 -3.40
C ASN B 330 19.97 46.24 -3.78
N ASP B 331 21.30 46.37 -3.80
CA ASP B 331 21.94 47.65 -4.11
C ASP B 331 21.59 48.16 -5.50
N PHE B 332 21.14 47.28 -6.39
CA PHE B 332 20.85 47.63 -7.79
C PHE B 332 19.55 46.96 -8.18
N PRO B 333 18.41 47.58 -7.86
CA PRO B 333 17.12 46.99 -8.26
C PRO B 333 16.90 46.98 -9.77
N ASN B 334 17.62 47.82 -10.51
CA ASN B 334 17.61 47.80 -11.98
C ASN B 334 18.77 46.99 -12.53
N LEU B 335 19.18 45.94 -11.82
CA LEU B 335 20.25 45.07 -12.30
C LEU B 335 19.80 44.30 -13.54
N LYS B 336 20.71 44.19 -14.52
CA LYS B 336 20.44 43.47 -15.74
C LYS B 336 21.53 42.51 -16.16
N CYS B 337 22.66 42.46 -15.45
CA CYS B 337 23.80 41.65 -15.89
C CYS B 337 24.88 41.69 -14.83
N ILE B 338 25.48 40.52 -14.56
CA ILE B 338 26.64 40.42 -13.68
C ILE B 338 27.82 39.90 -14.50
N ASN B 339 28.95 40.59 -14.41
CA ASN B 339 30.17 40.24 -15.14
C ASN B 339 31.12 39.54 -14.18
N ILE B 340 31.31 38.23 -14.35
CA ILE B 340 32.07 37.41 -13.43
C ILE B 340 33.47 37.19 -13.97
N PHE B 341 34.47 37.53 -13.14
CA PHE B 341 35.89 37.37 -13.47
C PHE B 341 36.51 36.42 -12.45
N PRO B 342 36.72 35.15 -12.81
CA PRO B 342 37.10 34.14 -11.79
C PRO B 342 38.57 33.77 -11.80
N ALA B 343 39.09 33.43 -10.60
CA ALA B 343 40.39 32.75 -10.44
C ALA B 343 40.18 31.74 -9.31
N THR B 344 39.49 30.64 -9.61
CA THR B 344 39.00 29.72 -8.60
C THR B 344 39.32 28.28 -8.97
N PRO B 345 39.49 27.41 -7.98
CA PRO B 345 39.67 25.98 -8.26
C PRO B 345 38.44 25.37 -8.91
N VAL B 346 38.59 24.13 -9.38
CA VAL B 346 37.65 23.57 -10.36
C VAL B 346 36.25 23.39 -9.78
N SER B 347 36.14 22.99 -8.51
CA SER B 347 34.83 22.67 -7.95
C SER B 347 33.94 23.91 -7.83
N VAL B 348 34.54 25.08 -7.67
CA VAL B 348 33.84 26.31 -7.32
C VAL B 348 32.97 26.81 -8.49
N PRO B 349 33.45 26.87 -9.73
CA PRO B 349 32.54 27.27 -10.83
C PRO B 349 31.39 26.31 -11.02
N VAL B 350 31.64 25.00 -10.90
CA VAL B 350 30.56 24.03 -11.02
C VAL B 350 29.50 24.28 -9.94
N ARG B 351 29.94 24.52 -8.71
CA ARG B 351 28.99 24.73 -7.64
C ARG B 351 28.27 26.07 -7.78
N MET B 352 28.93 27.07 -8.35
CA MET B 352 28.24 28.33 -8.65
C MET B 352 27.18 28.13 -9.74
N GLY B 353 27.50 27.33 -10.76
CA GLY B 353 26.55 27.06 -11.83
C GLY B 353 25.36 26.23 -11.38
N MET B 354 25.59 25.34 -10.40
CA MET B 354 24.49 24.66 -9.75
C MET B 354 23.63 25.63 -8.94
N ASN B 355 24.21 26.64 -8.26
CA ASN B 355 23.39 27.48 -7.41
C ASN B 355 22.46 28.44 -8.21
N TYR B 356 22.65 28.60 -9.52
CA TYR B 356 21.88 29.58 -10.29
C TYR B 356 20.38 29.34 -10.18
N GLN B 357 19.63 30.42 -10.02
CA GLN B 357 18.19 30.37 -9.88
C GLN B 357 17.61 30.92 -11.18
N LYS B 358 17.16 30.01 -12.04
CA LYS B 358 16.72 30.36 -13.37
C LYS B 358 15.48 31.24 -13.32
N ASN B 359 15.52 32.34 -14.08
CA ASN B 359 14.46 33.33 -14.21
C ASN B 359 14.14 34.04 -12.89
N ILE B 360 14.93 33.80 -11.85
CA ILE B 360 14.94 34.65 -10.67
C ILE B 360 16.23 35.47 -10.58
N ASP B 361 17.36 34.86 -10.91
CA ASP B 361 18.62 35.59 -11.02
C ASP B 361 18.66 36.35 -12.34
N VAL B 362 19.65 37.24 -12.46
CA VAL B 362 19.84 37.99 -13.69
C VAL B 362 20.70 37.16 -14.65
N GLU B 363 21.16 37.79 -15.72
CA GLU B 363 22.10 37.13 -16.62
C GLU B 363 23.48 37.12 -15.97
N TRP B 364 24.15 35.97 -16.03
CA TRP B 364 25.51 35.86 -15.53
C TRP B 364 26.46 35.68 -16.71
N LYS B 365 27.21 36.74 -17.04
CA LYS B 365 28.23 36.64 -18.07
C LYS B 365 29.54 36.22 -17.40
N ILE B 366 30.06 35.06 -17.79
CA ILE B 366 31.33 34.57 -17.27
C ILE B 366 32.42 34.85 -18.29
N PHE B 367 33.52 35.44 -17.81
CA PHE B 367 34.69 35.78 -18.61
C PHE B 367 35.80 34.77 -18.33
N ASN B 368 36.72 34.66 -19.29
CA ASN B 368 37.88 33.79 -19.11
C ASN B 368 39.12 34.50 -19.64
N GLN B 369 40.16 34.51 -18.82
CA GLN B 369 41.46 35.03 -19.24
C GLN B 369 41.98 34.23 -20.41
N GLN B 370 41.96 34.83 -21.60
CA GLN B 370 42.62 34.23 -22.74
C GLN B 370 44.06 34.72 -22.78
N THR B 371 44.91 33.97 -23.46
CA THR B 371 46.35 34.17 -23.31
C THR B 371 46.75 35.55 -23.80
N ASN B 372 47.38 36.33 -22.90
CA ASN B 372 47.94 37.65 -23.17
C ASN B 372 46.86 38.73 -23.25
N VAL B 373 45.67 38.37 -23.76
CA VAL B 373 44.68 39.36 -24.18
C VAL B 373 43.89 39.96 -23.01
N GLY B 374 44.00 39.40 -21.81
CA GLY B 374 43.19 39.83 -20.69
C GLY B 374 41.88 39.07 -20.58
N PHE B 375 40.99 39.60 -19.74
CA PHE B 375 39.70 38.95 -19.51
C PHE B 375 38.78 39.17 -20.70
N ILE B 376 38.45 38.09 -21.40
CA ILE B 376 37.60 38.12 -22.59
C ILE B 376 36.31 37.35 -22.30
N TYR B 377 35.19 37.88 -22.78
CA TYR B 377 33.90 37.23 -22.59
C TYR B 377 33.94 35.78 -23.06
N SER B 378 33.24 34.92 -22.31
CA SER B 378 33.18 33.50 -22.64
C SER B 378 31.73 33.07 -22.86
N LEU B 379 30.87 33.11 -21.83
CA LEU B 379 29.51 32.65 -22.05
C LEU B 379 28.57 33.32 -21.05
N SER B 380 27.31 32.90 -21.04
CA SER B 380 26.29 33.57 -20.26
C SER B 380 25.23 32.58 -19.78
N LEU B 381 24.64 32.91 -18.63
CA LEU B 381 23.52 32.17 -18.06
C LEU B 381 22.28 33.06 -18.08
N LYS B 382 21.19 32.53 -18.65
CA LYS B 382 19.92 33.24 -18.80
C LYS B 382 18.75 32.41 -18.30
N GLY B 383 17.60 32.56 -18.94
CA GLY B 383 16.39 31.83 -18.58
C GLY B 383 15.98 30.82 -19.64
N ILE C 16 2.92 -24.38 -23.97
CA ILE C 16 3.51 -25.67 -24.27
C ILE C 16 2.83 -26.79 -23.46
N PRO C 17 2.93 -26.80 -22.09
CA PRO C 17 2.25 -27.88 -21.36
C PRO C 17 0.75 -27.67 -21.49
N GLU C 18 0.10 -28.60 -22.19
CA GLU C 18 -1.27 -28.39 -22.65
C GLU C 18 -2.25 -28.19 -21.49
N ARG C 19 -1.85 -28.52 -20.26
CA ARG C 19 -2.63 -28.16 -19.09
C ARG C 19 -2.68 -26.65 -18.93
N VAL C 20 -1.54 -25.99 -19.13
CA VAL C 20 -1.44 -24.54 -19.01
C VAL C 20 -2.20 -23.85 -20.14
N LYS C 21 -2.28 -24.47 -21.31
CA LYS C 21 -3.04 -23.89 -22.42
C LYS C 21 -4.49 -23.65 -22.01
N SER C 22 -5.16 -24.67 -21.49
CA SER C 22 -6.57 -24.53 -21.09
C SER C 22 -6.73 -23.49 -19.99
N ALA C 23 -5.81 -23.49 -19.02
CA ALA C 23 -5.87 -22.48 -17.96
C ALA C 23 -5.81 -21.08 -18.56
N LEU C 24 -4.95 -20.86 -19.55
CA LEU C 24 -4.91 -19.56 -20.21
C LEU C 24 -6.19 -19.28 -20.97
N TRP C 25 -6.73 -20.31 -21.65
CA TRP C 25 -8.00 -20.15 -22.34
C TRP C 25 -9.09 -19.66 -21.41
N SER C 26 -9.04 -20.10 -20.15
CA SER C 26 -10.04 -19.67 -19.17
C SER C 26 -9.74 -18.27 -18.64
N ILE C 27 -8.49 -18.03 -18.24
CA ILE C 27 -8.12 -16.73 -17.68
C ILE C 27 -8.36 -15.59 -18.68
N THR C 28 -8.37 -15.88 -19.97
CA THR C 28 -8.51 -14.87 -21.00
C THR C 28 -9.91 -14.80 -21.59
N ALA C 29 -10.81 -15.71 -21.18
CA ALA C 29 -12.15 -15.83 -21.75
C ALA C 29 -12.11 -16.19 -23.23
N GLY C 30 -11.04 -16.84 -23.66
CA GLY C 30 -10.93 -17.32 -25.03
C GLY C 30 -10.71 -16.25 -26.06
N ARG C 31 -9.91 -15.24 -25.74
CA ARG C 31 -9.86 -14.03 -26.55
C ARG C 31 -8.42 -13.56 -26.73
N CYS C 32 -8.17 -12.92 -27.87
CA CYS C 32 -6.92 -12.21 -28.06
C CYS C 32 -6.82 -11.09 -27.03
N GLU C 33 -5.73 -11.10 -26.26
CA GLU C 33 -5.62 -10.15 -25.16
C GLU C 33 -5.40 -8.72 -25.63
N ILE C 34 -5.43 -8.48 -26.95
CA ILE C 34 -5.37 -7.13 -27.51
C ILE C 34 -6.73 -6.70 -28.04
N CYS C 35 -7.25 -7.40 -29.06
CA CYS C 35 -8.50 -7.00 -29.71
C CYS C 35 -9.73 -7.75 -29.19
N CYS C 36 -9.53 -8.75 -28.33
CA CYS C 36 -10.64 -9.50 -27.71
C CYS C 36 -11.53 -10.19 -28.74
N LYS C 37 -10.95 -10.64 -29.84
CA LYS C 37 -11.68 -11.51 -30.75
C LYS C 37 -11.90 -12.87 -30.10
N LYS C 38 -13.12 -13.39 -30.23
CA LYS C 38 -13.44 -14.70 -29.70
C LYS C 38 -12.72 -15.77 -30.50
N LEU C 39 -11.75 -16.43 -29.87
CA LEU C 39 -10.94 -17.45 -30.54
C LEU C 39 -11.60 -18.82 -30.56
N TYR C 40 -12.83 -18.93 -30.07
CA TYR C 40 -13.60 -20.17 -30.19
C TYR C 40 -14.66 -20.09 -31.29
N ILE C 41 -14.54 -19.15 -32.21
CA ILE C 41 -15.52 -18.94 -33.27
C ILE C 41 -14.76 -18.71 -34.57
N SER C 42 -15.19 -19.38 -35.64
CA SER C 42 -14.54 -19.25 -36.94
C SER C 42 -14.83 -17.89 -37.57
N ASP C 43 -13.86 -17.43 -38.37
CA ASP C 43 -13.99 -16.16 -39.05
C ASP C 43 -15.03 -16.18 -40.15
N VAL C 44 -15.63 -17.35 -40.43
CA VAL C 44 -16.56 -17.49 -41.54
C VAL C 44 -17.87 -18.16 -41.15
N THR C 45 -17.94 -18.92 -40.04
CA THR C 45 -19.12 -19.68 -39.70
C THR C 45 -19.35 -19.73 -38.19
N GLY C 46 -19.77 -20.90 -37.70
CA GLY C 46 -20.11 -21.11 -36.31
C GLY C 46 -18.90 -21.29 -35.41
N SER C 47 -18.67 -22.52 -34.96
CA SER C 47 -17.63 -22.80 -33.98
C SER C 47 -16.40 -23.41 -34.65
N LEU C 48 -15.34 -23.54 -33.86
CA LEU C 48 -14.07 -24.10 -34.31
C LEU C 48 -13.55 -25.10 -33.30
N VAL C 49 -12.75 -26.04 -33.81
CA VAL C 49 -11.75 -26.70 -32.98
C VAL C 49 -10.87 -25.57 -32.49
N ASN C 50 -11.25 -24.97 -31.36
CA ASN C 50 -10.94 -23.57 -31.07
C ASN C 50 -9.49 -23.30 -30.67
N ILE C 51 -9.33 -22.58 -29.55
CA ILE C 51 -8.07 -21.98 -29.10
C ILE C 51 -6.91 -22.96 -29.23
N SER C 52 -7.21 -24.26 -29.31
CA SER C 52 -6.17 -25.24 -29.61
C SER C 52 -5.60 -25.02 -31.01
N GLN C 53 -6.42 -24.53 -31.94
CA GLN C 53 -6.02 -24.32 -33.32
C GLN C 53 -5.99 -22.85 -33.74
N MET C 54 -7.10 -22.11 -33.55
CA MET C 54 -7.17 -20.75 -34.05
C MET C 54 -6.20 -19.82 -33.30
N ALA C 55 -6.01 -20.03 -32.01
CA ALA C 55 -5.22 -19.12 -31.21
C ALA C 55 -3.72 -19.35 -31.37
N HIS C 56 -2.96 -18.29 -31.11
CA HIS C 56 -1.51 -18.34 -31.11
C HIS C 56 -1.00 -17.81 -29.78
N ILE C 57 -0.34 -18.69 -29.02
CA ILE C 57 0.29 -18.29 -27.76
C ILE C 57 1.65 -17.65 -28.05
N LYS C 58 1.88 -16.48 -27.49
CA LYS C 58 3.21 -15.86 -27.50
C LYS C 58 3.89 -16.05 -26.16
N ALA C 59 5.09 -16.61 -26.19
CA ALA C 59 5.94 -16.72 -25.01
C ALA C 59 6.92 -15.55 -24.95
N PHE C 60 7.06 -14.98 -23.76
CA PHE C 60 7.98 -13.84 -23.57
C PHE C 60 9.43 -14.30 -23.60
N ASP C 69 4.32 -29.08 -15.68
CA ASP C 69 3.01 -29.15 -16.35
C ASP C 69 1.91 -28.61 -15.45
N GLU C 70 2.01 -28.89 -14.14
CA GLU C 70 0.98 -28.51 -13.17
C GLU C 70 1.66 -27.86 -11.97
N GLU C 71 2.28 -26.70 -12.22
CA GLU C 71 2.97 -25.85 -11.25
C GLU C 71 2.73 -24.41 -11.68
N ASN C 72 1.46 -24.04 -11.84
CA ASN C 72 1.12 -22.75 -12.42
C ASN C 72 1.31 -21.65 -11.39
N ASN C 73 2.47 -21.01 -11.47
CA ASN C 73 3.01 -19.98 -10.60
C ASN C 73 2.57 -18.65 -11.21
N PRO C 74 3.39 -17.57 -11.20
CA PRO C 74 3.36 -16.65 -12.34
C PRO C 74 3.92 -17.29 -13.61
N HIS C 75 3.71 -18.60 -13.76
CA HIS C 75 3.89 -19.32 -15.01
C HIS C 75 3.09 -18.70 -16.13
N GLN C 76 2.15 -17.80 -15.81
CA GLN C 76 1.43 -16.96 -16.76
C GLN C 76 1.34 -15.52 -16.28
N LEU C 77 1.32 -15.31 -14.96
CA LEU C 77 1.22 -13.97 -14.38
C LEU C 77 2.41 -13.07 -14.74
N ASP C 78 3.24 -13.50 -15.69
CA ASP C 78 4.40 -12.76 -16.16
C ASP C 78 5.08 -13.58 -17.26
N ASN C 79 4.30 -14.08 -18.22
CA ASN C 79 4.91 -14.91 -19.24
C ASN C 79 4.21 -14.89 -20.60
N LEU C 80 3.01 -15.47 -20.68
CA LEU C 80 2.30 -15.64 -21.94
C LEU C 80 1.36 -14.48 -22.27
N LEU C 81 0.85 -14.49 -23.50
CA LEU C 81 -0.38 -13.75 -23.83
C LEU C 81 -0.97 -14.34 -25.11
N LEU C 82 -2.29 -14.57 -25.10
CA LEU C 82 -2.98 -15.06 -26.28
C LEU C 82 -3.09 -14.01 -27.38
N LEU C 83 -3.21 -14.49 -28.61
CA LEU C 83 -3.32 -13.64 -29.79
C LEU C 83 -4.13 -14.35 -30.87
N CYS C 84 -4.81 -13.56 -31.69
CA CYS C 84 -5.40 -14.06 -32.93
C CYS C 84 -4.29 -14.17 -33.96
N ALA C 85 -4.65 -14.51 -35.20
CA ALA C 85 -3.66 -14.59 -36.27
C ALA C 85 -3.06 -13.22 -36.57
N GLU C 86 -3.91 -12.24 -36.86
CA GLU C 86 -3.46 -10.90 -37.26
C GLU C 86 -2.47 -10.31 -36.25
N HIS C 87 -2.88 -10.23 -34.98
CA HIS C 87 -2.01 -9.58 -33.99
C HIS C 87 -0.83 -10.45 -33.61
N HIS C 88 -0.91 -11.78 -33.81
CA HIS C 88 0.29 -12.60 -33.66
C HIS C 88 1.32 -12.23 -34.70
N LYS C 89 0.92 -12.19 -35.97
CA LYS C 89 1.84 -11.75 -37.03
C LYS C 89 2.31 -10.32 -36.78
N MET C 90 1.45 -9.46 -36.23
CA MET C 90 1.78 -8.05 -36.07
C MET C 90 2.75 -7.77 -34.92
N ILE C 91 2.54 -8.36 -33.73
CA ILE C 91 3.34 -7.85 -32.60
C ILE C 91 4.72 -8.48 -32.54
N ASP C 92 4.93 -9.61 -33.18
CA ASP C 92 6.28 -10.09 -33.43
C ASP C 92 6.58 -9.75 -34.88
N THR C 93 7.87 -9.58 -35.19
CA THR C 93 8.35 -8.90 -36.39
C THR C 93 8.09 -7.40 -36.29
N ASP C 94 7.82 -6.94 -35.07
CA ASP C 94 7.72 -5.53 -34.68
C ASP C 94 8.03 -5.39 -33.20
N PRO C 95 9.17 -5.91 -32.72
CA PRO C 95 9.50 -5.75 -31.29
C PRO C 95 9.85 -4.32 -30.92
N ASP C 96 9.98 -3.43 -31.90
CA ASP C 96 10.31 -2.04 -31.63
C ASP C 96 9.12 -1.31 -31.03
N ASP C 97 8.00 -1.29 -31.76
CA ASP C 97 6.81 -0.57 -31.30
C ASP C 97 6.09 -1.32 -30.18
N PHE C 98 6.25 -2.64 -30.09
CA PHE C 98 5.54 -3.47 -29.14
C PHE C 98 6.51 -4.13 -28.16
N PRO C 99 7.07 -3.36 -27.22
CA PRO C 99 7.94 -3.97 -26.21
C PRO C 99 7.14 -4.76 -25.19
N VAL C 100 7.85 -5.61 -24.44
CA VAL C 100 7.20 -6.47 -23.45
C VAL C 100 6.55 -5.69 -22.32
N ASP C 101 7.01 -4.47 -22.02
CA ASP C 101 6.37 -3.68 -20.97
C ASP C 101 4.94 -3.34 -21.37
N TRP C 102 4.76 -2.87 -22.60
CA TRP C 102 3.42 -2.58 -23.11
C TRP C 102 2.57 -3.85 -23.13
N LEU C 103 3.17 -4.99 -23.49
CA LEU C 103 2.42 -6.24 -23.57
C LEU C 103 1.96 -6.71 -22.20
N ILE C 104 2.85 -6.68 -21.20
CA ILE C 104 2.43 -6.99 -19.83
C ILE C 104 1.35 -6.02 -19.38
N LYS C 105 1.45 -4.74 -19.75
CA LYS C 105 0.40 -3.80 -19.39
C LYS C 105 -0.95 -4.27 -19.94
N GLN C 106 -0.98 -4.64 -21.22
CA GLN C 106 -2.24 -5.06 -21.82
C GLN C 106 -2.77 -6.33 -21.15
N LYS C 107 -1.90 -7.31 -20.93
CA LYS C 107 -2.31 -8.54 -20.26
C LYS C 107 -2.83 -8.27 -18.86
N LYS C 108 -1.97 -7.72 -17.99
CA LYS C 108 -2.29 -7.45 -16.61
C LYS C 108 -3.43 -6.44 -16.45
N GLU C 109 -3.88 -5.83 -17.54
CA GLU C 109 -5.10 -5.01 -17.48
C GLU C 109 -6.34 -5.76 -17.96
N PHE C 110 -6.25 -6.50 -19.06
CA PHE C 110 -7.38 -7.28 -19.53
C PHE C 110 -7.72 -8.40 -18.55
N GLU C 111 -6.71 -9.09 -18.03
CA GLU C 111 -6.93 -10.19 -17.11
C GLU C 111 -7.60 -9.72 -15.82
N GLU C 112 -7.19 -8.57 -15.29
CA GLU C 112 -7.80 -8.08 -14.05
C GLU C 112 -9.26 -7.70 -14.27
N LYS C 113 -9.59 -7.17 -15.46
CA LYS C 113 -10.99 -6.91 -15.80
C LYS C 113 -11.81 -8.18 -15.90
N VAL C 114 -11.17 -9.32 -16.17
CA VAL C 114 -11.91 -10.57 -16.30
C VAL C 114 -12.31 -11.11 -14.94
N ASP C 115 -11.34 -11.42 -14.08
CA ASP C 115 -11.74 -11.95 -12.78
C ASP C 115 -12.22 -10.86 -11.83
N ALA C 116 -12.28 -9.60 -12.26
CA ALA C 116 -12.97 -8.68 -11.34
C ALA C 116 -14.47 -8.95 -11.24
N VAL C 117 -14.94 -10.11 -11.73
CA VAL C 117 -16.36 -10.46 -11.68
C VAL C 117 -16.77 -11.17 -10.39
N ILE C 118 -15.86 -11.80 -9.65
CA ILE C 118 -16.22 -12.28 -8.31
C ILE C 118 -16.78 -11.12 -7.50
N ASP C 119 -16.12 -9.97 -7.60
CA ASP C 119 -16.44 -8.79 -6.80
C ASP C 119 -17.90 -8.39 -6.89
N THR C 120 -18.64 -8.90 -7.88
CA THR C 120 -20.06 -8.66 -8.00
C THR C 120 -20.90 -9.94 -7.98
N GLN C 121 -20.29 -11.11 -7.77
CA GLN C 121 -21.04 -12.35 -7.67
C GLN C 121 -21.39 -12.69 -6.22
N ARG C 122 -21.45 -13.98 -5.90
CA ARG C 122 -21.71 -14.41 -4.53
C ARG C 122 -20.49 -14.18 -3.65
N ILE C 123 -20.73 -14.18 -2.34
CA ILE C 123 -19.69 -13.92 -1.35
C ILE C 123 -19.57 -15.11 -0.41
N LYS C 124 -18.34 -15.37 0.04
CA LYS C 124 -18.11 -16.41 1.02
C LYS C 124 -18.92 -16.14 2.28
N SER C 125 -19.37 -17.21 2.93
CA SER C 125 -20.10 -17.05 4.18
C SER C 125 -19.94 -18.28 5.05
N SER C 126 -19.55 -18.06 6.31
CA SER C 126 -19.53 -19.13 7.28
C SER C 126 -20.93 -19.32 7.87
N ILE C 127 -21.09 -20.40 8.63
CA ILE C 127 -22.40 -20.84 9.10
C ILE C 127 -22.34 -21.03 10.60
N LEU C 128 -23.27 -20.43 11.33
CA LEU C 128 -23.43 -20.67 12.76
C LEU C 128 -24.80 -21.28 13.00
N SER C 129 -24.82 -22.46 13.61
CA SER C 129 -26.05 -23.20 13.87
C SER C 129 -26.27 -23.31 15.37
N PHE C 130 -27.53 -23.16 15.79
CA PHE C 130 -27.87 -23.21 17.21
C PHE C 130 -29.26 -23.81 17.35
N ASN C 131 -29.35 -25.01 17.93
CA ASN C 131 -30.62 -25.72 18.03
C ASN C 131 -30.68 -26.42 19.39
N SER C 132 -31.42 -25.84 20.33
CA SER C 132 -31.61 -26.45 21.64
C SER C 132 -32.81 -27.38 21.70
N ILE C 133 -33.59 -27.47 20.62
CA ILE C 133 -34.78 -28.30 20.59
C ILE C 133 -34.54 -29.60 19.81
N ILE C 134 -33.84 -29.51 18.67
CA ILE C 134 -33.61 -30.70 17.85
C ILE C 134 -32.60 -31.60 18.53
N THR C 135 -32.99 -32.84 18.80
CA THR C 135 -32.19 -33.81 19.53
C THR C 135 -31.72 -34.99 18.69
N LYS C 136 -32.56 -35.51 17.81
CA LYS C 136 -32.21 -36.64 16.97
C LYS C 136 -31.04 -36.32 16.05
N ASN C 137 -30.06 -37.23 15.99
CA ASN C 137 -28.88 -36.99 15.17
C ASN C 137 -29.21 -37.04 13.69
N ASP C 138 -30.10 -37.95 13.29
CA ASP C 138 -30.52 -38.04 11.90
C ASP C 138 -31.39 -36.87 11.48
N GLU C 139 -31.80 -36.02 12.42
CA GLU C 139 -32.53 -34.79 12.14
C GLU C 139 -31.60 -33.59 12.04
N ILE C 140 -30.55 -33.55 12.88
CA ILE C 140 -29.56 -32.49 12.82
C ILE C 140 -28.92 -32.43 11.44
N LYS C 141 -28.49 -33.58 10.92
CA LYS C 141 -27.88 -33.62 9.60
C LYS C 141 -28.89 -33.26 8.51
N ASN C 142 -30.10 -33.82 8.60
CA ASN C 142 -31.15 -33.50 7.65
C ASN C 142 -31.37 -31.99 7.55
N GLU C 143 -31.31 -31.29 8.68
CA GLU C 143 -31.59 -29.85 8.63
C GLU C 143 -30.36 -29.00 8.29
N GLU C 144 -29.17 -29.35 8.80
CA GLU C 144 -28.01 -28.56 8.42
C GLU C 144 -27.53 -28.82 7.00
N ALA C 145 -28.01 -29.89 6.35
CA ALA C 145 -27.77 -30.06 4.93
C ALA C 145 -28.51 -29.02 4.09
N GLU C 146 -29.33 -28.19 4.73
CA GLU C 146 -30.17 -27.19 4.10
C GLU C 146 -29.57 -25.78 4.17
N PHE C 147 -28.48 -25.59 4.93
CA PHE C 147 -27.92 -24.25 5.09
C PHE C 147 -27.23 -23.74 3.82
N PRO C 148 -26.31 -24.48 3.19
CA PRO C 148 -25.65 -23.95 1.99
C PRO C 148 -26.61 -23.60 0.85
N LYS C 149 -27.75 -24.29 0.75
CA LYS C 149 -28.71 -23.94 -0.28
C LYS C 149 -29.31 -22.56 -0.04
N VAL C 150 -29.68 -22.26 1.21
CA VAL C 150 -30.15 -20.92 1.54
C VAL C 150 -29.05 -19.90 1.25
N LEU C 151 -27.81 -20.24 1.57
CA LEU C 151 -26.70 -19.33 1.27
C LEU C 151 -26.61 -19.05 -0.23
N LEU C 152 -26.75 -20.08 -1.06
CA LEU C 152 -26.76 -19.87 -2.50
C LEU C 152 -27.90 -18.97 -2.93
N PHE C 153 -29.08 -19.17 -2.37
CA PHE C 153 -30.22 -18.33 -2.76
C PHE C 153 -30.16 -16.92 -2.20
N ASN C 154 -29.21 -16.61 -1.31
CA ASN C 154 -29.09 -15.26 -0.76
C ASN C 154 -27.72 -14.64 -1.02
N ASP C 155 -27.13 -14.90 -2.19
CA ASP C 155 -25.87 -14.29 -2.60
C ASP C 155 -24.72 -14.67 -1.66
N ASN C 156 -24.62 -15.96 -1.36
CA ASN C 156 -23.51 -16.47 -0.57
C ASN C 156 -23.11 -17.83 -1.08
N TYR C 157 -21.98 -18.31 -0.56
CA TYR C 157 -21.61 -19.71 -0.74
C TYR C 157 -20.80 -20.14 0.48
N PHE C 158 -21.01 -21.38 0.89
CA PHE C 158 -20.44 -21.89 2.13
C PHE C 158 -18.92 -21.98 2.01
N ASP C 159 -18.21 -21.35 2.95
CA ASP C 159 -16.77 -21.34 2.95
C ASP C 159 -16.15 -22.46 3.77
N GLY C 160 -16.94 -23.49 4.11
CA GLY C 160 -16.45 -24.63 4.83
C GLY C 160 -16.53 -24.53 6.34
N ASN C 161 -16.66 -23.33 6.88
CA ASN C 161 -16.67 -23.12 8.33
C ASN C 161 -18.11 -23.14 8.83
N ILE C 162 -18.46 -24.19 9.57
CA ILE C 162 -19.73 -24.27 10.27
C ILE C 162 -19.44 -24.38 11.76
N TYR C 163 -20.08 -23.52 12.55
CA TYR C 163 -19.88 -23.48 13.98
C TYR C 163 -21.17 -23.89 14.67
N ARG C 164 -21.08 -24.84 15.61
CA ARG C 164 -22.23 -25.35 16.33
C ARG C 164 -22.12 -24.98 17.80
N ILE C 165 -23.20 -24.40 18.33
CA ILE C 165 -23.28 -24.05 19.74
C ILE C 165 -23.86 -25.23 20.51
N ASN C 166 -23.16 -25.63 21.58
CA ASN C 166 -23.52 -26.83 22.32
C ASN C 166 -24.74 -26.58 23.21
N ASN C 167 -25.73 -27.46 23.10
CA ASN C 167 -26.81 -27.52 24.10
C ASN C 167 -26.40 -28.45 25.23
N ALA C 168 -25.27 -28.09 25.86
CA ALA C 168 -24.63 -28.95 26.85
C ALA C 168 -25.41 -29.04 28.16
N LEU C 169 -26.45 -28.22 28.34
CA LEU C 169 -27.20 -28.20 29.59
C LEU C 169 -28.65 -28.64 29.37
N SER C 170 -28.92 -29.31 28.26
CA SER C 170 -30.21 -29.92 27.95
C SER C 170 -30.85 -30.62 29.14
N GLY C 171 -30.05 -31.08 30.10
CA GLY C 171 -30.58 -31.78 31.26
C GLY C 171 -31.07 -30.94 32.42
N ILE C 172 -30.54 -29.74 32.62
CA ILE C 172 -31.04 -28.83 33.65
C ILE C 172 -31.95 -27.76 33.04
N GLU C 173 -32.52 -28.06 31.88
CA GLU C 173 -33.22 -27.09 31.04
C GLU C 173 -34.39 -26.43 31.75
N HIS C 174 -34.87 -27.01 32.86
CA HIS C 174 -35.98 -26.45 33.61
C HIS C 174 -35.58 -26.02 35.02
N ASP C 175 -34.29 -25.90 35.30
CA ASP C 175 -33.78 -25.45 36.60
C ASP C 175 -33.72 -23.93 36.62
N PRO C 176 -34.18 -23.30 37.71
CA PRO C 176 -34.19 -21.82 37.78
C PRO C 176 -32.90 -21.16 37.34
N MET C 177 -31.76 -21.83 37.47
CA MET C 177 -30.46 -21.26 37.13
C MET C 177 -30.01 -21.57 35.71
N TYR C 178 -30.80 -22.33 34.95
CA TYR C 178 -30.38 -22.79 33.62
C TYR C 178 -29.77 -21.66 32.81
N TYR C 179 -30.52 -20.56 32.65
CA TYR C 179 -30.05 -19.45 31.82
C TYR C 179 -28.67 -18.98 32.28
N ASP C 180 -28.51 -18.73 33.59
CA ASP C 180 -27.24 -18.25 34.12
C ASP C 180 -26.09 -19.11 33.61
N LEU C 181 -26.24 -20.43 33.63
CA LEU C 181 -25.15 -21.27 33.17
C LEU C 181 -25.08 -21.30 31.64
N MET C 182 -26.24 -21.45 30.98
CA MET C 182 -26.23 -21.63 29.53
C MET C 182 -25.62 -20.40 28.85
N CYS C 183 -26.04 -19.21 29.26
CA CYS C 183 -25.42 -17.98 28.78
C CYS C 183 -23.91 -18.11 28.81
N GLN C 184 -23.35 -18.43 29.99
CA GLN C 184 -21.91 -18.52 30.11
C GLN C 184 -21.36 -19.56 29.16
N SER C 185 -22.01 -20.73 29.09
CA SER C 185 -21.61 -21.74 28.11
C SER C 185 -21.53 -21.10 26.73
N MET C 186 -22.66 -20.50 26.29
CA MET C 186 -22.68 -19.83 25.00
C MET C 186 -21.53 -18.83 24.93
N LYS C 187 -21.41 -17.99 25.95
CA LYS C 187 -20.36 -16.99 25.99
C LYS C 187 -19.02 -17.63 25.69
N GLN C 188 -18.67 -18.66 26.47
CA GLN C 188 -17.38 -19.31 26.30
C GLN C 188 -17.22 -19.78 24.86
N GLN C 189 -18.20 -20.52 24.35
CA GLN C 189 -18.10 -21.05 23.01
C GLN C 189 -17.88 -19.95 22.00
N ILE C 190 -18.64 -18.86 22.11
CA ILE C 190 -18.51 -17.78 21.13
C ILE C 190 -17.08 -17.24 21.15
N GLU C 191 -16.56 -16.95 22.34
CA GLU C 191 -15.21 -16.40 22.40
C GLU C 191 -14.20 -17.43 21.95
N LYS C 192 -14.50 -18.71 22.17
CA LYS C 192 -13.61 -19.79 21.77
C LYS C 192 -13.49 -19.91 20.25
N ILE C 193 -14.31 -19.18 19.50
CA ILE C 193 -14.16 -19.12 18.05
C ILE C 193 -14.15 -17.66 17.59
N LYS C 194 -13.80 -16.75 18.51
CA LYS C 194 -13.84 -15.32 18.20
C LYS C 194 -12.96 -14.98 17.01
N ILE C 195 -11.78 -15.58 16.91
CA ILE C 195 -10.83 -15.26 15.85
C ILE C 195 -11.31 -15.71 14.48
N PRO C 196 -11.80 -16.95 14.29
CA PRO C 196 -12.37 -17.30 12.98
C PRO C 196 -13.66 -16.57 12.63
N LEU C 197 -14.28 -15.86 13.59
CA LEU C 197 -15.50 -15.13 13.32
C LEU C 197 -15.24 -13.73 12.78
N ASN C 198 -14.29 -13.00 13.36
CA ASN C 198 -13.98 -11.65 12.90
C ASN C 198 -13.39 -11.67 11.49
N SER C 199 -12.74 -12.76 11.11
CA SER C 199 -12.10 -12.86 9.80
C SER C 199 -13.01 -13.46 8.74
N SER C 200 -14.25 -13.81 9.09
CA SER C 200 -15.18 -14.35 8.12
C SER C 200 -15.74 -13.24 7.24
N GLU C 201 -15.84 -13.51 5.95
CA GLU C 201 -16.48 -12.59 5.02
C GLU C 201 -17.89 -12.25 5.48
N THR C 202 -18.74 -13.26 5.61
CA THR C 202 -20.12 -13.09 6.06
C THR C 202 -20.48 -14.28 6.95
N ILE C 203 -21.36 -14.04 7.91
CA ILE C 203 -21.84 -15.07 8.83
C ILE C 203 -23.35 -15.23 8.65
N SER C 204 -23.78 -16.42 8.24
CA SER C 204 -25.19 -16.76 8.19
C SER C 204 -25.56 -17.56 9.43
N VAL C 205 -26.59 -17.10 10.14
CA VAL C 205 -26.98 -17.67 11.43
C VAL C 205 -28.30 -18.40 11.26
N PHE C 206 -28.34 -19.65 11.70
CA PHE C 206 -29.55 -20.45 11.77
C PHE C 206 -29.69 -20.87 13.23
N ALA C 207 -30.41 -20.05 13.99
CA ALA C 207 -30.60 -20.24 15.42
C ALA C 207 -32.07 -20.42 15.73
N ILE C 208 -32.35 -21.32 16.67
CA ILE C 208 -33.71 -21.63 17.11
C ILE C 208 -33.62 -22.19 18.52
N ALA C 209 -34.24 -21.49 19.45
CA ALA C 209 -34.03 -21.68 20.88
C ALA C 209 -35.01 -20.78 21.62
N PRO C 210 -35.13 -20.87 22.95
CA PRO C 210 -35.97 -19.90 23.67
C PRO C 210 -35.54 -18.48 23.39
N GLN C 211 -36.53 -17.59 23.30
CA GLN C 211 -36.28 -16.18 22.96
C GLN C 211 -35.21 -15.51 23.81
N PRO C 212 -35.10 -15.74 25.13
CA PRO C 212 -33.97 -15.15 25.86
C PRO C 212 -32.61 -15.61 25.34
N LEU C 213 -32.48 -16.89 25.01
CA LEU C 213 -31.23 -17.39 24.48
C LEU C 213 -30.94 -16.80 23.10
N LEU C 214 -31.97 -16.57 22.30
CA LEU C 214 -31.77 -15.93 21.00
C LEU C 214 -31.30 -14.49 21.18
N LEU C 215 -31.92 -13.75 22.10
CA LEU C 215 -31.44 -12.41 22.41
C LEU C 215 -29.98 -12.42 22.83
N TYR C 216 -29.61 -13.36 23.72
CA TYR C 216 -28.23 -13.41 24.17
C TYR C 216 -27.28 -13.79 23.04
N LEU C 217 -27.71 -14.65 22.12
CA LEU C 217 -26.87 -14.98 20.97
C LEU C 217 -26.64 -13.75 20.09
N GLY C 218 -27.71 -13.01 19.80
CA GLY C 218 -27.55 -11.76 19.10
C GLY C 218 -26.63 -10.80 19.83
N TYR C 219 -26.65 -10.83 21.15
CA TYR C 219 -25.77 -9.97 21.94
C TYR C 219 -24.32 -10.37 21.80
N LEU C 220 -24.03 -11.68 21.85
CA LEU C 220 -22.64 -12.14 21.75
C LEU C 220 -22.05 -11.83 20.38
N LEU C 221 -22.84 -11.98 19.31
CA LEU C 221 -22.36 -11.66 17.97
C LEU C 221 -22.16 -10.16 17.84
N ASN C 222 -23.27 -9.43 17.67
CA ASN C 222 -23.29 -7.97 17.70
C ASN C 222 -22.39 -7.36 16.63
N ASP C 223 -22.88 -7.34 15.38
CA ASP C 223 -22.10 -6.80 14.27
C ASP C 223 -22.99 -6.10 13.24
N GLU C 224 -23.96 -6.84 12.70
CA GLU C 224 -24.90 -6.37 11.66
C GLU C 224 -24.22 -6.22 10.30
N THR C 225 -25.01 -6.07 9.25
CA THR C 225 -24.55 -6.01 7.86
C THR C 225 -23.79 -7.27 7.49
N ASN C 226 -22.63 -7.49 8.11
CA ASN C 226 -21.82 -8.68 7.87
C ASN C 226 -22.43 -9.95 8.45
N ILE C 227 -23.61 -9.88 9.07
CA ILE C 227 -24.28 -11.04 9.63
C ILE C 227 -25.72 -11.06 9.12
N LYS C 228 -26.13 -12.21 8.57
CA LYS C 228 -27.50 -12.42 8.12
C LYS C 228 -28.18 -13.43 9.04
N ILE C 229 -29.26 -13.01 9.67
CA ILE C 229 -30.00 -13.84 10.62
C ILE C 229 -31.18 -14.46 9.91
N TYR C 230 -31.26 -15.78 9.92
CA TYR C 230 -32.25 -16.51 9.16
C TYR C 230 -33.36 -17.04 10.06
N GLN C 231 -34.54 -17.21 9.46
CA GLN C 231 -35.76 -17.62 10.14
C GLN C 231 -36.21 -18.98 9.61
N ARG C 232 -36.71 -19.83 10.50
CA ARG C 232 -37.28 -21.13 10.12
C ARG C 232 -38.79 -21.01 9.98
N PHE C 233 -39.33 -21.56 8.89
CA PHE C 233 -40.75 -21.58 8.60
C PHE C 233 -41.30 -23.01 8.73
N ARG C 234 -42.64 -23.12 8.75
CA ARG C 234 -43.24 -24.45 8.80
C ARG C 234 -43.14 -25.18 7.47
N THR C 235 -43.50 -24.49 6.39
CA THR C 235 -43.78 -25.10 5.09
C THR C 235 -42.71 -24.79 4.07
N GLY C 236 -42.65 -25.61 3.04
CA GLY C 236 -41.80 -25.39 1.90
C GLY C 236 -40.70 -26.41 1.78
N ASN C 237 -40.07 -26.39 0.61
CA ASN C 237 -38.93 -27.26 0.35
C ASN C 237 -37.75 -26.89 1.23
N LEU C 238 -37.49 -25.60 1.41
CA LEU C 238 -36.41 -25.09 2.24
C LEU C 238 -37.03 -24.36 3.43
N LYS C 239 -37.05 -25.03 4.59
CA LYS C 239 -37.64 -24.43 5.78
C LYS C 239 -36.94 -23.13 6.19
N TRP C 240 -35.62 -23.02 5.96
CA TRP C 240 -34.85 -21.91 6.46
C TRP C 240 -34.70 -20.75 5.48
N ASN C 241 -35.14 -20.91 4.23
CA ASN C 241 -35.07 -19.81 3.29
C ASN C 241 -36.27 -18.88 3.48
N TRP C 242 -36.06 -17.59 3.18
CA TRP C 242 -37.11 -16.61 3.32
C TRP C 242 -38.28 -16.93 2.39
N GLU C 243 -39.46 -16.41 2.75
CA GLU C 243 -40.67 -16.59 1.96
C GLU C 243 -40.98 -15.38 1.09
N SER C 244 -40.29 -14.26 1.31
CA SER C 244 -40.44 -13.08 0.48
C SER C 244 -39.10 -12.36 0.42
N SER C 245 -38.92 -11.55 -0.62
CA SER C 245 -37.74 -10.72 -0.78
C SER C 245 -38.07 -9.24 -0.66
N GLU C 246 -39.23 -8.92 -0.09
CA GLU C 246 -39.71 -7.55 0.00
C GLU C 246 -40.59 -7.43 1.23
N ILE C 247 -40.84 -6.18 1.64
CA ILE C 247 -41.55 -5.92 2.89
C ILE C 247 -42.97 -6.44 2.80
N THR C 248 -43.40 -7.21 3.81
CA THR C 248 -44.72 -7.83 3.81
C THR C 248 -45.48 -7.63 5.12
N ASN C 249 -45.09 -6.65 5.93
CA ASN C 249 -45.80 -6.43 7.19
C ASN C 249 -45.52 -5.02 7.68
N ASN C 250 -46.46 -4.48 8.45
CA ASN C 250 -46.30 -3.19 9.10
C ASN C 250 -46.19 -3.40 10.61
N PHE C 251 -45.23 -2.71 11.22
CA PHE C 251 -45.02 -2.76 12.66
C PHE C 251 -45.26 -1.37 13.24
N TYR C 252 -46.03 -1.29 14.32
CA TYR C 252 -46.36 -0.02 14.93
C TYR C 252 -46.30 -0.15 16.45
N VAL C 253 -46.43 1.01 17.10
CA VAL C 253 -46.22 1.14 18.54
C VAL C 253 -47.47 1.75 19.17
N GLU C 254 -47.84 1.26 20.34
CA GLU C 254 -48.93 1.82 21.14
C GLU C 254 -48.46 1.99 22.57
N GLN C 255 -48.46 3.24 23.04
CA GLN C 255 -48.05 3.53 24.41
C GLN C 255 -49.27 3.55 25.31
N LEU C 256 -49.11 2.98 26.50
CA LEU C 256 -50.22 2.86 27.44
C LEU C 256 -49.97 3.77 28.64
N TYR C 257 -49.54 5.00 28.34
CA TYR C 257 -49.28 6.02 29.34
C TYR C 257 -49.38 7.36 28.63
N THR C 258 -49.95 8.35 29.33
CA THR C 258 -50.33 9.59 28.65
C THR C 258 -49.09 10.33 28.14
N ASP C 259 -48.11 10.53 29.02
CA ASP C 259 -46.80 11.05 28.66
C ASP C 259 -45.84 10.71 29.78
N GLY C 260 -44.55 10.99 29.54
CA GLY C 260 -43.51 10.50 30.41
C GLY C 260 -43.38 11.24 31.72
N ASN C 261 -42.53 10.69 32.59
CA ASN C 261 -42.27 11.24 33.91
C ASN C 261 -40.77 11.15 34.16
N GLU C 262 -40.35 11.48 35.39
CA GLU C 262 -38.93 11.53 35.70
C GLU C 262 -38.52 10.74 36.95
N ILE C 263 -39.43 10.00 37.56
CA ILE C 263 -39.08 9.20 38.73
C ILE C 263 -38.98 7.72 38.37
N ASP C 264 -39.74 7.31 37.37
CA ASP C 264 -39.79 5.89 37.00
C ASP C 264 -38.48 5.45 36.37
N THR C 265 -38.02 4.26 36.74
CA THR C 265 -36.77 3.71 36.27
C THR C 265 -36.94 2.49 35.36
N GLU C 266 -38.15 1.95 35.24
CA GLU C 266 -38.38 0.72 34.48
C GLU C 266 -39.60 0.88 33.58
N VAL C 267 -39.54 0.23 32.43
CA VAL C 267 -40.61 0.27 31.44
C VAL C 267 -40.85 -1.15 30.92
N ASN C 268 -42.12 -1.51 30.76
CA ASN C 268 -42.49 -2.79 30.17
C ASN C 268 -42.63 -2.64 28.66
N LEU C 269 -41.93 -3.49 27.93
CA LEU C 269 -42.00 -3.53 26.47
C LEU C 269 -42.58 -4.87 26.06
N ILE C 270 -43.70 -4.85 25.35
CA ILE C 270 -44.43 -6.06 25.00
C ILE C 270 -44.42 -6.20 23.48
N LEU C 271 -43.76 -7.24 22.98
CA LEU C 271 -43.64 -7.49 21.55
C LEU C 271 -44.69 -8.53 21.16
N SER C 272 -45.72 -8.09 20.44
CA SER C 272 -46.84 -8.95 20.06
C SER C 272 -46.81 -9.15 18.55
N LEU C 273 -45.88 -9.99 18.09
CA LEU C 273 -45.81 -10.39 16.69
C LEU C 273 -46.42 -11.76 16.45
N SER C 274 -45.93 -12.78 17.16
CA SER C 274 -46.45 -14.13 16.96
C SER C 274 -47.87 -14.26 17.50
N ALA C 275 -48.15 -13.63 18.64
CA ALA C 275 -49.50 -13.56 19.17
C ALA C 275 -49.65 -12.21 19.87
N GLU C 276 -50.88 -11.90 20.26
CA GLU C 276 -51.15 -10.67 21.01
C GLU C 276 -51.10 -11.00 22.50
N ILE C 277 -50.00 -10.64 23.14
CA ILE C 277 -49.84 -10.88 24.57
C ILE C 277 -50.85 -10.03 25.32
N SER C 278 -51.73 -10.68 26.08
CA SER C 278 -52.72 -9.97 26.88
C SER C 278 -52.07 -9.43 28.14
N LEU C 279 -52.45 -8.20 28.52
CA LEU C 279 -51.73 -7.48 29.55
C LEU C 279 -51.88 -8.10 30.93
N ASP C 280 -52.96 -8.86 31.17
CA ASP C 280 -53.10 -9.57 32.44
C ASP C 280 -52.10 -10.71 32.60
N ARG C 281 -51.24 -10.94 31.61
CA ARG C 281 -50.13 -11.88 31.71
C ARG C 281 -48.85 -11.21 32.19
N ILE C 282 -48.86 -9.90 32.37
CA ILE C 282 -47.65 -9.14 32.69
C ILE C 282 -47.55 -9.05 34.21
N PRO C 283 -46.45 -9.52 34.82
CA PRO C 283 -46.32 -9.52 36.28
C PRO C 283 -46.72 -8.23 36.98
N THR C 284 -47.78 -8.30 37.79
CA THR C 284 -48.17 -7.21 38.66
C THR C 284 -47.38 -7.35 39.96
N PHE C 285 -46.38 -6.49 40.14
CA PHE C 285 -45.52 -6.55 41.32
C PHE C 285 -46.22 -5.98 42.54
N LYS C 291 -47.54 2.52 39.09
CA LYS C 291 -47.80 1.71 37.91
C LYS C 291 -46.76 1.95 36.82
N VAL C 292 -46.17 0.87 36.29
CA VAL C 292 -45.01 0.99 35.42
C VAL C 292 -45.48 1.30 34.01
N PRO C 293 -44.84 2.25 33.32
CA PRO C 293 -45.24 2.57 31.94
C PRO C 293 -44.95 1.41 31.00
N THR C 294 -45.84 1.22 30.03
CA THR C 294 -45.79 0.08 29.13
C THR C 294 -45.98 0.54 27.68
N LEU C 295 -45.20 -0.04 26.78
CA LEU C 295 -45.39 0.08 25.34
C LEU C 295 -45.62 -1.28 24.71
N ILE C 296 -46.40 -1.31 23.63
CA ILE C 296 -46.65 -2.52 22.86
C ILE C 296 -46.19 -2.29 21.43
N LEU C 297 -45.39 -3.22 20.92
CA LEU C 297 -44.93 -3.20 19.53
C LEU C 297 -45.61 -4.35 18.80
N ARG C 298 -46.50 -4.02 17.86
CA ARG C 298 -47.26 -5.02 17.12
C ARG C 298 -46.90 -5.01 15.65
N SER C 299 -47.31 -6.09 14.97
CA SER C 299 -47.39 -6.16 13.53
C SER C 299 -48.85 -6.24 13.10
N ASP C 300 -49.18 -5.62 11.97
CA ASP C 300 -50.53 -5.73 11.42
C ASP C 300 -50.96 -7.19 11.34
N ARG C 301 -50.20 -7.98 10.59
CA ARG C 301 -50.42 -9.42 10.50
C ARG C 301 -49.69 -10.10 11.65
N GLN C 302 -50.44 -10.57 12.63
CA GLN C 302 -49.90 -11.36 13.73
C GLN C 302 -50.06 -12.84 13.42
N GLY C 303 -49.20 -13.66 14.05
CA GLY C 303 -49.32 -15.08 13.91
C GLY C 303 -47.99 -15.70 13.56
N PHE C 304 -48.07 -16.89 12.95
CA PHE C 304 -46.87 -17.65 12.60
C PHE C 304 -46.08 -16.99 11.49
N ASP C 305 -46.71 -16.12 10.70
CA ASP C 305 -46.08 -15.50 9.55
C ASP C 305 -46.05 -13.98 9.68
N ALA C 306 -45.93 -13.48 10.91
CA ALA C 306 -45.77 -12.05 11.10
C ALA C 306 -44.50 -11.56 10.42
N ILE C 307 -43.47 -12.40 10.39
CA ILE C 307 -42.22 -12.13 9.69
C ILE C 307 -42.16 -13.08 8.48
N LYS C 308 -42.01 -12.51 7.29
CA LYS C 308 -41.91 -13.29 6.07
C LYS C 308 -40.66 -12.98 5.25
N SER C 309 -39.98 -11.87 5.49
CA SER C 309 -38.81 -11.48 4.73
C SER C 309 -37.80 -10.82 5.66
N ASN C 310 -36.53 -10.88 5.26
CA ASN C 310 -35.50 -10.12 5.98
C ASN C 310 -35.85 -8.63 5.98
N GLU C 311 -36.54 -8.16 4.95
CA GLU C 311 -36.95 -6.76 4.91
C GLU C 311 -37.95 -6.47 6.03
N ASP C 312 -38.83 -7.44 6.32
CA ASP C 312 -39.72 -7.30 7.47
C ASP C 312 -38.94 -7.12 8.76
N VAL C 313 -37.88 -7.92 8.94
CA VAL C 313 -37.09 -7.82 10.17
C VAL C 313 -36.35 -6.49 10.23
N ASN C 314 -35.82 -6.03 9.09
CA ASN C 314 -35.16 -4.74 9.05
C ASN C 314 -36.11 -3.61 9.44
N GLU C 315 -37.32 -3.63 8.88
CA GLU C 315 -38.31 -2.62 9.21
C GLU C 315 -38.72 -2.70 10.68
N TYR C 316 -38.87 -3.93 11.18
CA TYR C 316 -39.18 -4.12 12.60
C TYR C 316 -38.10 -3.50 13.49
N ILE C 317 -36.83 -3.81 13.20
CA ILE C 317 -35.74 -3.31 14.03
C ILE C 317 -35.66 -1.80 13.93
N SER C 318 -36.02 -1.23 12.78
CA SER C 318 -36.08 0.22 12.65
C SER C 318 -37.14 0.81 13.57
N VAL C 319 -38.36 0.26 13.51
CA VAL C 319 -39.43 0.73 14.41
C VAL C 319 -39.04 0.51 15.86
N PHE C 320 -38.26 -0.55 16.14
CA PHE C 320 -37.89 -0.90 17.50
C PHE C 320 -36.89 0.09 18.08
N ARG C 321 -35.80 0.36 17.36
CA ARG C 321 -34.74 1.19 17.90
C ARG C 321 -35.20 2.64 18.04
N ASN C 322 -35.81 3.19 16.99
CA ASN C 322 -36.21 4.60 17.03
C ASN C 322 -37.54 4.79 17.76
N LEU C 323 -38.61 4.23 17.22
CA LEU C 323 -39.96 4.51 17.73
C LEU C 323 -40.24 3.87 19.08
N VAL C 324 -39.32 3.08 19.64
CA VAL C 324 -39.55 2.47 20.94
C VAL C 324 -38.43 2.82 21.89
N VAL C 325 -37.22 2.31 21.62
CA VAL C 325 -36.13 2.41 22.58
C VAL C 325 -35.71 3.86 22.78
N GLU C 326 -35.49 4.59 21.69
CA GLU C 326 -35.12 6.00 21.81
C GLU C 326 -36.27 6.82 22.39
N LYS C 327 -37.50 6.50 21.97
CA LYS C 327 -38.67 7.14 22.56
C LYS C 327 -38.72 6.92 24.07
N ILE C 328 -38.44 5.70 24.52
CA ILE C 328 -38.47 5.42 25.96
C ILE C 328 -37.35 6.19 26.66
N ARG C 329 -36.17 6.24 26.06
CA ARG C 329 -35.05 6.96 26.66
C ARG C 329 -35.36 8.45 26.77
N ASN C 330 -36.12 9.00 25.83
CA ASN C 330 -36.54 10.39 25.94
C ASN C 330 -37.61 10.58 27.01
N ASP C 331 -38.70 9.82 26.92
CA ASP C 331 -39.81 9.97 27.86
C ASP C 331 -39.41 9.72 29.30
N PHE C 332 -38.28 9.05 29.54
CA PHE C 332 -37.86 8.67 30.89
C PHE C 332 -36.37 8.92 31.05
N PRO C 333 -35.99 10.15 31.40
CA PRO C 333 -34.57 10.43 31.64
C PRO C 333 -34.01 9.68 32.84
N ASN C 334 -34.87 9.19 33.73
CA ASN C 334 -34.46 8.31 34.82
C ASN C 334 -34.59 6.83 34.46
N LEU C 335 -34.49 6.49 33.18
CA LEU C 335 -34.55 5.10 32.78
C LEU C 335 -33.28 4.35 33.19
N LYS C 336 -33.47 3.16 33.74
CA LYS C 336 -32.36 2.30 34.09
C LYS C 336 -32.58 0.84 33.73
N CYS C 337 -33.71 0.48 33.11
CA CYS C 337 -34.06 -0.91 32.85
C CYS C 337 -35.29 -0.98 31.94
N ILE C 338 -35.23 -1.87 30.95
CA ILE C 338 -36.35 -2.18 30.08
C ILE C 338 -36.74 -3.64 30.29
N ASN C 339 -38.04 -3.89 30.51
CA ASN C 339 -38.57 -5.23 30.73
C ASN C 339 -39.25 -5.72 29.46
N ILE C 340 -38.65 -6.72 28.80
CA ILE C 340 -39.11 -7.22 27.52
C ILE C 340 -39.93 -8.48 27.74
N PHE C 341 -41.16 -8.48 27.23
CA PHE C 341 -42.05 -9.64 27.29
C PHE C 341 -42.37 -10.02 25.85
N PRO C 342 -41.69 -11.02 25.28
CA PRO C 342 -41.76 -11.23 23.83
C PRO C 342 -42.67 -12.35 23.38
N ALA C 343 -43.24 -12.18 22.17
CA ALA C 343 -43.94 -13.24 21.43
C ALA C 343 -43.54 -13.07 19.97
N THR C 344 -42.32 -13.48 19.64
CA THR C 344 -41.69 -13.17 18.36
C THR C 344 -41.09 -14.41 17.72
N PRO C 345 -41.05 -14.45 16.39
CA PRO C 345 -40.34 -15.52 15.69
C PRO C 345 -38.84 -15.44 15.96
N VAL C 346 -38.12 -16.49 15.51
CA VAL C 346 -36.77 -16.74 16.01
C VAL C 346 -35.78 -15.64 15.61
N SER C 347 -35.92 -15.08 14.40
CA SER C 347 -34.92 -14.13 13.92
C SER C 347 -34.93 -12.83 14.72
N VAL C 348 -36.09 -12.47 15.28
CA VAL C 348 -36.32 -11.18 15.90
C VAL C 348 -35.54 -10.98 17.20
N PRO C 349 -35.52 -11.93 18.14
CA PRO C 349 -34.69 -11.73 19.35
C PRO C 349 -33.22 -11.64 19.05
N VAL C 350 -32.73 -12.46 18.13
CA VAL C 350 -31.33 -12.42 17.75
C VAL C 350 -30.99 -11.06 17.17
N ARG C 351 -31.86 -10.54 16.31
CA ARG C 351 -31.61 -9.24 15.69
C ARG C 351 -31.74 -8.10 16.71
N MET C 352 -32.60 -8.25 17.71
CA MET C 352 -32.65 -7.27 18.79
C MET C 352 -31.38 -7.29 19.62
N GLY C 353 -30.84 -8.49 19.88
CA GLY C 353 -29.60 -8.58 20.63
C GLY C 353 -28.41 -8.06 19.86
N MET C 354 -28.43 -8.18 18.54
CA MET C 354 -27.39 -7.56 17.73
C MET C 354 -27.47 -6.04 17.77
N ASN C 355 -28.69 -5.50 17.88
CA ASN C 355 -28.90 -4.05 17.84
C ASN C 355 -28.60 -3.40 19.18
N TYR C 356 -28.42 -4.19 20.23
CA TYR C 356 -28.08 -3.63 21.54
C TYR C 356 -26.77 -2.88 21.46
N GLN C 357 -26.76 -1.67 22.02
CA GLN C 357 -25.60 -0.78 21.98
C GLN C 357 -25.03 -0.71 23.41
N LYS C 358 -23.94 -1.44 23.64
CA LYS C 358 -23.41 -1.59 24.99
C LYS C 358 -22.90 -0.26 25.53
N ASN C 359 -23.27 0.04 26.77
CA ASN C 359 -22.90 1.26 27.50
C ASN C 359 -23.46 2.53 26.86
N ILE C 360 -24.32 2.39 25.85
CA ILE C 360 -25.19 3.48 25.40
C ILE C 360 -26.64 3.18 25.74
N ASP C 361 -27.07 1.93 25.57
CA ASP C 361 -28.38 1.47 25.99
C ASP C 361 -28.38 1.19 27.49
N VAL C 362 -29.57 1.00 28.05
CA VAL C 362 -29.71 0.62 29.45
C VAL C 362 -29.71 -0.91 29.54
N GLU C 363 -30.06 -1.45 30.71
CA GLU C 363 -30.20 -2.88 30.87
C GLU C 363 -31.51 -3.35 30.23
N TRP C 364 -31.44 -4.44 29.47
CA TRP C 364 -32.62 -5.08 28.89
C TRP C 364 -32.86 -6.41 29.59
N LYS C 365 -33.90 -6.48 30.41
CA LYS C 365 -34.32 -7.73 31.03
C LYS C 365 -35.31 -8.43 30.11
N ILE C 366 -34.95 -9.63 29.68
CA ILE C 366 -35.80 -10.47 28.85
C ILE C 366 -36.45 -11.54 29.72
N PHE C 367 -37.77 -11.63 29.61
CA PHE C 367 -38.64 -12.57 30.32
C PHE C 367 -39.11 -13.66 29.37
N ASN C 368 -39.49 -14.81 29.94
CA ASN C 368 -40.06 -15.89 29.15
C ASN C 368 -41.20 -16.51 29.93
N GLN C 369 -42.37 -16.62 29.32
CA GLN C 369 -43.49 -17.32 29.95
C GLN C 369 -43.19 -18.80 30.13
N GLN C 370 -43.00 -19.21 31.38
CA GLN C 370 -42.93 -20.62 31.69
C GLN C 370 -44.32 -21.14 32.05
N THR C 371 -44.51 -22.45 31.87
CA THR C 371 -45.84 -23.04 31.91
C THR C 371 -46.47 -22.94 33.29
N ASN C 372 -47.70 -22.40 33.33
CA ASN C 372 -48.54 -22.24 34.52
C ASN C 372 -48.08 -21.05 35.35
N VAL C 373 -46.77 -20.82 35.41
CA VAL C 373 -46.23 -19.86 36.37
C VAL C 373 -46.32 -18.43 35.87
N GLY C 374 -46.64 -18.22 34.59
CA GLY C 374 -46.66 -16.90 34.00
C GLY C 374 -45.31 -16.49 33.44
N PHE C 375 -45.20 -15.19 33.14
CA PHE C 375 -43.96 -14.65 32.60
C PHE C 375 -42.92 -14.58 33.70
N ILE C 376 -41.86 -15.36 33.56
CA ILE C 376 -40.78 -15.41 34.55
C ILE C 376 -39.51 -14.84 33.93
N TYR C 377 -38.82 -14.02 34.71
CA TYR C 377 -37.57 -13.42 34.26
C TYR C 377 -36.59 -14.50 33.80
N SER C 378 -35.83 -14.17 32.74
CA SER C 378 -34.86 -15.10 32.19
C SER C 378 -33.45 -14.54 32.23
N LEU C 379 -33.15 -13.47 31.51
CA LEU C 379 -31.77 -12.96 31.53
C LEU C 379 -31.77 -11.47 31.23
N SER C 380 -30.57 -10.89 31.11
CA SER C 380 -30.45 -9.45 30.95
C SER C 380 -29.23 -9.12 30.10
N LEU C 381 -29.32 -8.01 29.38
CA LEU C 381 -28.22 -7.47 28.58
C LEU C 381 -27.78 -6.12 29.16
N LYS C 382 -26.47 -6.00 29.42
CA LYS C 382 -25.88 -4.76 29.91
C LYS C 382 -24.61 -4.43 29.14
N GLY C 383 -23.64 -3.83 29.80
CA GLY C 383 -22.40 -3.45 29.16
C GLY C 383 -21.19 -4.23 29.63
N ILE D 16 -19.43 -35.09 -24.58
CA ILE D 16 -19.69 -33.87 -25.33
C ILE D 16 -18.52 -33.57 -26.26
N PRO D 17 -18.73 -32.75 -27.28
CA PRO D 17 -17.63 -32.45 -28.20
C PRO D 17 -16.57 -31.63 -27.48
N GLU D 18 -15.37 -32.20 -27.35
CA GLU D 18 -14.33 -31.61 -26.53
C GLU D 18 -13.98 -30.20 -26.99
N ARG D 19 -14.29 -29.87 -28.25
CA ARG D 19 -14.18 -28.51 -28.73
C ARG D 19 -15.22 -27.61 -28.05
N VAL D 20 -16.45 -28.13 -27.91
CA VAL D 20 -17.49 -27.36 -27.24
C VAL D 20 -17.16 -27.26 -25.75
N LYS D 21 -16.52 -28.30 -25.20
CA LYS D 21 -16.03 -28.22 -23.83
C LYS D 21 -15.03 -27.08 -23.68
N SER D 22 -14.05 -27.01 -24.58
CA SER D 22 -13.06 -25.92 -24.51
C SER D 22 -13.73 -24.55 -24.65
N ALA D 23 -14.68 -24.44 -25.58
CA ALA D 23 -15.42 -23.19 -25.74
C ALA D 23 -16.11 -22.80 -24.43
N LEU D 24 -16.70 -23.78 -23.75
CA LEU D 24 -17.35 -23.48 -22.47
C LEU D 24 -16.35 -23.04 -21.42
N TRP D 25 -15.19 -23.72 -21.37
CA TRP D 25 -14.13 -23.26 -20.46
C TRP D 25 -13.77 -21.81 -20.74
N SER D 26 -13.87 -21.39 -21.99
CA SER D 26 -13.52 -20.02 -22.33
C SER D 26 -14.62 -19.04 -21.92
N ILE D 27 -15.87 -19.32 -22.29
CA ILE D 27 -16.97 -18.41 -21.96
C ILE D 27 -17.15 -18.22 -20.46
N THR D 28 -16.70 -19.19 -19.65
CA THR D 28 -16.95 -19.15 -18.21
C THR D 28 -15.76 -18.65 -17.40
N ALA D 29 -14.62 -18.40 -18.04
CA ALA D 29 -13.39 -18.01 -17.35
C ALA D 29 -12.92 -19.12 -16.40
N GLY D 30 -13.29 -20.36 -16.68
CA GLY D 30 -12.83 -21.49 -15.91
C GLY D 30 -13.43 -21.63 -14.53
N ARG D 31 -14.73 -21.33 -14.39
CA ARG D 31 -15.32 -21.18 -13.06
C ARG D 31 -16.68 -21.85 -12.96
N CYS D 32 -16.99 -22.30 -11.75
CA CYS D 32 -18.33 -22.74 -11.42
C CYS D 32 -19.32 -21.59 -11.58
N GLU D 33 -20.38 -21.82 -12.36
CA GLU D 33 -21.30 -20.75 -12.69
C GLU D 33 -22.19 -20.33 -11.52
N ILE D 34 -22.01 -20.92 -10.34
CA ILE D 34 -22.69 -20.47 -9.12
C ILE D 34 -21.73 -19.77 -8.16
N CYS D 35 -20.73 -20.49 -7.66
CA CYS D 35 -19.82 -19.96 -6.65
C CYS D 35 -18.53 -19.38 -7.21
N CYS D 36 -18.31 -19.51 -8.52
CA CYS D 36 -17.14 -18.91 -9.19
C CYS D 36 -15.82 -19.42 -8.62
N LYS D 37 -15.76 -20.69 -8.21
CA LYS D 37 -14.50 -21.31 -7.88
C LYS D 37 -13.67 -21.49 -9.15
N LYS D 38 -12.38 -21.15 -9.07
CA LYS D 38 -11.50 -21.38 -10.21
C LYS D 38 -11.27 -22.88 -10.36
N LEU D 39 -11.83 -23.46 -11.41
CA LEU D 39 -11.74 -24.90 -11.62
C LEU D 39 -10.47 -25.31 -12.36
N TYR D 40 -9.57 -24.37 -12.64
CA TYR D 40 -8.26 -24.69 -13.21
C TYR D 40 -7.16 -24.66 -12.16
N ILE D 41 -7.53 -24.73 -10.87
CA ILE D 41 -6.58 -24.65 -9.77
C ILE D 41 -6.99 -25.69 -8.74
N SER D 42 -6.02 -26.44 -8.22
CA SER D 42 -6.34 -27.43 -7.21
C SER D 42 -6.66 -26.72 -5.90
N ASP D 43 -7.60 -27.28 -5.15
CA ASP D 43 -8.04 -26.69 -3.89
C ASP D 43 -7.02 -26.84 -2.76
N VAL D 44 -5.86 -27.46 -2.99
CA VAL D 44 -4.92 -27.72 -1.91
C VAL D 44 -3.52 -27.25 -2.26
N THR D 45 -3.26 -26.99 -3.54
CA THR D 45 -1.91 -26.63 -3.98
C THR D 45 -1.93 -25.59 -5.10
N GLY D 46 -1.03 -25.77 -6.06
CA GLY D 46 -0.86 -24.86 -7.18
C GLY D 46 -1.95 -25.09 -8.20
N SER D 47 -1.60 -25.73 -9.31
CA SER D 47 -2.53 -25.93 -10.40
C SER D 47 -3.11 -27.33 -10.37
N LEU D 48 -4.18 -27.51 -11.15
CA LEU D 48 -4.81 -28.79 -11.38
C LEU D 48 -4.98 -29.00 -12.87
N VAL D 49 -5.51 -30.16 -13.25
CA VAL D 49 -5.79 -30.45 -14.64
C VAL D 49 -6.83 -29.45 -15.13
N ASN D 50 -6.34 -28.29 -15.59
CA ASN D 50 -7.16 -27.09 -15.81
C ASN D 50 -8.46 -27.39 -16.56
N ILE D 51 -9.50 -27.72 -15.80
CA ILE D 51 -10.90 -27.81 -16.20
C ILE D 51 -11.21 -29.17 -16.82
N SER D 52 -10.17 -29.89 -17.26
CA SER D 52 -10.41 -31.19 -17.90
C SER D 52 -11.02 -32.21 -16.94
N GLN D 53 -10.68 -32.16 -15.66
CA GLN D 53 -11.20 -33.13 -14.71
C GLN D 53 -12.09 -32.52 -13.63
N MET D 54 -11.63 -31.44 -12.96
CA MET D 54 -12.40 -30.92 -11.84
C MET D 54 -13.78 -30.45 -12.26
N ALA D 55 -13.92 -29.91 -13.47
CA ALA D 55 -15.21 -29.35 -13.84
C ALA D 55 -16.18 -30.46 -14.19
N HIS D 56 -17.46 -30.22 -13.92
CA HIS D 56 -18.54 -31.12 -14.31
C HIS D 56 -19.58 -30.30 -15.05
N ILE D 57 -19.73 -30.58 -16.34
CA ILE D 57 -20.80 -29.95 -17.10
C ILE D 57 -22.09 -30.72 -16.86
N LYS D 58 -23.15 -29.99 -16.50
CA LYS D 58 -24.48 -30.55 -16.43
C LYS D 58 -25.22 -30.15 -17.69
N ALA D 59 -25.74 -31.13 -18.42
CA ALA D 59 -26.53 -30.85 -19.60
C ALA D 59 -28.01 -30.83 -19.25
N PHE D 60 -28.72 -29.83 -19.74
CA PHE D 60 -30.14 -29.68 -19.48
C PHE D 60 -30.96 -30.69 -20.29
N ASP D 69 -16.28 -26.60 -33.48
CA ASP D 69 -16.77 -27.96 -33.64
C ASP D 69 -18.07 -27.99 -34.43
N GLU D 70 -19.16 -28.26 -33.72
CA GLU D 70 -20.46 -28.48 -34.33
C GLU D 70 -21.05 -27.16 -34.83
N GLU D 71 -22.00 -26.59 -34.08
CA GLU D 71 -22.67 -25.34 -34.45
C GLU D 71 -23.01 -24.66 -33.13
N ASN D 72 -22.03 -23.96 -32.57
CA ASN D 72 -22.15 -23.39 -31.23
C ASN D 72 -22.88 -22.05 -31.25
N ASN D 73 -23.80 -21.90 -30.28
CA ASN D 73 -24.71 -20.79 -30.06
C ASN D 73 -25.91 -20.90 -30.99
N PRO D 74 -27.14 -20.73 -30.48
CA PRO D 74 -27.53 -20.77 -29.06
C PRO D 74 -27.42 -22.15 -28.40
N HIS D 75 -26.58 -23.03 -28.96
CA HIS D 75 -26.20 -24.32 -28.37
C HIS D 75 -26.08 -24.27 -26.85
N GLN D 76 -24.89 -23.91 -26.37
CA GLN D 76 -24.61 -23.79 -24.95
C GLN D 76 -25.59 -22.88 -24.24
N LEU D 77 -26.18 -21.91 -24.96
CA LEU D 77 -27.03 -20.92 -24.31
C LEU D 77 -28.23 -21.55 -23.61
N ASP D 78 -28.78 -22.64 -24.14
CA ASP D 78 -29.90 -23.30 -23.49
C ASP D 78 -29.52 -24.71 -23.03
N ASN D 79 -28.33 -24.89 -22.44
CA ASN D 79 -27.94 -26.23 -22.04
C ASN D 79 -26.98 -26.35 -20.86
N LEU D 80 -25.68 -26.41 -21.16
CA LEU D 80 -24.69 -26.82 -20.19
C LEU D 80 -24.43 -25.72 -19.16
N LEU D 81 -23.75 -26.11 -18.09
CA LEU D 81 -23.13 -25.14 -17.18
C LEU D 81 -22.06 -25.87 -16.38
N LEU D 82 -20.90 -25.23 -16.22
CA LEU D 82 -19.86 -25.81 -15.38
C LEU D 82 -20.28 -25.82 -13.92
N LEU D 83 -19.72 -26.76 -13.18
CA LEU D 83 -19.98 -26.92 -11.76
C LEU D 83 -18.72 -27.51 -11.13
N CYS D 84 -18.47 -27.16 -9.88
CA CYS D 84 -17.45 -27.86 -9.12
C CYS D 84 -18.05 -29.17 -8.63
N ALA D 85 -17.31 -29.91 -7.80
CA ALA D 85 -17.84 -31.15 -7.25
C ALA D 85 -19.05 -30.88 -6.36
N GLU D 86 -18.88 -29.99 -5.37
CA GLU D 86 -19.93 -29.68 -4.42
C GLU D 86 -21.24 -29.31 -5.11
N HIS D 87 -21.21 -28.28 -5.96
CA HIS D 87 -22.44 -27.80 -6.56
C HIS D 87 -22.96 -28.71 -7.67
N HIS D 88 -22.10 -29.52 -8.29
CA HIS D 88 -22.64 -30.54 -9.20
C HIS D 88 -23.45 -31.56 -8.43
N LYS D 89 -22.85 -32.14 -7.39
CA LYS D 89 -23.58 -33.08 -6.54
C LYS D 89 -24.81 -32.44 -5.93
N MET D 90 -24.75 -31.14 -5.63
CA MET D 90 -25.85 -30.44 -4.99
C MET D 90 -27.02 -30.17 -5.93
N ILE D 91 -26.77 -29.70 -7.16
CA ILE D 91 -27.92 -29.24 -7.96
C ILE D 91 -28.62 -30.38 -8.68
N ASP D 92 -27.96 -31.52 -8.89
CA ASP D 92 -28.66 -32.73 -9.26
C ASP D 92 -28.69 -33.58 -8.00
N THR D 93 -29.76 -34.35 -7.83
CA THR D 93 -30.18 -35.00 -6.58
C THR D 93 -30.85 -33.97 -5.67
N ASP D 94 -31.24 -32.84 -6.25
CA ASP D 94 -32.08 -31.79 -5.71
C ASP D 94 -32.74 -31.03 -6.85
N PRO D 95 -33.42 -31.70 -7.79
CA PRO D 95 -34.07 -30.97 -8.89
C PRO D 95 -35.24 -30.11 -8.45
N ASP D 96 -35.67 -30.23 -7.20
CA ASP D 96 -36.79 -29.44 -6.70
C ASP D 96 -36.36 -27.99 -6.49
N ASP D 97 -35.35 -27.78 -5.64
CA ASP D 97 -34.90 -26.43 -5.34
C ASP D 97 -34.12 -25.81 -6.49
N PHE D 98 -33.55 -26.64 -7.38
CA PHE D 98 -32.73 -26.18 -8.49
C PHE D 98 -33.37 -26.55 -9.81
N PRO D 99 -34.47 -25.88 -10.19
CA PRO D 99 -35.07 -26.12 -11.51
C PRO D 99 -34.22 -25.50 -12.60
N VAL D 100 -34.50 -25.90 -13.85
CA VAL D 100 -33.75 -25.38 -14.98
C VAL D 100 -33.98 -23.88 -15.19
N ASP D 101 -35.09 -23.33 -14.69
CA ASP D 101 -35.31 -21.89 -14.82
C ASP D 101 -34.28 -21.11 -14.01
N TRP D 102 -34.11 -21.47 -12.74
CA TRP D 102 -33.10 -20.82 -11.90
C TRP D 102 -31.70 -21.04 -12.47
N LEU D 103 -31.43 -22.23 -13.00
CA LEU D 103 -30.12 -22.52 -13.57
C LEU D 103 -29.85 -21.66 -14.80
N ILE D 104 -30.85 -21.51 -15.67
CA ILE D 104 -30.73 -20.62 -16.82
C ILE D 104 -30.45 -19.20 -16.35
N LYS D 105 -31.13 -18.75 -15.29
CA LYS D 105 -30.88 -17.41 -14.79
C LYS D 105 -29.44 -17.24 -14.34
N GLN D 106 -28.92 -18.18 -13.55
CA GLN D 106 -27.55 -18.05 -13.05
C GLN D 106 -26.55 -18.10 -14.19
N LYS D 107 -26.75 -19.05 -15.13
CA LYS D 107 -25.85 -19.19 -16.27
C LYS D 107 -25.77 -17.91 -17.07
N LYS D 108 -26.92 -17.43 -17.55
CA LYS D 108 -26.92 -16.23 -18.39
C LYS D 108 -26.38 -15.02 -17.65
N GLU D 109 -26.73 -14.88 -16.36
CA GLU D 109 -26.23 -13.74 -15.60
C GLU D 109 -24.71 -13.75 -15.53
N PHE D 110 -24.11 -14.88 -15.13
CA PHE D 110 -22.66 -14.93 -14.99
C PHE D 110 -21.97 -14.78 -16.34
N GLU D 111 -22.47 -15.46 -17.37
CA GLU D 111 -21.84 -15.39 -18.68
C GLU D 111 -21.87 -13.98 -19.24
N GLU D 112 -23.00 -13.28 -19.07
CA GLU D 112 -23.08 -11.91 -19.57
C GLU D 112 -22.22 -10.95 -18.74
N LYS D 113 -22.09 -11.18 -17.43
CA LYS D 113 -21.16 -10.36 -16.66
C LYS D 113 -19.72 -10.59 -17.10
N VAL D 114 -19.43 -11.78 -17.63
CA VAL D 114 -18.09 -12.05 -18.13
C VAL D 114 -17.89 -11.38 -19.49
N ASP D 115 -18.83 -11.64 -20.42
CA ASP D 115 -18.75 -11.14 -21.79
C ASP D 115 -19.02 -9.64 -21.91
N ALA D 116 -19.34 -8.96 -20.81
CA ALA D 116 -19.40 -7.50 -20.86
C ALA D 116 -18.01 -6.84 -20.89
N VAL D 117 -16.89 -7.54 -21.11
CA VAL D 117 -15.60 -6.86 -21.13
C VAL D 117 -15.22 -6.28 -22.48
N ILE D 118 -15.78 -6.78 -23.59
CA ILE D 118 -15.63 -6.09 -24.86
C ILE D 118 -16.10 -4.65 -24.73
N ASP D 119 -17.24 -4.46 -24.08
CA ASP D 119 -17.86 -3.14 -23.93
C ASP D 119 -16.92 -2.12 -23.29
N THR D 120 -15.85 -2.57 -22.63
CA THR D 120 -14.88 -1.66 -22.02
C THR D 120 -13.47 -1.80 -22.57
N GLN D 121 -13.26 -2.63 -23.60
CA GLN D 121 -11.95 -2.73 -24.22
C GLN D 121 -11.81 -1.79 -25.41
N ARG D 122 -11.03 -2.21 -26.41
CA ARG D 122 -10.89 -1.43 -27.63
C ARG D 122 -12.16 -1.52 -28.47
N ILE D 123 -12.28 -0.60 -29.42
CA ILE D 123 -13.46 -0.51 -30.28
C ILE D 123 -13.04 -0.67 -31.73
N LYS D 124 -13.91 -1.31 -32.52
CA LYS D 124 -13.68 -1.47 -33.94
C LYS D 124 -13.50 -0.10 -34.60
N SER D 125 -12.66 -0.06 -35.62
CA SER D 125 -12.48 1.19 -36.36
C SER D 125 -12.04 0.90 -37.78
N SER D 126 -12.74 1.48 -38.75
CA SER D 126 -12.29 1.45 -40.13
C SER D 126 -11.26 2.56 -40.35
N ILE D 127 -10.62 2.50 -41.51
CA ILE D 127 -9.48 3.37 -41.81
C ILE D 127 -9.75 4.05 -43.15
N LEU D 128 -9.65 5.38 -43.17
CA LEU D 128 -9.73 6.14 -44.42
C LEU D 128 -8.42 6.87 -44.62
N SER D 129 -7.77 6.60 -45.75
CA SER D 129 -6.47 7.18 -46.07
C SER D 129 -6.61 8.10 -47.27
N PHE D 130 -5.89 9.22 -47.23
CA PHE D 130 -5.93 10.20 -48.30
C PHE D 130 -4.56 10.83 -48.42
N ASN D 131 -3.88 10.58 -49.53
CA ASN D 131 -2.50 11.05 -49.73
C ASN D 131 -2.38 11.54 -51.16
N SER D 132 -2.41 12.86 -51.34
CA SER D 132 -2.26 13.46 -52.65
C SER D 132 -0.81 13.74 -53.01
N ILE D 133 0.12 13.50 -52.10
CA ILE D 133 1.53 13.77 -52.33
C ILE D 133 2.31 12.47 -52.57
N ILE D 134 2.04 11.42 -51.79
CA ILE D 134 2.81 10.18 -51.90
C ILE D 134 2.46 9.46 -53.20
N THR D 135 3.48 9.22 -54.01
CA THR D 135 3.32 8.61 -55.34
C THR D 135 3.94 7.23 -55.45
N LYS D 136 5.15 7.02 -54.93
CA LYS D 136 5.79 5.71 -54.99
C LYS D 136 5.00 4.69 -54.20
N ASN D 137 4.76 3.52 -54.80
CA ASN D 137 3.89 2.52 -54.18
C ASN D 137 4.54 1.87 -52.98
N ASP D 138 5.85 1.63 -53.03
CA ASP D 138 6.50 1.00 -51.88
C ASP D 138 6.53 1.92 -50.67
N GLU D 139 6.12 3.18 -50.82
CA GLU D 139 5.92 4.09 -49.69
C GLU D 139 4.46 4.09 -49.26
N ILE D 140 3.53 3.96 -50.21
CA ILE D 140 2.12 3.84 -49.89
C ILE D 140 1.90 2.66 -48.95
N LYS D 141 2.47 1.50 -49.28
CA LYS D 141 2.36 0.33 -48.42
C LYS D 141 3.07 0.55 -47.09
N ASN D 142 4.28 1.12 -47.12
CA ASN D 142 5.01 1.41 -45.90
C ASN D 142 4.17 2.21 -44.90
N GLU D 143 3.41 3.19 -45.39
CA GLU D 143 2.63 4.01 -44.47
C GLU D 143 1.30 3.35 -44.12
N GLU D 144 0.70 2.65 -45.08
CA GLU D 144 -0.56 1.96 -44.84
C GLU D 144 -0.41 0.79 -43.90
N ALA D 145 0.81 0.27 -43.73
CA ALA D 145 1.09 -0.77 -42.75
C ALA D 145 1.13 -0.29 -41.31
N GLU D 146 1.18 1.02 -41.06
CA GLU D 146 1.28 1.51 -39.68
C GLU D 146 -0.04 2.03 -39.13
N PHE D 147 -1.10 2.05 -39.94
CA PHE D 147 -2.37 2.60 -39.46
C PHE D 147 -2.99 1.72 -38.38
N PRO D 148 -3.12 0.40 -38.55
CA PRO D 148 -3.69 -0.42 -37.46
C PRO D 148 -2.90 -0.33 -36.17
N LYS D 149 -1.59 -0.10 -36.25
CA LYS D 149 -0.80 0.06 -35.04
C LYS D 149 -1.21 1.32 -34.27
N VAL D 150 -1.38 2.43 -34.98
CA VAL D 150 -1.88 3.64 -34.35
C VAL D 150 -3.27 3.42 -33.77
N LEU D 151 -4.12 2.69 -34.49
CA LEU D 151 -5.44 2.37 -33.97
C LEU D 151 -5.34 1.60 -32.66
N LEU D 152 -4.44 0.62 -32.60
CA LEU D 152 -4.23 -0.11 -31.34
C LEU D 152 -3.77 0.83 -30.23
N PHE D 153 -2.84 1.74 -30.54
CA PHE D 153 -2.34 2.65 -29.53
C PHE D 153 -3.34 3.76 -29.17
N ASN D 154 -4.45 3.87 -29.89
CA ASN D 154 -5.46 4.88 -29.60
C ASN D 154 -6.80 4.25 -29.28
N ASP D 155 -6.80 3.10 -28.62
CA ASP D 155 -8.01 2.43 -28.13
C ASP D 155 -8.94 2.07 -29.29
N ASN D 156 -8.36 1.47 -30.32
CA ASN D 156 -9.12 0.97 -31.47
C ASN D 156 -8.51 -0.34 -31.93
N TYR D 157 -9.19 -0.99 -32.86
CA TYR D 157 -8.58 -2.08 -33.61
C TYR D 157 -9.19 -2.13 -35.01
N PHE D 158 -8.33 -2.44 -35.98
CA PHE D 158 -8.71 -2.37 -37.39
C PHE D 158 -9.75 -3.44 -37.72
N ASP D 159 -10.88 -3.01 -38.28
CA ASP D 159 -11.97 -3.92 -38.61
C ASP D 159 -11.91 -4.42 -40.06
N GLY D 160 -10.76 -4.26 -40.72
CA GLY D 160 -10.61 -4.75 -42.07
C GLY D 160 -10.98 -3.77 -43.16
N ASN D 161 -11.74 -2.73 -42.84
CA ASN D 161 -12.24 -1.78 -43.84
C ASN D 161 -11.25 -0.62 -43.98
N ILE D 162 -10.57 -0.55 -45.12
CA ILE D 162 -9.74 0.60 -45.46
C ILE D 162 -10.28 1.24 -46.74
N TYR D 163 -10.48 2.56 -46.70
CA TYR D 163 -11.00 3.32 -47.82
C TYR D 163 -9.95 4.30 -48.30
N ARG D 164 -9.70 4.31 -49.61
CA ARG D 164 -8.70 5.19 -50.20
C ARG D 164 -9.36 6.19 -51.15
N ILE D 165 -9.06 7.46 -50.96
CA ILE D 165 -9.50 8.52 -51.87
C ILE D 165 -8.44 8.73 -52.94
N ASN D 166 -8.86 8.68 -54.20
CA ASN D 166 -7.93 8.71 -55.33
C ASN D 166 -7.42 10.12 -55.60
N ASN D 167 -6.10 10.26 -55.72
CA ASN D 167 -5.50 11.47 -56.29
C ASN D 167 -5.43 11.33 -57.81
N ALA D 168 -6.61 11.10 -58.40
CA ALA D 168 -6.70 10.77 -59.82
C ALA D 168 -6.42 11.98 -60.72
N LEU D 169 -6.32 13.18 -60.18
CA LEU D 169 -6.12 14.39 -60.95
C LEU D 169 -4.77 15.03 -60.65
N SER D 170 -3.84 14.26 -60.08
CA SER D 170 -2.47 14.68 -59.78
C SER D 170 -1.82 15.52 -60.87
N GLY D 171 -2.05 15.15 -62.14
CA GLY D 171 -1.39 15.85 -63.23
C GLY D 171 -1.97 17.22 -63.51
N ILE D 172 -3.19 17.48 -63.03
CA ILE D 172 -3.84 18.78 -63.18
C ILE D 172 -3.72 19.60 -61.89
N GLU D 173 -2.81 19.21 -60.99
CA GLU D 173 -2.77 19.81 -59.66
C GLU D 173 -2.42 21.31 -59.70
N HIS D 174 -1.91 21.82 -60.82
CA HIS D 174 -1.59 23.24 -60.94
C HIS D 174 -2.48 23.96 -61.96
N ASP D 175 -3.56 23.34 -62.41
CA ASP D 175 -4.48 24.03 -63.31
C ASP D 175 -5.51 24.79 -62.49
N PRO D 176 -5.79 26.06 -62.82
CA PRO D 176 -6.73 26.86 -62.02
C PRO D 176 -8.02 26.16 -61.61
N MET D 177 -8.46 25.16 -62.38
CA MET D 177 -9.71 24.47 -62.10
C MET D 177 -9.53 23.21 -61.26
N TYR D 178 -8.28 22.86 -60.92
CA TYR D 178 -8.00 21.60 -60.23
C TYR D 178 -8.95 21.37 -59.07
N TYR D 179 -8.99 22.32 -58.14
CA TYR D 179 -9.82 22.16 -56.94
C TYR D 179 -11.26 21.85 -57.31
N ASP D 180 -11.84 22.65 -58.21
CA ASP D 180 -13.23 22.45 -58.62
C ASP D 180 -13.48 21.00 -59.02
N LEU D 181 -12.55 20.41 -59.77
CA LEU D 181 -12.74 19.03 -60.18
C LEU D 181 -12.44 18.07 -59.04
N MET D 182 -11.33 18.31 -58.33
CA MET D 182 -10.87 17.36 -57.32
C MET D 182 -11.91 17.21 -56.21
N CYS D 183 -12.45 18.34 -55.73
CA CYS D 183 -13.54 18.30 -54.77
C CYS D 183 -14.59 17.29 -55.20
N GLN D 184 -15.12 17.46 -56.42
CA GLN D 184 -16.18 16.57 -56.88
C GLN D 184 -15.69 15.14 -56.90
N SER D 185 -14.47 14.92 -57.39
CA SER D 185 -13.88 13.57 -57.34
C SER D 185 -13.99 13.02 -55.93
N MET D 186 -13.43 13.75 -54.95
CA MET D 186 -13.53 13.33 -53.56
C MET D 186 -14.98 13.05 -53.20
N LYS D 187 -15.85 14.01 -53.51
CA LYS D 187 -17.27 13.88 -53.19
C LYS D 187 -17.80 12.54 -53.70
N GLN D 188 -17.59 12.26 -54.99
CA GLN D 188 -18.12 11.03 -55.55
C GLN D 188 -17.61 9.83 -54.77
N GLN D 189 -16.29 9.77 -54.55
CA GLN D 189 -15.73 8.62 -53.85
C GLN D 189 -16.36 8.47 -52.48
N ILE D 190 -16.50 9.58 -51.74
CA ILE D 190 -17.09 9.52 -50.41
C ILE D 190 -18.48 8.91 -50.50
N GLU D 191 -19.29 9.40 -51.45
CA GLU D 191 -20.65 8.90 -51.55
C GLU D 191 -20.67 7.43 -51.99
N LYS D 192 -19.70 6.99 -52.79
CA LYS D 192 -19.72 5.59 -53.18
C LYS D 192 -19.46 4.67 -51.99
N ILE D 193 -19.08 5.23 -50.84
CA ILE D 193 -18.91 4.45 -49.62
C ILE D 193 -19.69 5.10 -48.48
N LYS D 194 -20.71 5.89 -48.81
CA LYS D 194 -21.46 6.60 -47.78
C LYS D 194 -22.07 5.65 -46.76
N ILE D 195 -22.61 4.53 -47.21
CA ILE D 195 -23.32 3.59 -46.34
C ILE D 195 -22.39 2.88 -45.36
N PRO D 196 -21.24 2.34 -45.78
CA PRO D 196 -20.32 1.73 -44.79
C PRO D 196 -19.70 2.73 -43.82
N LEU D 197 -19.82 4.04 -44.07
CA LEU D 197 -19.24 5.02 -43.15
C LEU D 197 -20.18 5.38 -42.00
N ASN D 198 -21.46 5.61 -42.29
CA ASN D 198 -22.40 5.95 -41.22
C ASN D 198 -22.63 4.76 -40.29
N SER D 199 -22.48 3.55 -40.79
CA SER D 199 -22.68 2.34 -39.98
C SER D 199 -21.38 1.84 -39.36
N SER D 200 -20.27 2.52 -39.59
CA SER D 200 -18.99 2.12 -39.01
C SER D 200 -18.94 2.48 -37.53
N GLU D 201 -18.38 1.57 -36.73
CA GLU D 201 -18.14 1.83 -35.32
C GLU D 201 -17.37 3.12 -35.14
N THR D 202 -16.16 3.18 -35.70
CA THR D 202 -15.30 4.35 -35.64
C THR D 202 -14.57 4.48 -36.97
N ILE D 203 -14.29 5.72 -37.36
CA ILE D 203 -13.53 6.01 -38.57
C ILE D 203 -12.27 6.75 -38.16
N SER D 204 -11.11 6.15 -38.43
CA SER D 204 -9.83 6.79 -38.22
C SER D 204 -9.33 7.32 -39.56
N VAL D 205 -9.00 8.61 -39.60
CA VAL D 205 -8.65 9.30 -40.83
C VAL D 205 -7.16 9.61 -40.80
N PHE D 206 -6.46 9.21 -41.87
CA PHE D 206 -5.06 9.57 -42.08
C PHE D 206 -5.03 10.28 -43.42
N ALA D 207 -5.14 11.61 -43.36
CA ALA D 207 -5.21 12.46 -44.54
C ALA D 207 -4.05 13.44 -44.54
N ILE D 208 -3.52 13.69 -45.72
CA ILE D 208 -2.41 14.62 -45.91
C ILE D 208 -2.46 15.12 -47.35
N ALA D 209 -2.65 16.43 -47.50
CA ALA D 209 -3.01 17.06 -48.77
C ALA D 209 -3.02 18.58 -48.54
N PRO D 210 -3.17 19.40 -49.57
CA PRO D 210 -3.31 20.85 -49.34
C PRO D 210 -4.48 21.16 -48.42
N GLN D 211 -4.29 22.17 -47.58
CA GLN D 211 -5.29 22.54 -46.57
C GLN D 211 -6.69 22.75 -47.13
N PRO D 212 -6.90 23.35 -48.31
CA PRO D 212 -8.29 23.40 -48.83
C PRO D 212 -8.90 22.03 -49.03
N LEU D 213 -8.12 21.07 -49.55
CA LEU D 213 -8.63 19.72 -49.73
C LEU D 213 -8.85 19.02 -48.40
N LEU D 214 -8.01 19.31 -47.40
CA LEU D 214 -8.22 18.75 -46.08
C LEU D 214 -9.51 19.30 -45.45
N LEU D 215 -9.74 20.60 -45.58
CA LEU D 215 -11.00 21.20 -45.13
C LEU D 215 -12.18 20.54 -45.82
N TYR D 216 -12.10 20.35 -47.14
CA TYR D 216 -13.22 19.75 -47.85
C TYR D 216 -13.46 18.30 -47.45
N LEU D 217 -12.40 17.55 -47.15
CA LEU D 217 -12.58 16.18 -46.70
C LEU D 217 -13.33 16.12 -45.37
N GLY D 218 -12.92 16.97 -44.41
CA GLY D 218 -13.67 17.08 -43.17
C GLY D 218 -15.12 17.46 -43.39
N TYR D 219 -15.40 18.24 -44.43
CA TYR D 219 -16.76 18.64 -44.75
C TYR D 219 -17.58 17.45 -45.23
N LEU D 220 -17.01 16.61 -46.10
CA LEU D 220 -17.75 15.46 -46.61
C LEU D 220 -18.04 14.44 -45.51
N LEU D 221 -17.12 14.27 -44.58
CA LEU D 221 -17.32 13.34 -43.46
C LEU D 221 -18.40 13.88 -42.53
N ASN D 222 -18.03 14.90 -41.73
CA ASN D 222 -18.97 15.65 -40.89
C ASN D 222 -19.69 14.79 -39.86
N ASP D 223 -19.00 14.45 -38.77
CA ASP D 223 -19.58 13.64 -37.70
C ASP D 223 -19.18 14.18 -36.33
N GLU D 224 -17.86 14.19 -36.07
CA GLU D 224 -17.16 14.77 -34.92
C GLU D 224 -16.82 13.73 -33.85
N THR D 225 -17.83 13.02 -33.33
CA THR D 225 -17.59 12.15 -32.18
C THR D 225 -17.04 10.78 -32.60
N ASN D 226 -17.68 10.15 -33.59
CA ASN D 226 -17.30 8.81 -34.02
C ASN D 226 -16.20 8.80 -35.06
N ILE D 227 -15.51 9.93 -35.26
CA ILE D 227 -14.41 10.02 -36.22
C ILE D 227 -13.21 10.64 -35.52
N LYS D 228 -12.06 9.98 -35.63
CA LYS D 228 -10.79 10.47 -35.09
C LYS D 228 -9.86 10.87 -36.23
N ILE D 229 -9.43 12.12 -36.24
CA ILE D 229 -8.55 12.66 -37.27
C ILE D 229 -7.12 12.62 -36.76
N TYR D 230 -6.24 11.93 -37.49
CA TYR D 230 -4.86 11.73 -37.07
C TYR D 230 -3.93 12.59 -37.91
N GLN D 231 -2.79 12.93 -37.33
CA GLN D 231 -1.78 13.79 -37.93
C GLN D 231 -0.49 13.02 -38.16
N ARG D 232 0.19 13.31 -39.26
CA ARG D 232 1.50 12.74 -39.55
C ARG D 232 2.56 13.68 -38.99
N PHE D 233 3.53 13.10 -38.28
CA PHE D 233 4.64 13.83 -37.68
C PHE D 233 5.92 13.55 -38.45
N ARG D 234 6.95 14.35 -38.17
CA ARG D 234 8.23 14.19 -38.86
C ARG D 234 8.99 12.97 -38.35
N THR D 235 9.09 12.83 -37.04
CA THR D 235 9.99 11.88 -36.39
C THR D 235 9.24 10.76 -35.69
N GLY D 236 9.95 9.68 -35.43
CA GLY D 236 9.45 8.59 -34.63
C GLY D 236 9.24 7.32 -35.43
N ASN D 237 9.05 6.23 -34.68
CA ASN D 237 8.77 4.93 -35.29
C ASN D 237 7.43 4.95 -36.02
N LEU D 238 6.42 5.55 -35.41
CA LEU D 238 5.09 5.70 -35.99
C LEU D 238 4.87 7.19 -36.26
N LYS D 239 5.05 7.61 -37.51
CA LYS D 239 4.87 9.02 -37.85
C LYS D 239 3.46 9.51 -37.56
N TRP D 240 2.47 8.63 -37.66
CA TRP D 240 1.08 9.04 -37.58
C TRP D 240 0.47 8.97 -36.18
N ASN D 241 1.20 8.40 -35.20
CA ASN D 241 0.67 8.37 -33.85
C ASN D 241 0.96 9.68 -33.14
N TRP D 242 0.07 10.03 -32.21
CA TRP D 242 0.21 11.27 -31.46
C TRP D 242 1.51 11.29 -30.65
N GLU D 243 1.97 12.50 -30.35
CA GLU D 243 3.18 12.70 -29.56
C GLU D 243 2.88 13.09 -28.11
N SER D 244 1.61 13.37 -27.78
CA SER D 244 1.20 13.64 -26.42
C SER D 244 -0.21 13.11 -26.22
N SER D 245 -0.56 12.87 -24.96
CA SER D 245 -1.90 12.46 -24.58
C SER D 245 -2.63 13.54 -23.78
N GLU D 246 -2.12 14.77 -23.81
CA GLU D 246 -2.64 15.86 -23.01
C GLU D 246 -2.35 17.18 -23.71
N ILE D 247 -3.04 18.22 -23.28
CA ILE D 247 -2.95 19.52 -23.95
C ILE D 247 -1.54 20.07 -23.80
N THR D 248 -0.96 20.52 -24.93
CA THR D 248 0.42 21.00 -24.95
C THR D 248 0.56 22.36 -25.63
N ASN D 249 -0.52 23.12 -25.75
CA ASN D 249 -0.46 24.43 -26.39
C ASN D 249 -1.66 25.26 -25.98
N ASN D 250 -1.49 26.57 -26.02
CA ASN D 250 -2.58 27.53 -25.81
C ASN D 250 -2.89 28.23 -27.11
N PHE D 251 -4.18 28.33 -27.43
CA PHE D 251 -4.66 28.99 -28.64
C PHE D 251 -5.48 30.21 -28.25
N TYR D 252 -5.21 31.34 -28.90
CA TYR D 252 -5.91 32.58 -28.59
C TYR D 252 -6.25 33.32 -29.86
N VAL D 253 -7.03 34.39 -29.70
CA VAL D 253 -7.61 35.15 -30.81
C VAL D 253 -7.20 36.61 -30.64
N GLU D 254 -6.86 37.26 -31.76
CA GLU D 254 -6.54 38.67 -31.77
C GLU D 254 -7.30 39.34 -32.89
N GLN D 255 -8.17 40.28 -32.55
CA GLN D 255 -8.99 40.97 -33.55
C GLN D 255 -8.31 42.26 -33.99
N LEU D 256 -8.40 42.55 -35.29
CA LEU D 256 -7.74 43.69 -35.90
C LEU D 256 -8.76 44.74 -36.31
N TYR D 257 -9.74 44.97 -35.43
CA TYR D 257 -10.77 45.96 -35.67
C TYR D 257 -11.38 46.34 -34.32
N THR D 258 -11.66 47.62 -34.15
CA THR D 258 -12.03 48.14 -32.83
C THR D 258 -13.41 47.64 -32.40
N ASP D 259 -14.38 47.68 -33.30
CA ASP D 259 -15.70 47.13 -33.03
C ASP D 259 -16.39 46.78 -34.33
N GLY D 260 -17.51 46.07 -34.21
CA GLY D 260 -18.20 45.54 -35.35
C GLY D 260 -19.08 46.57 -36.02
N ASN D 261 -19.60 46.20 -37.19
CA ASN D 261 -20.50 47.07 -37.95
C ASN D 261 -21.58 46.19 -38.54
N GLU D 262 -22.41 46.77 -39.41
CA GLU D 262 -23.53 46.04 -40.00
C GLU D 262 -23.55 46.13 -41.51
N ILE D 263 -22.53 46.72 -42.14
CA ILE D 263 -22.49 46.83 -43.60
C ILE D 263 -21.49 45.82 -44.16
N ASP D 264 -20.45 45.51 -43.38
CA ASP D 264 -19.41 44.62 -43.88
C ASP D 264 -19.98 43.20 -44.02
N THR D 265 -19.66 42.56 -45.14
CA THR D 265 -20.23 41.25 -45.47
C THR D 265 -19.21 40.12 -45.46
N GLU D 266 -17.92 40.41 -45.35
CA GLU D 266 -16.88 39.40 -45.42
C GLU D 266 -15.88 39.65 -44.31
N VAL D 267 -15.32 38.59 -43.75
CA VAL D 267 -14.34 38.73 -42.68
C VAL D 267 -13.16 37.81 -42.96
N ASN D 268 -11.94 38.32 -42.77
CA ASN D 268 -10.72 37.55 -42.95
C ASN D 268 -10.30 36.87 -41.65
N LEU D 269 -10.12 35.56 -41.71
CA LEU D 269 -9.64 34.77 -40.58
C LEU D 269 -8.28 34.19 -40.96
N ILE D 270 -7.27 34.49 -40.14
CA ILE D 270 -5.89 34.13 -40.43
C ILE D 270 -5.45 33.15 -39.36
N LEU D 271 -5.16 31.91 -39.76
CA LEU D 271 -4.77 30.85 -38.83
C LEU D 271 -3.25 30.74 -38.84
N SER D 272 -2.62 31.16 -37.75
CA SER D 272 -1.16 31.18 -37.64
C SER D 272 -0.72 30.14 -36.60
N LEU D 273 -0.76 28.88 -37.01
CA LEU D 273 -0.22 27.78 -36.20
C LEU D 273 1.15 27.35 -36.69
N SER D 274 1.27 26.98 -37.97
CA SER D 274 2.54 26.52 -38.51
C SER D 274 3.53 27.66 -38.65
N ALA D 275 3.06 28.84 -39.05
CA ALA D 275 3.91 30.03 -39.10
C ALA D 275 3.07 31.24 -38.77
N GLU D 276 3.73 32.38 -38.62
CA GLU D 276 3.04 33.65 -38.38
C GLU D 276 2.82 34.31 -39.74
N ILE D 277 1.60 34.21 -40.25
CA ILE D 277 1.26 34.81 -41.53
C ILE D 277 1.32 36.33 -41.39
N SER D 278 2.18 36.96 -42.18
CA SER D 278 2.27 38.41 -42.17
C SER D 278 1.13 39.00 -43.00
N LEU D 279 0.58 40.12 -42.52
CA LEU D 279 -0.67 40.63 -43.07
C LEU D 279 -0.53 41.12 -44.50
N ASP D 280 0.68 41.52 -44.90
CA ASP D 280 0.91 41.93 -46.29
C ASP D 280 0.82 40.78 -47.27
N ARG D 281 0.55 39.56 -46.80
CA ARG D 281 0.28 38.42 -47.67
C ARG D 281 -1.21 38.26 -47.97
N ILE D 282 -2.07 39.07 -47.37
CA ILE D 282 -3.51 38.91 -47.49
C ILE D 282 -3.97 39.79 -48.69
N PRO D 283 -4.62 39.20 -49.70
CA PRO D 283 -5.04 39.98 -50.87
C PRO D 283 -5.73 41.30 -50.55
N THR D 284 -5.43 42.33 -51.34
CA THR D 284 -6.00 43.66 -51.13
C THR D 284 -7.48 43.68 -51.48
N LYS D 291 -11.67 49.07 -45.24
CA LYS D 291 -10.83 47.87 -45.33
C LYS D 291 -11.42 46.75 -44.48
N VAL D 292 -11.14 45.51 -44.88
CA VAL D 292 -11.90 44.35 -44.40
C VAL D 292 -11.44 44.00 -42.99
N PRO D 293 -12.37 43.75 -42.06
CA PRO D 293 -11.97 43.33 -40.71
C PRO D 293 -11.35 41.95 -40.71
N THR D 294 -10.33 41.78 -39.86
CA THR D 294 -9.54 40.55 -39.83
C THR D 294 -9.32 40.11 -38.38
N LEU D 295 -9.39 38.79 -38.16
CA LEU D 295 -8.98 38.16 -36.92
C LEU D 295 -7.84 37.19 -37.18
N ILE D 296 -6.98 37.02 -36.17
CA ILE D 296 -5.87 36.06 -36.22
C ILE D 296 -6.05 35.06 -35.08
N LEU D 297 -5.98 33.78 -35.40
CA LEU D 297 -6.05 32.70 -34.42
C LEU D 297 -4.66 32.07 -34.31
N ARG D 298 -4.03 32.25 -33.15
CA ARG D 298 -2.66 31.78 -32.94
C ARG D 298 -2.59 30.69 -31.89
N SER D 299 -1.44 30.01 -31.90
CA SER D 299 -0.98 29.14 -30.83
C SER D 299 0.26 29.76 -30.18
N ASP D 300 0.40 29.56 -28.86
CA ASP D 300 1.59 30.04 -28.17
C ASP D 300 2.85 29.55 -28.88
N ARG D 301 3.01 28.22 -28.97
CA ARG D 301 4.11 27.63 -29.72
C ARG D 301 3.67 27.49 -31.17
N GLN D 302 4.21 28.33 -32.04
CA GLN D 302 3.96 28.22 -33.46
C GLN D 302 5.06 27.39 -34.10
N GLY D 303 4.76 26.81 -35.25
CA GLY D 303 5.83 26.14 -35.94
C GLY D 303 5.45 24.76 -36.39
N PHE D 304 6.50 23.96 -36.59
CA PHE D 304 6.40 22.63 -37.18
C PHE D 304 5.72 21.65 -36.24
N ASP D 305 5.72 21.93 -34.94
CA ASP D 305 5.17 21.06 -33.91
C ASP D 305 4.12 21.79 -33.07
N ALA D 306 3.36 22.69 -33.70
CA ALA D 306 2.31 23.42 -32.96
C ALA D 306 1.25 22.49 -32.39
N ILE D 307 0.93 21.41 -33.11
CA ILE D 307 -0.04 20.42 -32.64
C ILE D 307 0.71 19.14 -32.29
N LYS D 308 0.51 18.66 -31.06
CA LYS D 308 1.18 17.45 -30.59
C LYS D 308 0.23 16.38 -30.07
N SER D 309 -1.02 16.71 -29.78
CA SER D 309 -1.97 15.75 -29.24
C SER D 309 -3.36 16.04 -29.80
N ASN D 310 -4.21 15.01 -29.81
CA ASN D 310 -5.62 15.22 -30.13
C ASN D 310 -6.25 16.25 -29.21
N GLU D 311 -5.76 16.34 -27.97
CA GLU D 311 -6.27 17.35 -27.05
C GLU D 311 -5.96 18.75 -27.56
N ASP D 312 -4.79 18.92 -28.19
CA ASP D 312 -4.47 20.18 -28.83
C ASP D 312 -5.50 20.54 -29.88
N VAL D 313 -5.89 19.58 -30.72
CA VAL D 313 -6.86 19.85 -31.77
C VAL D 313 -8.23 20.17 -31.19
N ASN D 314 -8.63 19.44 -30.14
CA ASN D 314 -9.90 19.74 -29.48
C ASN D 314 -9.90 21.17 -28.94
N GLU D 315 -8.81 21.58 -28.29
CA GLU D 315 -8.72 22.92 -27.76
C GLU D 315 -8.72 23.96 -28.86
N TYR D 316 -8.01 23.69 -29.96
CA TYR D 316 -8.01 24.60 -31.10
C TYR D 316 -9.42 24.79 -31.63
N ILE D 317 -10.14 23.68 -31.85
CA ILE D 317 -11.48 23.77 -32.41
C ILE D 317 -12.41 24.48 -31.45
N SER D 318 -12.17 24.35 -30.14
CA SER D 318 -12.95 25.11 -29.17
C SER D 318 -12.73 26.60 -29.31
N VAL D 319 -11.46 27.03 -29.34
CA VAL D 319 -11.17 28.45 -29.54
C VAL D 319 -11.70 28.94 -30.88
N PHE D 320 -11.72 28.06 -31.88
CA PHE D 320 -12.14 28.43 -33.23
C PHE D 320 -13.65 28.65 -33.30
N ARG D 321 -14.43 27.67 -32.83
CA ARG D 321 -15.88 27.75 -32.98
C ARG D 321 -16.46 28.86 -32.11
N ASN D 322 -16.05 28.93 -30.85
CA ASN D 322 -16.64 29.90 -29.93
C ASN D 322 -16.02 31.29 -30.12
N LEU D 323 -14.73 31.42 -29.82
CA LEU D 323 -14.06 32.72 -29.78
C LEU D 323 -13.78 33.30 -31.16
N VAL D 324 -14.11 32.62 -32.25
CA VAL D 324 -13.87 33.17 -33.58
C VAL D 324 -15.17 33.20 -34.37
N VAL D 325 -15.69 32.02 -34.72
CA VAL D 325 -16.82 31.96 -35.66
C VAL D 325 -18.06 32.60 -35.07
N GLU D 326 -18.39 32.24 -33.82
CA GLU D 326 -19.56 32.84 -33.18
C GLU D 326 -19.34 34.33 -32.91
N LYS D 327 -18.13 34.69 -32.48
CA LYS D 327 -17.79 36.10 -32.33
C LYS D 327 -17.96 36.87 -33.63
N ILE D 328 -17.51 36.28 -34.74
CA ILE D 328 -17.64 36.94 -36.04
C ILE D 328 -19.11 37.09 -36.40
N ARG D 329 -19.91 36.05 -36.15
CA ARG D 329 -21.34 36.12 -36.44
C ARG D 329 -22.02 37.20 -35.62
N ASN D 330 -21.55 37.44 -34.40
CA ASN D 330 -22.12 38.49 -33.57
C ASN D 330 -21.70 39.88 -34.07
N ASP D 331 -20.39 40.11 -34.20
CA ASP D 331 -19.89 41.43 -34.57
C ASP D 331 -20.40 41.92 -35.91
N PHE D 332 -20.87 41.02 -36.78
CA PHE D 332 -21.28 41.38 -38.14
C PHE D 332 -22.57 40.65 -38.48
N PRO D 333 -23.72 41.22 -38.12
CA PRO D 333 -25.00 40.56 -38.45
C PRO D 333 -25.27 40.44 -39.94
N ASN D 334 -24.63 41.25 -40.79
CA ASN D 334 -24.71 41.06 -42.23
C ASN D 334 -23.54 40.24 -42.77
N LEU D 335 -23.02 39.32 -41.96
CA LEU D 335 -21.97 38.43 -42.44
C LEU D 335 -22.52 37.45 -43.46
N LYS D 336 -21.79 37.27 -44.54
CA LYS D 336 -22.16 36.30 -45.56
C LYS D 336 -20.97 35.46 -46.03
N CYS D 337 -19.77 35.68 -45.49
CA CYS D 337 -18.59 35.00 -46.00
C CYS D 337 -17.39 35.21 -45.08
N ILE D 338 -16.68 34.11 -44.83
CA ILE D 338 -15.41 34.11 -44.11
C ILE D 338 -14.30 33.68 -45.07
N ASN D 339 -13.24 34.47 -45.13
CA ASN D 339 -12.09 34.20 -46.00
C ASN D 339 -10.97 33.66 -45.13
N ILE D 340 -10.64 32.38 -45.30
CA ILE D 340 -9.71 31.68 -44.44
C ILE D 340 -8.32 31.65 -45.08
N PHE D 341 -7.32 32.11 -44.35
CA PHE D 341 -5.92 32.07 -44.78
C PHE D 341 -5.15 31.21 -43.78
N PRO D 342 -4.89 29.95 -44.09
CA PRO D 342 -4.38 29.02 -43.08
C PRO D 342 -2.89 28.73 -43.17
N ALA D 343 -2.27 28.44 -42.02
CA ALA D 343 -0.93 27.87 -41.94
C ALA D 343 -1.00 26.84 -40.80
N THR D 344 -1.59 25.69 -41.09
CA THR D 344 -1.96 24.72 -40.07
C THR D 344 -1.50 23.33 -40.45
N PRO D 345 -1.19 22.49 -39.46
CA PRO D 345 -0.91 21.07 -39.73
C PRO D 345 -2.15 20.36 -40.25
N VAL D 346 -1.95 19.12 -40.70
CA VAL D 346 -2.95 18.45 -41.55
C VAL D 346 -4.25 18.21 -40.80
N SER D 347 -4.19 17.87 -39.50
CA SER D 347 -5.40 17.49 -38.79
C SER D 347 -6.37 18.66 -38.63
N VAL D 348 -5.85 19.87 -38.59
CA VAL D 348 -6.62 21.07 -38.25
C VAL D 348 -7.64 21.44 -39.32
N PRO D 349 -7.30 21.49 -40.61
CA PRO D 349 -8.33 21.78 -41.61
C PRO D 349 -9.41 20.70 -41.69
N VAL D 350 -9.02 19.43 -41.57
CA VAL D 350 -10.01 18.36 -41.56
C VAL D 350 -10.98 18.53 -40.40
N ARG D 351 -10.45 18.86 -39.21
CA ARG D 351 -11.33 19.02 -38.05
C ARG D 351 -12.18 20.29 -38.17
N MET D 352 -11.66 21.33 -38.82
CA MET D 352 -12.49 22.51 -39.08
C MET D 352 -13.62 22.18 -40.06
N GLY D 353 -13.33 21.37 -41.08
CA GLY D 353 -14.36 20.98 -42.01
C GLY D 353 -15.40 20.08 -41.38
N MET D 354 -14.99 19.28 -40.39
CA MET D 354 -15.96 18.53 -39.61
C MET D 354 -16.82 19.44 -38.76
N ASN D 355 -16.25 20.54 -38.27
CA ASN D 355 -16.96 21.44 -37.36
C ASN D 355 -17.90 22.38 -38.09
N TYR D 356 -17.81 22.45 -39.42
CA TYR D 356 -18.73 23.30 -40.16
C TYR D 356 -20.16 22.84 -39.92
N GLN D 357 -21.04 23.78 -39.64
CA GLN D 357 -22.44 23.50 -39.32
C GLN D 357 -23.29 23.97 -40.49
N LYS D 358 -23.72 23.03 -41.32
CA LYS D 358 -24.43 23.37 -42.54
C LYS D 358 -25.77 24.00 -42.21
N ASN D 359 -26.09 25.09 -42.93
CA ASN D 359 -27.31 25.88 -42.78
C ASN D 359 -27.41 26.59 -41.44
N ILE D 360 -26.35 26.53 -40.62
CA ILE D 360 -26.18 27.45 -39.50
C ILE D 360 -25.01 28.39 -39.74
N ASP D 361 -23.90 27.87 -40.27
CA ASP D 361 -22.76 28.69 -40.63
C ASP D 361 -22.98 29.39 -41.97
N VAL D 362 -22.13 30.38 -42.25
CA VAL D 362 -22.13 31.06 -43.53
C VAL D 362 -21.18 30.34 -44.47
N GLU D 363 -20.84 30.97 -45.59
CA GLU D 363 -19.85 30.43 -46.51
C GLU D 363 -18.44 30.60 -45.95
N TRP D 364 -17.64 29.55 -46.01
CA TRP D 364 -16.23 29.59 -45.63
C TRP D 364 -15.37 29.45 -46.88
N LYS D 365 -14.74 30.54 -47.31
CA LYS D 365 -13.80 30.48 -48.43
C LYS D 365 -12.40 30.16 -47.89
N ILE D 366 -11.84 29.04 -48.34
CA ILE D 366 -10.48 28.65 -47.98
C ILE D 366 -9.55 28.98 -49.15
N PHE D 367 -8.47 29.69 -48.82
CA PHE D 367 -7.44 30.18 -49.73
C PHE D 367 -6.17 29.35 -49.55
N ASN D 368 -5.31 29.39 -50.58
CA ASN D 368 -4.03 28.70 -50.52
C ASN D 368 -2.92 29.58 -51.09
N GLN D 369 -1.86 29.77 -50.30
CA GLN D 369 -0.67 30.45 -50.79
C GLN D 369 0.00 29.65 -51.90
N GLN D 370 -0.14 30.10 -53.13
CA GLN D 370 0.60 29.51 -54.25
C GLN D 370 1.87 30.31 -54.54
N THR D 371 2.82 29.64 -55.17
CA THR D 371 4.16 30.18 -55.33
C THR D 371 4.16 31.41 -56.23
N ASN D 372 4.74 32.51 -55.74
CA ASN D 372 4.90 33.78 -56.43
C ASN D 372 3.62 34.60 -56.43
N VAL D 373 2.46 33.94 -56.57
CA VAL D 373 1.23 34.67 -56.80
C VAL D 373 0.57 35.16 -55.51
N GLY D 374 1.02 34.66 -54.35
CA GLY D 374 0.37 35.00 -53.08
C GLY D 374 -0.77 34.06 -52.74
N PHE D 375 -1.57 34.48 -51.77
CA PHE D 375 -2.72 33.68 -51.36
C PHE D 375 -3.79 33.74 -52.44
N ILE D 376 -4.07 32.60 -53.05
CA ILE D 376 -5.06 32.50 -54.12
C ILE D 376 -6.23 31.66 -53.63
N TYR D 377 -7.44 32.13 -53.92
CA TYR D 377 -8.64 31.39 -53.54
C TYR D 377 -8.58 29.97 -54.06
N SER D 378 -9.09 29.04 -53.24
CA SER D 378 -9.11 27.63 -53.59
C SER D 378 -10.53 27.08 -53.64
N LEU D 379 -11.24 27.04 -52.51
CA LEU D 379 -12.60 26.50 -52.55
C LEU D 379 -13.42 27.12 -51.43
N SER D 380 -14.65 26.63 -51.28
CA SER D 380 -15.57 27.22 -50.31
C SER D 380 -16.54 26.16 -49.81
N LEU D 381 -17.00 26.35 -48.57
CA LEU D 381 -17.99 25.51 -47.93
C LEU D 381 -19.28 26.28 -47.73
N LYS D 382 -20.39 25.70 -48.17
CA LYS D 382 -21.72 26.30 -48.05
C LYS D 382 -22.69 25.28 -47.47
N GLY D 383 -23.95 25.33 -47.89
CA GLY D 383 -24.95 24.40 -47.35
C GLY D 383 -25.44 23.37 -48.35
#